data_4WX1
#
_entry.id   4WX1
#
_cell.length_a   217.943
_cell.length_b   217.943
_cell.length_c   321.122
_cell.angle_alpha   90.000
_cell.angle_beta   90.000
_cell.angle_gamma   120.000
#
_symmetry.space_group_name_H-M   'P 65 2 2'
#
loop_
_entity.id
_entity.type
_entity.pdbx_description
1 polymer 'UDP-galactopyranose mutase'
2 non-polymer 'DIHYDROFLAVINE-ADENINE DINUCLEOTIDE'
3 non-polymer "URIDINE-5'-DIPHOSPHATE"
4 non-polymer 'SULFATE ION'
5 non-polymer GLYCEROL
6 water water
#
_entity_poly.entity_id   1
_entity_poly.type   'polypeptide(L)'
_entity_poly.pdbx_seq_one_letter_code
;AIAMTHPDISVDVLVIGAGPTGLGAAKRLNQIDGPSWMIVDSNETPGGLASTDVTPEGFLYDVGGHVIASHYKYFDDCLD
EALPKEDDWYTHQRISYVRCQGQWVPYPFQNNISMLPKEEQVKCIDGMIDAALEARVANTKPKTFDEWIVRMMGTGIADL
FMRPYNFKVWAVPTTKMQCAWLGERVAAPNLKAVTTNVILGKTAGNWGPNATFRFPARGGTGGIWIAVANTLPKEKTRFG
EKGKVTKVNANNKTVTLQDGTTIGYKKLVSTMAVDFLAEAMNDQELVGLTKQLFYSSTHVIGVGVRGSRPERIGDKCWLY
FPEDNCPFYRATIFSNYSPYNQPEASAALPTMQLADGSRPQSTEAKEGPYWSIMLEVSESSMKPVNQETILADCIQGLVN
TEMLKPTDEIVSTYHRRFDHGYPTPTLEREGTLTQILPKLQDKDIWSRGRFGSWRYEVGNQDHSFMLGVEAVDNIVNGAV
ELTLNYPDFVNGRQNTERRLVDGAQVFAKSKAQ
;
_entity_poly.pdbx_strand_id   A,B,C,D
#
# COMPACT_ATOMS: atom_id res chain seq x y z
N HIS A 6 26.88 -17.06 -62.28
CA HIS A 6 27.44 -16.12 -61.32
C HIS A 6 26.94 -14.70 -61.56
N PRO A 7 26.67 -13.94 -60.48
CA PRO A 7 26.14 -12.57 -60.55
C PRO A 7 27.15 -11.55 -61.06
N ASP A 8 26.69 -10.34 -61.35
CA ASP A 8 27.55 -9.29 -61.91
C ASP A 8 28.63 -8.86 -60.94
N ILE A 9 28.24 -8.63 -59.70
CA ILE A 9 29.15 -8.23 -58.64
C ILE A 9 28.97 -9.16 -57.46
N SER A 10 30.06 -9.48 -56.78
CA SER A 10 29.98 -10.21 -55.52
C SER A 10 30.73 -9.48 -54.40
N VAL A 11 30.04 -9.23 -53.30
CA VAL A 11 30.69 -8.69 -52.10
C VAL A 11 30.34 -9.56 -50.91
N ASP A 12 31.20 -9.59 -49.89
CA ASP A 12 30.89 -10.31 -48.66
C ASP A 12 29.65 -9.71 -47.97
N VAL A 13 29.65 -8.40 -47.84
CA VAL A 13 28.55 -7.71 -47.17
C VAL A 13 27.97 -6.61 -48.07
N LEU A 14 26.67 -6.71 -48.33
CA LEU A 14 25.98 -5.69 -49.10
C LEU A 14 25.13 -4.86 -48.16
N VAL A 15 25.21 -3.54 -48.33
CA VAL A 15 24.35 -2.63 -47.59
C VAL A 15 23.31 -2.03 -48.53
N ILE A 16 22.04 -2.17 -48.19
CA ILE A 16 20.98 -1.52 -48.93
C ILE A 16 20.54 -0.28 -48.18
N GLY A 17 20.68 0.87 -48.82
CA GLY A 17 20.26 2.11 -48.21
C GLY A 17 21.44 2.92 -47.73
N ALA A 18 21.40 4.22 -47.99
CA ALA A 18 22.46 5.11 -47.58
C ALA A 18 21.89 6.31 -46.81
N GLY A 19 20.87 6.05 -46.01
CA GLY A 19 20.52 6.95 -44.91
C GLY A 19 21.55 6.70 -43.82
N PRO A 20 21.36 7.30 -42.64
CA PRO A 20 22.28 7.12 -41.50
C PRO A 20 22.59 5.66 -41.16
N THR A 21 21.60 4.79 -41.22
CA THR A 21 21.82 3.39 -40.83
C THR A 21 22.81 2.71 -41.77
N GLY A 22 22.49 2.71 -43.07
CA GLY A 22 23.37 2.14 -44.07
C GLY A 22 24.76 2.77 -44.12
N LEU A 23 24.83 4.09 -43.97
CA LEU A 23 26.11 4.78 -43.92
C LEU A 23 26.92 4.34 -42.70
N GLY A 24 26.22 4.05 -41.60
CA GLY A 24 26.87 3.53 -40.41
C GLY A 24 27.50 2.19 -40.69
N ALA A 25 26.79 1.33 -41.40
CA ALA A 25 27.32 0.04 -41.80
C ALA A 25 28.54 0.23 -42.70
N ALA A 26 28.41 1.12 -43.67
CA ALA A 26 29.50 1.38 -44.60
C ALA A 26 30.73 1.93 -43.88
N LYS A 27 30.51 2.86 -42.96
CA LYS A 27 31.63 3.44 -42.22
C LYS A 27 32.37 2.40 -41.37
N ARG A 28 31.63 1.48 -40.75
CA ARG A 28 32.27 0.45 -39.94
C ARG A 28 33.00 -0.55 -40.82
N LEU A 29 32.36 -0.94 -41.92
CA LEU A 29 32.96 -1.84 -42.90
C LEU A 29 34.24 -1.25 -43.48
N ASN A 30 34.20 0.05 -43.76
CA ASN A 30 35.33 0.76 -44.31
C ASN A 30 36.49 0.86 -43.31
N GLN A 31 36.15 1.04 -42.04
CA GLN A 31 37.15 1.09 -40.98
C GLN A 31 37.82 -0.26 -40.80
N ILE A 32 37.02 -1.30 -40.62
CA ILE A 32 37.55 -2.64 -40.39
C ILE A 32 38.41 -3.07 -41.57
N ASP A 33 37.91 -2.81 -42.77
CA ASP A 33 38.68 -3.06 -44.00
C ASP A 33 39.10 -4.51 -44.10
N GLY A 34 38.16 -5.41 -43.88
CA GLY A 34 38.41 -6.84 -43.95
C GLY A 34 37.60 -7.41 -45.09
N PRO A 35 36.36 -7.81 -44.79
CA PRO A 35 35.39 -8.23 -45.80
C PRO A 35 35.14 -7.19 -46.89
N SER A 36 34.99 -7.65 -48.12
CA SER A 36 34.57 -6.78 -49.21
C SER A 36 33.12 -6.35 -49.01
N TRP A 37 32.79 -5.15 -49.44
CA TRP A 37 31.45 -4.62 -49.22
C TRP A 37 31.05 -3.60 -50.29
N MET A 38 29.77 -3.25 -50.30
CA MET A 38 29.21 -2.31 -51.26
C MET A 38 27.90 -1.75 -50.71
N ILE A 39 27.67 -0.46 -50.91
CA ILE A 39 26.43 0.16 -50.46
C ILE A 39 25.68 0.78 -51.66
N VAL A 40 24.39 0.46 -51.76
CA VAL A 40 23.55 1.00 -52.83
C VAL A 40 22.43 1.86 -52.26
N ASP A 41 21.95 2.82 -53.07
CA ASP A 41 20.78 3.64 -52.71
C ASP A 41 20.09 4.11 -53.99
N SER A 42 18.76 4.12 -53.96
CA SER A 42 17.97 4.51 -55.13
C SER A 42 18.09 6.00 -55.40
N ASN A 43 18.48 6.74 -54.36
CA ASN A 43 18.66 8.18 -54.47
C ASN A 43 20.13 8.57 -54.70
N GLU A 44 20.36 9.52 -55.61
CA GLU A 44 21.71 10.02 -55.87
C GLU A 44 22.37 10.63 -54.63
N THR A 45 21.54 11.23 -53.79
CA THR A 45 21.98 11.87 -52.57
C THR A 45 21.71 11.00 -51.34
N PRO A 46 22.77 10.64 -50.60
CA PRO A 46 22.60 9.88 -49.36
C PRO A 46 21.89 10.72 -48.32
N GLY A 47 21.38 10.10 -47.26
CA GLY A 47 20.78 10.84 -46.16
C GLY A 47 19.40 10.38 -45.72
N GLY A 48 18.61 9.88 -46.66
CA GLY A 48 17.28 9.37 -46.37
C GLY A 48 16.39 10.39 -45.67
N LEU A 49 15.75 9.98 -44.59
CA LEU A 49 14.89 10.89 -43.83
C LEU A 49 15.68 11.96 -43.10
N ALA A 50 17.01 11.87 -43.18
CA ALA A 50 17.85 12.89 -42.59
C ALA A 50 18.44 13.80 -43.68
N SER A 51 17.75 13.89 -44.82
CA SER A 51 18.15 14.77 -45.92
C SER A 51 17.52 16.16 -45.81
N THR A 52 17.86 17.03 -46.75
CA THR A 52 17.33 18.39 -46.73
C THR A 52 16.90 18.79 -48.14
N ASP A 53 15.69 19.35 -48.25
CA ASP A 53 15.21 19.94 -49.50
C ASP A 53 15.45 21.46 -49.49
N VAL A 54 15.37 22.06 -50.66
CA VAL A 54 15.42 23.51 -50.74
C VAL A 54 14.37 24.00 -51.72
N THR A 55 13.63 25.04 -51.35
CA THR A 55 12.61 25.60 -52.25
C THR A 55 13.30 26.42 -53.34
N PRO A 56 12.59 26.73 -54.47
CA PRO A 56 13.23 27.53 -55.53
C PRO A 56 13.69 28.90 -55.04
N GLU A 57 13.09 29.38 -53.95
CA GLU A 57 13.42 30.68 -53.40
C GLU A 57 14.59 30.59 -52.41
N GLY A 58 15.15 29.40 -52.22
CA GLY A 58 16.35 29.29 -51.40
C GLY A 58 16.14 29.00 -49.91
N PHE A 59 14.97 28.45 -49.56
CA PHE A 59 14.73 28.08 -48.18
C PHE A 59 14.94 26.58 -48.02
N LEU A 60 15.83 26.22 -47.10
CA LEU A 60 16.10 24.81 -46.80
C LEU A 60 15.09 24.27 -45.81
N TYR A 61 14.68 23.01 -45.97
CA TYR A 61 13.89 22.32 -44.93
C TYR A 61 14.37 20.89 -44.75
N ASP A 62 14.65 20.52 -43.50
CA ASP A 62 14.88 19.14 -43.12
C ASP A 62 13.57 18.36 -43.28
N VAL A 63 13.59 17.05 -43.09
CA VAL A 63 12.34 16.29 -42.99
C VAL A 63 11.75 16.50 -41.59
N GLY A 64 11.22 17.70 -41.35
CA GLY A 64 10.77 18.06 -40.02
C GLY A 64 11.93 18.38 -39.09
N GLY A 65 11.61 18.82 -37.88
CA GLY A 65 12.63 19.12 -36.89
C GLY A 65 13.60 17.98 -36.61
N HIS A 66 14.87 18.24 -36.87
CA HIS A 66 15.94 17.29 -36.66
C HIS A 66 17.00 17.87 -35.76
N VAL A 67 17.00 17.41 -34.51
CA VAL A 67 17.95 17.88 -33.52
C VAL A 67 18.79 16.70 -33.04
N ILE A 68 20.10 16.85 -33.13
CA ILE A 68 21.00 15.76 -32.80
C ILE A 68 21.31 15.69 -31.30
N ALA A 69 21.05 14.52 -30.71
CA ALA A 69 21.47 14.22 -29.35
C ALA A 69 22.13 12.87 -29.36
N SER A 70 23.45 12.88 -29.46
CA SER A 70 24.23 11.65 -29.63
C SER A 70 24.45 10.87 -28.33
N HIS A 71 24.30 9.56 -28.41
CA HIS A 71 24.59 8.70 -27.27
C HIS A 71 25.91 7.98 -27.44
N TYR A 72 26.60 8.23 -28.55
CA TYR A 72 27.76 7.44 -28.93
C TYR A 72 28.96 8.23 -29.42
N LYS A 73 30.13 7.96 -28.84
CA LYS A 73 31.37 8.54 -29.29
C LYS A 73 31.71 8.16 -30.74
N TYR A 74 31.29 6.97 -31.19
CA TYR A 74 31.57 6.57 -32.57
C TYR A 74 30.90 7.51 -33.56
N PHE A 75 29.62 7.78 -33.32
CA PHE A 75 28.81 8.71 -34.13
C PHE A 75 29.50 10.09 -34.17
N ASP A 76 29.89 10.59 -33.00
CA ASP A 76 30.58 11.86 -32.89
C ASP A 76 31.84 11.87 -33.73
N ASP A 77 32.60 10.78 -33.66
CA ASP A 77 33.83 10.64 -34.45
C ASP A 77 33.56 10.80 -35.93
N CYS A 78 32.51 10.16 -36.43
CA CYS A 78 32.25 10.23 -37.87
C CYS A 78 31.71 11.60 -38.30
N LEU A 79 30.95 12.25 -37.43
CA LEU A 79 30.47 13.58 -37.72
C LEU A 79 31.63 14.56 -37.75
N ASP A 80 32.53 14.44 -36.77
CA ASP A 80 33.71 15.30 -36.71
C ASP A 80 34.59 15.08 -37.92
N GLU A 81 34.75 13.82 -38.34
CA GLU A 81 35.55 13.53 -39.53
C GLU A 81 34.94 14.19 -40.77
N ALA A 82 33.62 14.05 -40.89
CA ALA A 82 32.90 14.54 -42.05
C ALA A 82 32.86 16.06 -42.10
N LEU A 83 32.86 16.70 -40.94
CA LEU A 83 32.73 18.15 -40.84
C LEU A 83 33.60 18.68 -39.69
N PRO A 84 34.93 18.73 -39.91
CA PRO A 84 35.97 18.97 -38.90
C PRO A 84 36.15 20.42 -38.42
N LYS A 85 35.70 21.39 -39.20
CA LYS A 85 36.00 22.79 -38.91
C LYS A 85 35.03 23.33 -37.88
N GLU A 86 35.47 24.28 -37.05
CA GLU A 86 34.61 24.85 -36.02
C GLU A 86 33.43 25.61 -36.65
N ASP A 87 33.61 26.12 -37.86
CA ASP A 87 32.51 26.86 -38.48
C ASP A 87 31.67 25.98 -39.39
N ASP A 88 31.82 24.66 -39.28
CA ASP A 88 30.90 23.73 -39.93
C ASP A 88 29.64 23.59 -39.10
N TRP A 89 29.68 24.12 -37.89
CA TRP A 89 28.61 23.90 -36.94
C TRP A 89 28.21 25.15 -36.17
N TYR A 90 26.94 25.21 -35.80
CA TYR A 90 26.44 26.20 -34.87
C TYR A 90 25.86 25.52 -33.65
N THR A 91 26.18 26.05 -32.47
CA THR A 91 25.70 25.48 -31.23
C THR A 91 24.53 26.28 -30.68
N HIS A 92 23.47 25.59 -30.25
CA HIS A 92 22.30 26.26 -29.70
C HIS A 92 21.87 25.60 -28.42
N GLN A 93 21.29 26.38 -27.50
CA GLN A 93 20.57 25.80 -26.36
C GLN A 93 19.18 25.33 -26.79
N ARG A 94 18.69 24.23 -26.24
CA ARG A 94 17.28 23.87 -26.42
C ARG A 94 16.36 24.95 -25.87
N ILE A 95 15.71 25.66 -26.76
CA ILE A 95 14.61 26.51 -26.33
C ILE A 95 13.36 25.84 -26.90
N SER A 96 12.62 25.17 -26.01
CA SER A 96 11.42 24.47 -26.42
C SER A 96 10.22 24.89 -25.57
N TYR A 97 9.08 25.13 -26.21
CA TYR A 97 7.86 25.48 -25.49
C TYR A 97 6.65 24.70 -25.97
N VAL A 98 5.62 24.70 -25.15
CA VAL A 98 4.35 24.07 -25.49
C VAL A 98 3.31 25.15 -25.57
N ARG A 99 2.64 25.29 -26.70
CA ARG A 99 1.59 26.29 -26.86
C ARG A 99 0.36 25.83 -26.10
N CYS A 100 -0.05 26.56 -25.08
CA CYS A 100 -1.20 26.14 -24.29
C CYS A 100 -1.98 27.35 -23.83
N GLN A 101 -3.20 27.47 -24.36
CA GLN A 101 -4.09 28.59 -24.07
C GLN A 101 -3.41 29.96 -24.10
N GLY A 102 -3.01 30.37 -25.29
CA GLY A 102 -2.48 31.70 -25.52
C GLY A 102 -1.10 31.95 -24.94
N GLN A 103 -0.51 30.91 -24.36
CA GLN A 103 0.77 31.03 -23.69
C GLN A 103 1.82 30.03 -24.16
N TRP A 104 3.08 30.41 -24.01
CA TRP A 104 4.19 29.50 -24.25
C TRP A 104 4.68 28.89 -22.93
N VAL A 105 4.30 27.64 -22.69
CA VAL A 105 4.77 26.92 -21.51
C VAL A 105 6.06 26.18 -21.81
N PRO A 106 7.09 26.39 -20.96
CA PRO A 106 8.37 25.69 -21.17
C PRO A 106 8.25 24.17 -21.09
N TYR A 107 9.00 23.52 -21.96
CA TYR A 107 9.11 22.07 -21.93
C TYR A 107 10.10 21.70 -20.83
N PRO A 108 9.81 20.61 -20.10
CA PRO A 108 8.61 19.77 -20.28
C PRO A 108 7.38 20.36 -19.59
N PHE A 109 6.23 20.28 -20.28
CA PHE A 109 4.95 20.78 -19.82
C PHE A 109 4.68 20.38 -18.38
N GLN A 110 4.76 19.07 -18.19
CA GLN A 110 4.41 18.38 -16.95
C GLN A 110 5.24 18.81 -15.76
N ASN A 111 6.42 19.37 -16.02
CA ASN A 111 7.28 19.88 -14.95
C ASN A 111 7.23 21.41 -14.88
N ASN A 112 6.19 22.01 -15.48
CA ASN A 112 6.05 23.47 -15.61
C ASN A 112 4.62 23.97 -15.45
N ILE A 113 3.79 23.10 -14.84
CA ILE A 113 2.42 23.39 -14.42
C ILE A 113 2.26 24.82 -13.95
N SER A 114 3.30 25.26 -13.25
CA SER A 114 3.38 26.57 -12.63
C SER A 114 3.10 27.77 -13.53
N MET A 115 2.78 27.58 -14.81
CA MET A 115 2.56 28.74 -15.69
C MET A 115 1.12 28.89 -16.18
N LEU A 116 0.27 27.92 -15.89
CA LEU A 116 -1.11 27.93 -16.37
C LEU A 116 -1.98 28.82 -15.49
N PRO A 117 -3.21 29.13 -15.94
CA PRO A 117 -4.26 29.66 -15.05
C PRO A 117 -4.34 28.90 -13.71
N LYS A 118 -4.62 29.62 -12.62
CA LYS A 118 -4.62 29.01 -11.30
C LYS A 118 -5.61 27.85 -11.17
N GLU A 119 -6.84 28.06 -11.65
CA GLU A 119 -7.88 27.03 -11.59
C GLU A 119 -7.44 25.76 -12.31
N GLU A 120 -6.64 25.93 -13.36
CA GLU A 120 -6.08 24.77 -14.06
C GLU A 120 -4.92 24.11 -13.32
N GLN A 121 -4.20 24.90 -12.56
CA GLN A 121 -3.13 24.38 -11.74
C GLN A 121 -3.72 23.43 -10.70
N VAL A 122 -4.88 23.79 -10.16
CA VAL A 122 -5.58 22.95 -9.21
C VAL A 122 -5.94 21.61 -9.83
N LYS A 123 -6.51 21.64 -11.05
CA LYS A 123 -6.94 20.42 -11.74
C LYS A 123 -5.72 19.51 -11.93
N CYS A 124 -4.63 20.11 -12.41
CA CYS A 124 -3.40 19.38 -12.65
C CYS A 124 -2.78 18.81 -11.37
N ILE A 125 -2.74 19.61 -10.31
CA ILE A 125 -2.09 19.15 -9.11
C ILE A 125 -2.96 18.11 -8.41
N ASP A 126 -4.28 18.28 -8.47
CA ASP A 126 -5.19 17.26 -7.92
C ASP A 126 -4.96 15.92 -8.60
N GLY A 127 -4.93 15.96 -9.94
CA GLY A 127 -4.66 14.77 -10.73
C GLY A 127 -3.36 14.10 -10.32
N MET A 128 -2.30 14.88 -10.16
CA MET A 128 -1.00 14.31 -9.81
C MET A 128 -1.01 13.75 -8.39
N ILE A 129 -1.80 14.34 -7.52
CA ILE A 129 -1.97 13.80 -6.17
C ILE A 129 -2.64 12.41 -6.20
N ASP A 130 -3.70 12.25 -6.99
CA ASP A 130 -4.32 10.93 -7.13
C ASP A 130 -3.27 9.95 -7.63
N ALA A 131 -2.55 10.33 -8.69
CA ALA A 131 -1.56 9.45 -9.27
C ALA A 131 -0.50 9.04 -8.24
N ALA A 132 0.05 10.02 -7.51
CA ALA A 132 1.07 9.74 -6.50
C ALA A 132 0.60 8.76 -5.44
N LEU A 133 -0.66 8.88 -5.03
CA LEU A 133 -1.18 8.01 -4.00
C LEU A 133 -1.45 6.60 -4.54
N GLU A 134 -1.91 6.51 -5.79
CA GLU A 134 -2.10 5.22 -6.44
C GLU A 134 -0.74 4.58 -6.68
N ALA A 135 0.23 5.38 -7.15
CA ALA A 135 1.58 4.87 -7.38
C ALA A 135 2.22 4.34 -6.11
N ARG A 136 1.78 4.82 -4.96
CA ARG A 136 2.34 4.39 -3.69
C ARG A 136 2.04 2.91 -3.40
N VAL A 137 0.95 2.38 -3.96
CA VAL A 137 0.56 0.99 -3.69
C VAL A 137 0.56 0.12 -4.95
N ALA A 138 1.07 0.67 -6.05
CA ALA A 138 1.07 -0.04 -7.32
C ALA A 138 1.97 -1.27 -7.32
N ASN A 139 1.46 -2.41 -7.76
CA ASN A 139 2.30 -3.59 -7.94
C ASN A 139 2.18 -4.22 -9.33
N THR A 140 1.72 -3.43 -10.29
CA THR A 140 1.66 -3.86 -11.68
C THR A 140 2.24 -2.79 -12.56
N LYS A 141 2.83 -3.18 -13.69
CA LYS A 141 3.35 -2.20 -14.63
C LYS A 141 2.23 -1.78 -15.58
N PRO A 142 2.23 -0.50 -16.00
CA PRO A 142 1.24 -0.08 -16.99
C PRO A 142 1.45 -0.83 -18.31
N LYS A 143 0.36 -1.12 -19.02
CA LYS A 143 0.46 -1.87 -20.26
C LYS A 143 0.34 -0.95 -21.49
N THR A 144 -0.42 0.14 -21.39
CA THR A 144 -0.54 1.04 -22.54
C THR A 144 0.12 2.42 -22.30
N PHE A 145 0.43 3.13 -23.39
CA PHE A 145 0.95 4.50 -23.32
C PHE A 145 0.01 5.35 -22.46
N ASP A 146 -1.28 5.28 -22.74
CA ASP A 146 -2.27 5.96 -21.92
C ASP A 146 -2.15 5.65 -20.43
N GLU A 147 -2.17 4.37 -20.06
CA GLU A 147 -2.07 4.00 -18.64
C GLU A 147 -0.80 4.58 -18.03
N TRP A 148 0.28 4.56 -18.80
CA TRP A 148 1.53 5.14 -18.35
C TRP A 148 1.33 6.62 -18.01
N ILE A 149 0.87 7.38 -18.99
CA ILE A 149 0.56 8.80 -18.85
C ILE A 149 -0.26 9.16 -17.60
N VAL A 150 -1.37 8.45 -17.39
CA VAL A 150 -2.19 8.68 -16.22
C VAL A 150 -1.48 8.34 -14.90
N ARG A 151 -0.75 7.23 -14.87
CA ARG A 151 -0.07 6.81 -13.63
C ARG A 151 1.01 7.77 -13.17
N MET A 152 1.71 8.38 -14.12
CA MET A 152 2.84 9.23 -13.77
C MET A 152 2.50 10.73 -13.77
N MET A 153 1.34 11.10 -14.30
CA MET A 153 0.98 12.53 -14.43
C MET A 153 -0.41 12.90 -13.92
N GLY A 154 -1.31 11.93 -13.84
CA GLY A 154 -2.67 12.22 -13.48
C GLY A 154 -3.51 12.70 -14.65
N THR A 155 -4.83 12.62 -14.49
CA THR A 155 -5.78 12.96 -15.53
C THR A 155 -5.70 14.40 -16.02
N GLY A 156 -5.54 15.32 -15.06
CA GLY A 156 -5.51 16.74 -15.39
C GLY A 156 -4.47 17.04 -16.44
N ILE A 157 -3.23 16.63 -16.20
CA ILE A 157 -2.16 16.84 -17.17
C ILE A 157 -2.29 15.92 -18.38
N ALA A 158 -2.85 14.73 -18.16
CA ALA A 158 -3.12 13.82 -19.25
C ALA A 158 -4.03 14.48 -20.29
N ASP A 159 -5.19 14.93 -19.81
CA ASP A 159 -6.21 15.55 -20.67
C ASP A 159 -5.77 16.88 -21.26
N LEU A 160 -4.96 17.61 -20.51
CA LEU A 160 -4.60 18.96 -20.88
C LEU A 160 -3.57 18.99 -21.99
N PHE A 161 -2.64 18.04 -21.98
CA PHE A 161 -1.52 18.08 -22.91
C PHE A 161 -1.08 16.73 -23.51
N MET A 162 -0.90 15.73 -22.66
CA MET A 162 -0.26 14.48 -23.06
C MET A 162 -1.08 13.69 -24.07
N ARG A 163 -2.36 13.56 -23.78
CA ARG A 163 -3.28 12.82 -24.62
C ARG A 163 -3.56 13.50 -25.97
N PRO A 164 -3.97 14.79 -25.96
CA PRO A 164 -4.24 15.35 -27.29
C PRO A 164 -2.97 15.47 -28.12
N TYR A 165 -1.86 15.83 -27.48
CA TYR A 165 -0.64 16.02 -28.26
C TYR A 165 -0.17 14.72 -28.89
N ASN A 166 -0.19 13.63 -28.14
CA ASN A 166 0.32 12.38 -28.70
C ASN A 166 -0.56 11.80 -29.79
N PHE A 167 -1.87 12.00 -29.70
CA PHE A 167 -2.70 11.65 -30.83
C PHE A 167 -2.24 12.46 -32.03
N LYS A 168 -2.00 13.75 -31.80
CA LYS A 168 -1.64 14.68 -32.86
C LYS A 168 -0.33 14.30 -33.54
N VAL A 169 0.61 13.72 -32.81
CA VAL A 169 1.89 13.38 -33.43
C VAL A 169 1.95 11.91 -33.89
N TRP A 170 1.43 10.96 -33.10
CA TRP A 170 1.49 9.56 -33.49
C TRP A 170 0.34 9.16 -34.44
N ALA A 171 -0.70 9.97 -34.50
CA ALA A 171 -1.88 9.68 -35.33
C ALA A 171 -2.54 8.34 -34.99
N VAL A 172 -2.37 7.92 -33.72
CA VAL A 172 -3.17 6.86 -33.11
C VAL A 172 -3.38 7.30 -31.67
N PRO A 173 -4.47 6.85 -31.02
CA PRO A 173 -4.72 7.25 -29.63
C PRO A 173 -3.71 6.64 -28.67
N THR A 174 -3.54 7.25 -27.50
CA THR A 174 -2.54 6.77 -26.56
C THR A 174 -2.90 5.37 -26.07
N THR A 175 -4.19 5.00 -26.15
CA THR A 175 -4.62 3.67 -25.70
C THR A 175 -4.17 2.56 -26.64
N LYS A 176 -3.69 2.92 -27.82
CA LYS A 176 -3.30 1.93 -28.82
C LYS A 176 -1.80 1.67 -28.85
N MET A 177 -1.05 2.38 -28.03
CA MET A 177 0.40 2.25 -28.01
C MET A 177 0.88 1.59 -26.74
N GLN A 178 2.02 0.90 -26.85
CA GLN A 178 2.72 0.35 -25.68
C GLN A 178 3.44 1.47 -24.92
N CYS A 179 4.19 1.13 -23.86
CA CYS A 179 4.89 2.15 -23.11
C CYS A 179 6.30 1.76 -22.63
N ALA A 180 6.86 0.71 -23.20
CA ALA A 180 8.21 0.29 -22.84
C ALA A 180 9.28 1.16 -23.53
N TRP A 181 8.83 2.03 -24.42
CA TRP A 181 9.70 2.75 -25.32
C TRP A 181 10.08 4.13 -24.80
N LEU A 182 9.44 4.60 -23.73
CA LEU A 182 9.45 6.05 -23.48
C LEU A 182 10.42 6.59 -22.39
N GLY A 183 11.29 5.74 -21.86
CA GLY A 183 12.28 6.17 -20.88
C GLY A 183 12.89 7.56 -21.06
N GLU A 184 13.47 7.83 -22.24
CA GLU A 184 14.13 9.11 -22.50
C GLU A 184 13.31 10.08 -23.37
N ARG A 185 12.02 9.80 -23.50
CA ARG A 185 11.14 10.60 -24.35
C ARG A 185 10.11 11.42 -23.55
N VAL A 186 9.61 10.83 -22.47
CA VAL A 186 8.50 11.43 -21.73
C VAL A 186 8.83 11.58 -20.24
N ALA A 187 9.01 12.84 -19.81
CA ALA A 187 9.39 13.15 -18.44
C ALA A 187 8.27 12.84 -17.47
N ALA A 188 8.54 11.99 -16.50
CA ALA A 188 7.55 11.72 -15.46
C ALA A 188 7.82 12.67 -14.28
N PRO A 189 6.79 13.47 -13.94
CA PRO A 189 6.91 14.53 -12.93
C PRO A 189 6.94 14.05 -11.49
N ASN A 190 7.89 14.63 -10.77
CA ASN A 190 7.95 14.52 -9.34
C ASN A 190 6.80 15.36 -8.75
N LEU A 191 5.93 14.77 -7.94
CA LEU A 191 4.89 15.55 -7.28
C LEU A 191 5.45 16.76 -6.53
N LYS A 192 6.46 16.53 -5.67
CA LYS A 192 7.04 17.61 -4.88
C LYS A 192 7.67 18.71 -5.73
N ALA A 193 8.43 18.31 -6.76
CA ALA A 193 9.09 19.26 -7.63
C ALA A 193 8.07 20.14 -8.36
N VAL A 194 7.07 19.50 -8.96
CA VAL A 194 6.04 20.21 -9.69
C VAL A 194 5.21 21.13 -8.80
N THR A 195 4.86 20.64 -7.60
CA THR A 195 4.13 21.46 -6.65
C THR A 195 5.00 22.63 -6.18
N THR A 196 6.30 22.38 -5.99
CA THR A 196 7.20 23.40 -5.50
C THR A 196 7.28 24.57 -6.48
N ASN A 197 7.43 24.25 -7.76
CA ASN A 197 7.44 25.28 -8.79
C ASN A 197 6.14 26.07 -8.87
N VAL A 198 5.00 25.40 -8.70
CA VAL A 198 3.74 26.12 -8.63
C VAL A 198 3.76 27.14 -7.48
N ILE A 199 4.18 26.69 -6.30
CA ILE A 199 4.24 27.60 -5.16
C ILE A 199 5.20 28.76 -5.38
N LEU A 200 6.35 28.49 -5.97
CA LEU A 200 7.38 29.51 -6.14
C LEU A 200 7.23 30.34 -7.42
N GLY A 201 6.38 29.86 -8.34
CA GLY A 201 6.26 30.50 -9.65
C GLY A 201 7.52 30.35 -10.49
N LYS A 202 8.28 29.27 -10.25
CA LYS A 202 9.52 29.00 -10.96
C LYS A 202 9.27 28.14 -12.22
N THR A 203 10.30 28.01 -13.06
CA THR A 203 10.28 27.11 -14.22
C THR A 203 11.39 26.05 -14.11
N ALA A 204 11.45 25.12 -15.08
CA ALA A 204 12.41 24.02 -15.01
C ALA A 204 12.63 23.34 -16.36
N GLY A 205 13.26 24.05 -17.31
CA GLY A 205 13.38 23.58 -18.67
C GLY A 205 14.59 22.75 -19.09
N ASN A 206 15.25 22.08 -18.14
CA ASN A 206 16.51 21.40 -18.44
C ASN A 206 16.44 19.86 -18.51
N TRP A 207 15.23 19.31 -18.59
CA TRP A 207 15.06 17.85 -18.65
C TRP A 207 15.44 17.30 -20.02
N GLY A 208 16.12 16.15 -20.04
CA GLY A 208 16.35 15.41 -21.26
C GLY A 208 17.74 15.52 -21.87
N PRO A 209 17.95 14.86 -23.03
CA PRO A 209 19.25 14.81 -23.72
C PRO A 209 19.63 16.04 -24.57
N ASN A 210 18.67 16.78 -25.14
CA ASN A 210 19.05 17.87 -26.06
C ASN A 210 18.91 19.29 -25.53
N ALA A 211 19.49 19.56 -24.35
CA ALA A 211 19.60 20.91 -23.76
C ALA A 211 20.66 21.79 -24.46
N THR A 212 21.53 21.14 -25.20
CA THR A 212 22.44 21.83 -26.10
C THR A 212 22.64 20.93 -27.31
N PHE A 213 22.54 21.52 -28.50
CA PHE A 213 22.74 20.76 -29.71
C PHE A 213 23.60 21.57 -30.67
N ARG A 214 24.23 20.86 -31.62
CA ARG A 214 24.95 21.54 -32.68
C ARG A 214 24.27 21.21 -34.01
N PHE A 215 24.18 22.22 -34.88
CA PHE A 215 23.52 22.09 -36.17
C PHE A 215 24.45 22.49 -37.29
N PRO A 216 24.47 21.71 -38.38
CA PRO A 216 25.37 21.99 -39.50
C PRO A 216 25.20 23.41 -40.05
N ALA A 217 26.31 24.08 -40.34
CA ALA A 217 26.26 25.44 -40.81
C ALA A 217 25.60 25.50 -42.18
N ARG A 218 25.83 24.49 -43.01
CA ARG A 218 25.36 24.52 -44.38
C ARG A 218 24.70 23.22 -44.82
N GLY A 219 23.66 23.35 -45.65
CA GLY A 219 23.06 22.21 -46.31
C GLY A 219 22.09 21.44 -45.44
N GLY A 220 21.79 21.98 -44.27
CA GLY A 220 20.81 21.38 -43.39
C GLY A 220 21.36 20.09 -42.80
N THR A 221 20.49 19.31 -42.17
CA THR A 221 20.92 18.04 -41.61
C THR A 221 21.45 17.16 -42.74
N GLY A 222 20.91 17.33 -43.95
CA GLY A 222 21.35 16.54 -45.08
C GLY A 222 22.81 16.72 -45.44
N GLY A 223 23.38 17.85 -45.02
CA GLY A 223 24.78 18.14 -45.28
C GLY A 223 25.72 17.18 -44.57
N ILE A 224 25.35 16.76 -43.37
CA ILE A 224 26.12 15.77 -42.62
C ILE A 224 26.29 14.50 -43.43
N TRP A 225 25.18 13.95 -43.89
CA TRP A 225 25.20 12.61 -44.47
C TRP A 225 25.79 12.60 -45.86
N ILE A 226 25.72 13.74 -46.54
CA ILE A 226 26.46 13.90 -47.78
C ILE A 226 27.96 13.89 -47.48
N ALA A 227 28.37 14.65 -46.47
CA ALA A 227 29.78 14.72 -46.08
C ALA A 227 30.30 13.38 -45.56
N VAL A 228 29.51 12.68 -44.74
CA VAL A 228 29.92 11.37 -44.22
C VAL A 228 30.09 10.42 -45.39
N ALA A 229 29.13 10.42 -46.31
CA ALA A 229 29.20 9.57 -47.48
C ALA A 229 30.45 9.85 -48.33
N ASN A 230 30.87 11.11 -48.39
CA ASN A 230 32.06 11.49 -49.17
C ASN A 230 33.36 10.87 -48.67
N THR A 231 33.38 10.40 -47.43
CA THR A 231 34.58 9.80 -46.87
C THR A 231 34.70 8.35 -47.26
N LEU A 232 33.67 7.81 -47.92
CA LEU A 232 33.69 6.43 -48.37
C LEU A 232 34.37 6.37 -49.73
N PRO A 233 35.04 5.24 -50.02
CA PRO A 233 35.60 5.02 -51.37
C PRO A 233 34.48 4.95 -52.42
N LYS A 234 34.55 5.83 -53.43
CA LYS A 234 33.44 6.02 -54.37
C LYS A 234 33.09 4.73 -55.12
N GLU A 235 34.10 3.95 -55.47
CA GLU A 235 33.90 2.73 -56.26
C GLU A 235 33.14 1.66 -55.46
N LYS A 236 33.02 1.83 -54.15
CA LYS A 236 32.26 0.90 -53.33
C LYS A 236 30.84 1.40 -53.07
N THR A 237 30.48 2.53 -53.69
CA THR A 237 29.13 3.08 -53.59
C THR A 237 28.42 3.07 -54.94
N ARG A 238 27.09 2.97 -54.90
CA ARG A 238 26.27 2.99 -56.10
C ARG A 238 24.94 3.69 -55.80
N PHE A 239 24.91 5.01 -55.99
CA PHE A 239 23.77 5.84 -55.59
C PHE A 239 23.00 6.40 -56.79
N GLY A 240 21.68 6.28 -56.75
CA GLY A 240 20.83 6.77 -57.83
C GLY A 240 19.98 5.66 -58.43
N GLU A 241 19.44 5.91 -59.61
CA GLU A 241 18.63 4.92 -60.34
C GLU A 241 19.41 3.62 -60.50
N LYS A 242 20.74 3.75 -60.64
CA LYS A 242 21.63 2.62 -60.83
C LYS A 242 21.77 1.76 -59.57
N GLY A 243 21.38 2.33 -58.43
CA GLY A 243 21.52 1.62 -57.17
C GLY A 243 20.20 1.29 -56.52
N LYS A 244 19.12 1.27 -57.29
CA LYS A 244 17.80 0.97 -56.74
C LYS A 244 17.58 -0.53 -56.71
N VAL A 245 17.33 -1.06 -55.52
CA VAL A 245 17.03 -2.48 -55.36
C VAL A 245 15.58 -2.79 -55.73
N THR A 246 15.39 -3.78 -56.58
CA THR A 246 14.05 -4.13 -57.04
C THR A 246 13.66 -5.54 -56.62
N LYS A 247 14.63 -6.43 -56.58
CA LYS A 247 14.39 -7.82 -56.21
C LYS A 247 15.44 -8.32 -55.22
N VAL A 248 15.00 -9.08 -54.22
CA VAL A 248 15.93 -9.79 -53.35
C VAL A 248 15.62 -11.28 -53.39
N ASN A 249 16.58 -12.08 -53.82
CA ASN A 249 16.46 -13.52 -53.78
C ASN A 249 17.21 -14.06 -52.56
N ALA A 250 16.53 -14.10 -51.41
CA ALA A 250 17.17 -14.48 -50.16
C ALA A 250 17.87 -15.84 -50.26
N ASN A 251 17.31 -16.73 -51.07
CA ASN A 251 17.80 -18.11 -51.15
C ASN A 251 19.09 -18.25 -51.95
N ASN A 252 19.22 -17.48 -53.03
CA ASN A 252 20.43 -17.45 -53.84
C ASN A 252 21.39 -16.38 -53.34
N LYS A 253 20.97 -15.71 -52.27
CA LYS A 253 21.66 -14.53 -51.74
C LYS A 253 22.05 -13.60 -52.88
N THR A 254 21.06 -13.19 -53.64
CA THR A 254 21.25 -12.32 -54.80
C THR A 254 20.31 -11.13 -54.76
N VAL A 255 20.85 -9.95 -54.99
CA VAL A 255 20.04 -8.75 -55.12
C VAL A 255 20.07 -8.28 -56.59
N THR A 256 18.90 -7.90 -57.12
CA THR A 256 18.81 -7.37 -58.48
C THR A 256 18.44 -5.90 -58.48
N LEU A 257 19.25 -5.09 -59.16
CA LEU A 257 19.00 -3.65 -59.21
C LEU A 257 18.06 -3.30 -60.37
N GLN A 258 17.62 -2.05 -60.42
CA GLN A 258 16.63 -1.64 -61.42
C GLN A 258 17.17 -1.84 -62.83
N ASP A 259 18.44 -1.53 -63.05
CA ASP A 259 19.02 -1.66 -64.39
C ASP A 259 19.43 -3.10 -64.72
N GLY A 260 19.10 -4.04 -63.84
CA GLY A 260 19.35 -5.45 -64.11
C GLY A 260 20.64 -5.99 -63.56
N THR A 261 21.40 -5.14 -62.88
CA THR A 261 22.63 -5.56 -62.24
C THR A 261 22.31 -6.52 -61.11
N THR A 262 22.99 -7.67 -61.11
CA THR A 262 22.85 -8.63 -60.02
C THR A 262 24.05 -8.51 -59.07
N ILE A 263 23.75 -8.58 -57.78
CA ILE A 263 24.80 -8.55 -56.76
C ILE A 263 24.66 -9.75 -55.87
N GLY A 264 25.70 -10.58 -55.80
CA GLY A 264 25.72 -11.67 -54.86
C GLY A 264 26.31 -11.21 -53.54
N TYR A 265 25.79 -11.73 -52.43
CA TYR A 265 26.30 -11.35 -51.11
C TYR A 265 26.41 -12.55 -50.17
N LYS A 266 27.30 -12.43 -49.19
CA LYS A 266 27.36 -13.41 -48.12
C LYS A 266 26.44 -12.96 -46.98
N LYS A 267 26.53 -11.68 -46.60
CA LYS A 267 25.66 -11.15 -45.55
C LYS A 267 24.96 -9.92 -46.07
N LEU A 268 23.69 -9.76 -45.71
CA LEU A 268 22.93 -8.60 -46.17
C LEU A 268 22.49 -7.69 -45.03
N VAL A 269 22.85 -6.41 -45.11
CA VAL A 269 22.35 -5.40 -44.19
C VAL A 269 21.37 -4.54 -44.95
N SER A 270 20.09 -4.68 -44.63
CA SER A 270 19.04 -3.95 -45.33
C SER A 270 18.48 -2.86 -44.45
N THR A 271 18.53 -1.62 -44.94
CA THR A 271 18.03 -0.51 -44.14
C THR A 271 16.78 0.13 -44.75
N MET A 272 16.22 -0.49 -45.79
CA MET A 272 14.99 0.02 -46.35
C MET A 272 13.87 -0.40 -45.41
N ALA A 273 12.70 0.21 -45.54
CA ALA A 273 11.54 -0.19 -44.75
C ALA A 273 11.30 -1.68 -44.90
N VAL A 274 11.10 -2.38 -43.78
CA VAL A 274 11.09 -3.84 -43.81
C VAL A 274 9.88 -4.37 -44.57
N ASP A 275 8.78 -3.60 -44.58
CA ASP A 275 7.65 -3.99 -45.43
C ASP A 275 8.01 -3.96 -46.93
N PHE A 276 8.83 -3.00 -47.34
CA PHE A 276 9.29 -2.96 -48.74
C PHE A 276 10.28 -4.09 -49.01
N LEU A 277 11.10 -4.42 -48.01
CA LEU A 277 12.02 -5.54 -48.15
C LEU A 277 11.24 -6.83 -48.41
N ALA A 278 10.16 -7.01 -47.64
CA ALA A 278 9.34 -8.20 -47.78
C ALA A 278 8.79 -8.28 -49.20
N GLU A 279 8.28 -7.15 -49.68
CA GLU A 279 7.78 -7.03 -51.06
C GLU A 279 8.87 -7.38 -52.08
N ALA A 280 10.09 -6.89 -51.83
CA ALA A 280 11.19 -7.10 -52.77
C ALA A 280 11.66 -8.55 -52.75
N MET A 281 11.44 -9.22 -51.63
CA MET A 281 11.79 -10.63 -51.47
C MET A 281 10.76 -11.56 -52.08
N ASN A 282 9.59 -11.00 -52.42
CA ASN A 282 8.42 -11.78 -52.87
C ASN A 282 8.14 -12.94 -51.94
N ASP A 283 8.29 -12.63 -50.65
CA ASP A 283 8.05 -13.53 -49.54
C ASP A 283 6.68 -13.18 -48.98
N GLN A 284 5.65 -13.92 -49.39
CA GLN A 284 4.28 -13.55 -49.02
C GLN A 284 4.03 -13.75 -47.51
N GLU A 285 4.84 -14.59 -46.86
CA GLU A 285 4.72 -14.75 -45.41
C GLU A 285 5.22 -13.51 -44.70
N LEU A 286 6.33 -12.97 -45.17
CA LEU A 286 6.91 -11.78 -44.57
C LEU A 286 6.09 -10.54 -44.88
N VAL A 287 5.43 -10.55 -46.04
CA VAL A 287 4.55 -9.45 -46.41
C VAL A 287 3.41 -9.35 -45.41
N GLY A 288 2.85 -10.49 -45.03
CA GLY A 288 1.70 -10.52 -44.15
C GLY A 288 2.08 -10.07 -42.76
N LEU A 289 3.29 -10.45 -42.36
CA LEU A 289 3.80 -10.08 -41.05
C LEU A 289 4.11 -8.59 -41.00
N THR A 290 4.72 -8.05 -42.05
CA THR A 290 5.09 -6.64 -42.01
C THR A 290 3.86 -5.74 -42.08
N LYS A 291 2.79 -6.24 -42.71
CA LYS A 291 1.56 -5.46 -42.82
C LYS A 291 0.84 -5.35 -41.48
N GLN A 292 1.26 -6.15 -40.50
CA GLN A 292 0.76 -6.04 -39.14
C GLN A 292 1.43 -4.89 -38.36
N LEU A 293 2.52 -4.36 -38.90
CA LEU A 293 3.15 -3.19 -38.30
C LEU A 293 2.31 -1.96 -38.60
N PHE A 294 2.55 -0.90 -37.86
CA PHE A 294 1.85 0.34 -38.13
C PHE A 294 2.86 1.48 -38.25
N TYR A 295 2.54 2.46 -39.11
CA TYR A 295 3.34 3.68 -39.22
C TYR A 295 2.46 4.87 -39.56
N SER A 296 2.93 6.07 -39.25
CA SER A 296 2.26 7.28 -39.71
C SER A 296 3.06 7.95 -40.80
N SER A 297 2.39 8.74 -41.63
CA SER A 297 3.09 9.56 -42.58
C SER A 297 3.32 10.93 -41.96
N THR A 298 4.35 11.63 -42.47
CA THR A 298 4.66 12.97 -42.00
C THR A 298 4.55 13.99 -43.15
N HIS A 299 3.70 14.98 -42.98
CA HIS A 299 3.72 16.14 -43.88
C HIS A 299 4.67 17.19 -43.31
N VAL A 300 5.59 17.65 -44.12
CA VAL A 300 6.48 18.74 -43.75
C VAL A 300 6.06 19.95 -44.53
N ILE A 301 5.73 21.02 -43.81
CA ILE A 301 5.36 22.26 -44.47
C ILE A 301 6.39 23.31 -44.10
N GLY A 302 6.93 23.99 -45.11
CA GLY A 302 7.91 25.05 -44.87
C GLY A 302 7.31 26.39 -45.24
N VAL A 303 7.50 27.38 -44.38
CA VAL A 303 7.04 28.74 -44.67
C VAL A 303 8.18 29.76 -44.50
N GLY A 304 8.51 30.44 -45.59
CA GLY A 304 9.50 31.50 -45.58
C GLY A 304 8.86 32.88 -45.43
N VAL A 305 9.35 33.65 -44.45
CA VAL A 305 8.71 34.90 -44.07
C VAL A 305 9.65 36.07 -44.20
N ARG A 306 9.12 37.19 -44.70
CA ARG A 306 9.93 38.40 -44.81
C ARG A 306 9.98 39.11 -43.47
N GLY A 307 11.16 39.64 -43.15
CA GLY A 307 11.30 40.51 -41.99
C GLY A 307 12.37 39.99 -41.07
N SER A 308 12.88 40.85 -40.19
CA SER A 308 13.80 40.40 -39.17
C SER A 308 13.04 39.57 -38.16
N ARG A 309 13.73 38.65 -37.49
CA ARG A 309 13.08 37.74 -36.55
C ARG A 309 12.27 38.49 -35.50
N PRO A 310 10.95 38.25 -35.47
CA PRO A 310 10.06 38.94 -34.53
C PRO A 310 10.42 38.64 -33.06
N GLU A 311 10.17 39.62 -32.19
CA GLU A 311 10.47 39.50 -30.77
C GLU A 311 9.71 38.34 -30.15
N ARG A 312 8.45 38.17 -30.55
CA ARG A 312 7.58 37.08 -30.06
C ARG A 312 8.17 35.71 -30.38
N ILE A 313 9.01 35.65 -31.41
CA ILE A 313 9.64 34.40 -31.81
C ILE A 313 10.94 34.19 -31.04
N GLY A 314 11.83 35.19 -31.09
CA GLY A 314 13.05 35.14 -30.29
C GLY A 314 13.91 33.92 -30.57
N ASP A 315 14.50 33.35 -29.52
CA ASP A 315 15.47 32.26 -29.67
C ASP A 315 14.82 30.88 -29.61
N LYS A 316 13.48 30.84 -29.66
CA LYS A 316 12.73 29.58 -29.69
C LYS A 316 13.27 28.64 -30.77
N CYS A 317 13.40 27.36 -30.42
CA CYS A 317 13.91 26.38 -31.38
C CYS A 317 12.78 25.50 -31.90
N TRP A 318 12.23 24.63 -31.06
CA TRP A 318 11.03 23.92 -31.50
C TRP A 318 9.89 24.07 -30.50
N LEU A 319 8.69 23.89 -30.99
CA LEU A 319 7.48 24.28 -30.29
C LEU A 319 6.42 23.20 -30.47
N TYR A 320 5.73 22.87 -29.39
CA TYR A 320 4.73 21.82 -29.41
C TYR A 320 3.32 22.39 -29.43
N PHE A 321 2.40 21.74 -30.15
CA PHE A 321 1.03 22.26 -30.26
C PHE A 321 -0.05 21.20 -29.98
N PRO A 322 -0.39 21.00 -28.70
CA PRO A 322 -1.45 20.04 -28.33
C PRO A 322 -2.86 20.45 -28.79
N GLU A 323 -3.11 21.74 -28.99
CA GLU A 323 -4.49 22.22 -29.21
C GLU A 323 -5.01 22.07 -30.64
N ASP A 324 -6.31 22.29 -30.79
CA ASP A 324 -6.98 22.08 -32.07
C ASP A 324 -6.95 23.25 -33.05
N ASN A 325 -6.32 24.36 -32.70
CA ASN A 325 -6.45 25.51 -33.59
C ASN A 325 -5.37 25.53 -34.67
N CYS A 326 -4.61 24.45 -34.77
CA CYS A 326 -3.62 24.31 -35.84
C CYS A 326 -3.46 22.84 -36.16
N PRO A 327 -3.16 22.52 -37.44
CA PRO A 327 -3.08 21.10 -37.79
C PRO A 327 -1.74 20.48 -37.42
N PHE A 328 -0.72 21.30 -37.22
CA PHE A 328 0.61 20.76 -36.93
C PHE A 328 0.82 20.45 -35.45
N TYR A 329 1.61 19.41 -35.19
CA TYR A 329 1.94 19.07 -33.81
C TYR A 329 3.22 19.77 -33.35
N ARG A 330 4.04 20.20 -34.30
CA ARG A 330 5.32 20.84 -33.98
C ARG A 330 5.75 21.87 -35.02
N ALA A 331 6.28 22.99 -34.52
CA ALA A 331 6.92 23.99 -35.36
C ALA A 331 8.37 24.19 -34.96
N THR A 332 9.23 24.30 -35.96
CA THR A 332 10.63 24.57 -35.75
C THR A 332 10.97 25.93 -36.34
N ILE A 333 11.64 26.79 -35.58
CA ILE A 333 12.11 28.05 -36.12
C ILE A 333 13.41 27.76 -36.83
N PHE A 334 13.30 27.25 -38.06
CA PHE A 334 14.44 26.63 -38.73
C PHE A 334 15.53 27.65 -39.03
N SER A 335 15.12 28.91 -39.15
CA SER A 335 16.07 29.98 -39.43
C SER A 335 16.93 30.30 -38.22
N ASN A 336 16.53 29.80 -37.04
CA ASN A 336 17.38 29.91 -35.85
C ASN A 336 18.51 28.89 -35.83
N TYR A 337 18.39 27.83 -36.63
CA TYR A 337 19.38 26.75 -36.57
C TYR A 337 20.64 27.09 -37.36
N SER A 338 20.48 27.87 -38.42
CA SER A 338 21.62 28.36 -39.20
C SER A 338 21.22 29.54 -40.07
N PRO A 339 22.09 30.56 -40.16
CA PRO A 339 21.79 31.68 -41.07
C PRO A 339 21.76 31.24 -42.53
N TYR A 340 22.31 30.06 -42.82
CA TYR A 340 22.35 29.60 -44.21
C TYR A 340 21.21 28.66 -44.55
N ASN A 341 20.19 28.60 -43.69
CA ASN A 341 18.99 27.81 -43.97
C ASN A 341 17.98 28.58 -44.83
N GLN A 342 18.32 29.80 -45.19
CA GLN A 342 17.41 30.70 -45.88
C GLN A 342 18.26 31.80 -46.53
N PRO A 343 17.68 32.55 -47.48
CA PRO A 343 18.45 33.56 -48.20
C PRO A 343 19.01 34.68 -47.32
N GLU A 344 20.13 35.27 -47.75
CA GLU A 344 20.65 36.46 -47.09
C GLU A 344 19.71 37.65 -47.30
N ALA A 345 19.82 38.65 -46.44
CA ALA A 345 18.90 39.78 -46.44
C ALA A 345 18.85 40.51 -47.78
N SER A 346 19.93 40.48 -48.55
CA SER A 346 20.00 41.19 -49.81
C SER A 346 19.24 40.49 -50.94
N ALA A 347 18.81 39.25 -50.69
CA ALA A 347 18.03 38.50 -51.67
C ALA A 347 16.70 39.19 -51.95
N ALA A 348 16.37 39.37 -53.21
CA ALA A 348 15.10 39.98 -53.56
C ALA A 348 14.09 38.91 -53.93
N LEU A 349 12.96 38.90 -53.21
CA LEU A 349 11.91 37.95 -53.46
C LEU A 349 10.57 38.65 -53.42
N PRO A 350 9.66 38.27 -54.33
CA PRO A 350 8.34 38.88 -54.20
C PRO A 350 7.52 38.18 -53.12
N THR A 351 6.59 38.91 -52.53
CA THR A 351 5.60 38.31 -51.65
C THR A 351 4.64 37.40 -52.43
N MET A 352 4.55 36.15 -52.02
CA MET A 352 3.60 35.21 -52.63
C MET A 352 2.19 35.38 -52.08
N GLN A 353 2.09 35.59 -50.77
CA GLN A 353 0.80 35.84 -50.13
C GLN A 353 1.03 36.48 -48.76
N LEU A 354 -0.02 37.08 -48.19
CA LEU A 354 0.00 37.44 -46.78
C LEU A 354 -0.42 36.23 -45.98
N ALA A 355 -0.09 36.22 -44.69
CA ALA A 355 -0.38 35.08 -43.86
C ALA A 355 -1.89 34.87 -43.69
N ASP A 356 -2.69 35.92 -43.90
CA ASP A 356 -4.16 35.75 -43.85
C ASP A 356 -4.73 35.20 -45.16
N GLY A 357 -3.89 34.86 -46.12
CA GLY A 357 -4.36 34.28 -47.37
C GLY A 357 -4.51 35.27 -48.52
N SER A 358 -4.63 36.55 -48.20
CA SER A 358 -4.85 37.56 -49.24
C SER A 358 -3.63 37.73 -50.16
N ARG A 359 -3.90 38.29 -51.33
CA ARG A 359 -2.85 38.60 -52.31
C ARG A 359 -2.10 39.85 -51.87
N PRO A 360 -0.78 39.89 -52.15
CA PRO A 360 0.07 41.01 -51.73
C PRO A 360 -0.28 42.32 -52.41
N GLN A 361 -0.05 43.43 -51.71
CA GLN A 361 -0.27 44.77 -52.25
C GLN A 361 0.55 44.99 -53.52
N SER A 362 1.79 44.48 -53.52
CA SER A 362 2.66 44.57 -54.69
C SER A 362 3.25 43.22 -55.06
N THR A 363 3.50 43.00 -56.35
CA THR A 363 4.17 41.78 -56.79
C THR A 363 5.66 42.01 -57.04
N GLU A 364 6.15 43.20 -56.66
CA GLU A 364 7.57 43.53 -56.79
C GLU A 364 8.46 42.72 -55.81
N ALA A 365 9.57 42.23 -56.33
CA ALA A 365 10.60 41.63 -55.52
C ALA A 365 11.14 42.67 -54.54
N LYS A 366 11.20 42.29 -53.26
CA LYS A 366 11.71 43.16 -52.21
C LYS A 366 12.77 42.41 -51.43
N GLU A 367 13.57 43.13 -50.63
CA GLU A 367 14.67 42.50 -49.92
C GLU A 367 14.19 41.86 -48.64
N GLY A 368 15.13 41.21 -47.93
CA GLY A 368 14.86 40.64 -46.61
C GLY A 368 14.98 41.63 -45.47
N PRO A 369 15.45 41.17 -44.29
CA PRO A 369 15.89 39.81 -43.93
C PRO A 369 14.75 38.81 -43.97
N TYR A 370 15.07 37.51 -43.86
CA TYR A 370 14.05 36.47 -43.86
C TYR A 370 14.20 35.54 -42.66
N TRP A 371 13.07 35.07 -42.14
CA TRP A 371 13.09 33.96 -41.20
C TRP A 371 12.19 32.85 -41.74
N SER A 372 12.08 31.75 -41.02
CA SER A 372 11.61 30.52 -41.64
C SER A 372 11.05 29.57 -40.60
N ILE A 373 9.84 29.09 -40.86
CA ILE A 373 9.14 28.14 -40.00
C ILE A 373 8.96 26.80 -40.69
N MET A 374 9.27 25.73 -39.98
CA MET A 374 9.10 24.38 -40.49
C MET A 374 8.06 23.62 -39.65
N LEU A 375 7.02 23.10 -40.29
CA LEU A 375 5.90 22.49 -39.58
C LEU A 375 5.73 21.01 -39.90
N GLU A 376 5.25 20.25 -38.92
CA GLU A 376 4.97 18.82 -39.12
C GLU A 376 3.53 18.46 -38.80
N VAL A 377 2.91 17.74 -39.73
CA VAL A 377 1.56 17.24 -39.58
C VAL A 377 1.56 15.73 -39.83
N SER A 378 1.02 14.95 -38.90
CA SER A 378 0.97 13.50 -39.03
C SER A 378 -0.28 13.02 -39.75
N GLU A 379 -0.19 11.85 -40.39
CA GLU A 379 -1.33 11.25 -41.06
C GLU A 379 -1.30 9.71 -40.91
N SER A 380 -2.45 9.12 -40.67
CA SER A 380 -2.60 7.66 -40.75
C SER A 380 -4.03 7.29 -41.06
N SER A 381 -4.29 5.99 -41.22
CA SER A 381 -5.64 5.48 -41.37
C SER A 381 -6.57 5.94 -40.22
N MET A 382 -6.02 6.18 -39.04
CA MET A 382 -6.80 6.67 -37.90
C MET A 382 -6.86 8.19 -37.81
N LYS A 383 -6.13 8.89 -38.69
CA LYS A 383 -6.11 10.35 -38.65
C LYS A 383 -5.88 10.90 -40.04
N PRO A 384 -6.95 10.96 -40.83
CA PRO A 384 -6.85 11.38 -42.23
C PRO A 384 -6.51 12.86 -42.36
N VAL A 385 -5.87 13.20 -43.47
CA VAL A 385 -5.49 14.57 -43.71
C VAL A 385 -5.94 14.96 -45.11
N ASN A 386 -6.55 16.15 -45.23
CA ASN A 386 -6.88 16.64 -46.56
C ASN A 386 -5.60 17.18 -47.19
N GLN A 387 -5.04 16.36 -48.08
CA GLN A 387 -3.80 16.65 -48.78
C GLN A 387 -3.84 18.01 -49.47
N GLU A 388 -4.99 18.32 -50.07
CA GLU A 388 -5.09 19.48 -50.94
C GLU A 388 -5.13 20.78 -50.17
N THR A 389 -5.60 20.74 -48.92
CA THR A 389 -5.75 21.99 -48.19
C THR A 389 -4.73 22.16 -47.05
N ILE A 390 -3.83 21.20 -46.87
CA ILE A 390 -2.97 21.22 -45.68
C ILE A 390 -1.99 22.41 -45.65
N LEU A 391 -1.53 22.89 -46.81
CA LEU A 391 -0.63 24.07 -46.81
C LEU A 391 -1.37 25.28 -46.23
N ALA A 392 -2.53 25.59 -46.80
CA ALA A 392 -3.34 26.70 -46.35
C ALA A 392 -3.76 26.53 -44.89
N ASP A 393 -4.12 25.31 -44.51
CA ASP A 393 -4.54 25.04 -43.13
C ASP A 393 -3.40 25.33 -42.18
N CYS A 394 -2.18 24.95 -42.56
CA CYS A 394 -1.02 25.24 -41.70
C CYS A 394 -0.75 26.73 -41.56
N ILE A 395 -0.86 27.46 -42.65
CA ILE A 395 -0.59 28.88 -42.60
C ILE A 395 -1.60 29.56 -41.68
N GLN A 396 -2.88 29.19 -41.83
CA GLN A 396 -3.92 29.72 -40.97
C GLN A 396 -3.66 29.33 -39.51
N GLY A 397 -3.21 28.09 -39.29
CA GLY A 397 -2.79 27.65 -37.97
C GLY A 397 -1.71 28.55 -37.39
N LEU A 398 -0.80 29.02 -38.24
CA LEU A 398 0.26 29.94 -37.81
C LEU A 398 -0.33 31.27 -37.35
N VAL A 399 -1.34 31.76 -38.08
CA VAL A 399 -2.05 32.97 -37.66
C VAL A 399 -2.81 32.72 -36.35
N ASN A 400 -3.45 31.56 -36.26
CA ASN A 400 -4.27 31.21 -35.09
C ASN A 400 -3.47 31.25 -33.81
N THR A 401 -2.26 30.70 -33.88
CA THR A 401 -1.39 30.56 -32.72
C THR A 401 -0.49 31.80 -32.54
N GLU A 402 -0.76 32.84 -33.34
CA GLU A 402 -0.04 34.12 -33.25
C GLU A 402 1.44 34.02 -33.60
N MET A 403 1.79 32.96 -34.32
CA MET A 403 3.15 32.81 -34.81
C MET A 403 3.39 33.75 -35.98
N LEU A 404 2.35 33.97 -36.77
CA LEU A 404 2.40 34.96 -37.84
C LEU A 404 1.28 35.96 -37.61
N LYS A 405 1.58 37.22 -37.88
CA LYS A 405 0.55 38.25 -37.97
C LYS A 405 -0.15 38.06 -39.32
N PRO A 406 -1.44 38.45 -39.39
CA PRO A 406 -2.18 38.33 -40.66
C PRO A 406 -1.47 39.04 -41.80
N THR A 407 -0.75 40.10 -41.48
CA THR A 407 -0.06 40.92 -42.47
C THR A 407 1.35 40.46 -42.79
N ASP A 408 1.80 39.37 -42.17
CA ASP A 408 3.15 38.88 -42.45
C ASP A 408 3.26 38.44 -43.90
N GLU A 409 4.41 38.69 -44.51
CA GLU A 409 4.61 38.42 -45.92
C GLU A 409 5.34 37.13 -46.10
N ILE A 410 4.67 36.18 -46.74
CA ILE A 410 5.23 34.87 -47.05
C ILE A 410 5.87 34.90 -48.42
N VAL A 411 7.17 34.61 -48.49
CA VAL A 411 7.89 34.67 -49.75
C VAL A 411 8.23 33.29 -50.31
N SER A 412 7.99 32.24 -49.52
CA SER A 412 8.29 30.89 -49.98
C SER A 412 7.44 29.88 -49.24
N THR A 413 6.98 28.86 -49.95
CA THR A 413 6.23 27.78 -49.30
C THR A 413 6.81 26.44 -49.75
N TYR A 414 6.59 25.43 -48.92
CA TYR A 414 7.08 24.07 -49.14
C TYR A 414 6.11 23.10 -48.50
N HIS A 415 5.79 22.03 -49.21
CA HIS A 415 5.05 20.92 -48.65
C HIS A 415 5.51 19.62 -49.28
N ARG A 416 5.83 18.64 -48.45
CA ARG A 416 6.20 17.33 -48.94
C ARG A 416 5.69 16.27 -47.98
N ARG A 417 5.14 15.20 -48.55
CA ARG A 417 4.63 14.08 -47.79
C ARG A 417 5.66 12.98 -47.75
N PHE A 418 5.94 12.48 -46.55
CA PHE A 418 6.83 11.33 -46.39
C PHE A 418 6.01 10.16 -45.89
N ASP A 419 5.84 9.15 -46.75
CA ASP A 419 4.91 8.07 -46.45
C ASP A 419 5.27 7.34 -45.15
N HIS A 420 6.50 6.85 -45.06
CA HIS A 420 6.98 6.31 -43.78
C HIS A 420 7.71 7.39 -42.97
N GLY A 421 6.99 8.01 -42.03
CA GLY A 421 7.55 9.03 -41.15
C GLY A 421 7.95 8.52 -39.76
N TYR A 422 6.98 7.96 -39.03
CA TYR A 422 7.22 7.37 -37.71
C TYR A 422 6.81 5.91 -37.70
N PRO A 423 7.67 5.03 -37.18
CA PRO A 423 7.21 3.67 -36.86
C PRO A 423 6.54 3.67 -35.49
N THR A 424 5.28 3.25 -35.46
CA THR A 424 4.45 3.43 -34.27
C THR A 424 4.69 2.33 -33.23
N PRO A 425 5.00 2.69 -31.98
CA PRO A 425 5.07 1.70 -30.89
C PRO A 425 3.68 1.16 -30.51
N THR A 426 3.02 0.45 -31.43
CA THR A 426 1.72 -0.12 -31.10
C THR A 426 1.86 -1.25 -30.10
N LEU A 427 0.74 -1.63 -29.51
CA LEU A 427 0.75 -2.75 -28.59
C LEU A 427 1.21 -4.02 -29.30
N GLU A 428 0.96 -4.10 -30.61
CA GLU A 428 1.28 -5.32 -31.38
C GLU A 428 2.71 -5.36 -31.92
N ARG A 429 3.43 -4.25 -31.82
CA ARG A 429 4.71 -4.11 -32.51
C ARG A 429 5.68 -5.26 -32.23
N GLU A 430 5.98 -5.47 -30.95
CA GLU A 430 6.99 -6.46 -30.58
C GLU A 430 6.61 -7.88 -30.97
N GLY A 431 5.34 -8.25 -30.77
CA GLY A 431 4.89 -9.58 -31.13
C GLY A 431 5.17 -9.89 -32.59
N THR A 432 4.99 -8.87 -33.41
CA THR A 432 5.23 -8.98 -34.83
C THR A 432 6.72 -9.01 -35.14
N LEU A 433 7.46 -8.09 -34.55
CA LEU A 433 8.90 -7.95 -34.86
C LEU A 433 9.67 -9.22 -34.49
N THR A 434 9.32 -9.85 -33.35
CA THR A 434 10.03 -11.05 -32.93
C THR A 434 9.68 -12.27 -33.80
N GLN A 435 8.71 -12.10 -34.68
CA GLN A 435 8.56 -13.04 -35.78
C GLN A 435 9.46 -12.61 -36.93
N ILE A 436 9.34 -11.34 -37.34
CA ILE A 436 10.02 -10.84 -38.54
C ILE A 436 11.56 -10.85 -38.50
N LEU A 437 12.15 -10.18 -37.51
CA LEU A 437 13.60 -9.98 -37.51
C LEU A 437 14.42 -11.28 -37.39
N PRO A 438 14.00 -12.24 -36.53
CA PRO A 438 14.74 -13.50 -36.54
C PRO A 438 14.58 -14.31 -37.82
N LYS A 439 13.39 -14.33 -38.40
CA LYS A 439 13.16 -15.02 -39.68
C LYS A 439 14.10 -14.48 -40.77
N LEU A 440 14.29 -13.16 -40.83
CA LEU A 440 15.26 -12.57 -41.74
C LEU A 440 16.69 -12.91 -41.32
N GLN A 441 16.93 -12.92 -40.02
CA GLN A 441 18.22 -13.28 -39.45
C GLN A 441 18.69 -14.67 -39.89
N ASP A 442 17.74 -15.61 -39.97
CA ASP A 442 18.03 -16.97 -40.39
C ASP A 442 18.42 -17.05 -41.86
N LYS A 443 18.08 -16.00 -42.61
CA LYS A 443 18.45 -15.93 -44.02
C LYS A 443 19.68 -15.05 -44.22
N ASP A 444 20.37 -14.74 -43.12
CA ASP A 444 21.54 -13.88 -43.13
C ASP A 444 21.19 -12.48 -43.63
N ILE A 445 20.05 -11.98 -43.17
CA ILE A 445 19.64 -10.62 -43.49
C ILE A 445 19.50 -9.81 -42.22
N TRP A 446 20.33 -8.77 -42.10
CA TRP A 446 20.23 -7.84 -41.00
C TRP A 446 19.35 -6.67 -41.42
N SER A 447 18.08 -6.72 -41.05
CA SER A 447 17.18 -5.62 -41.31
C SER A 447 17.25 -4.65 -40.15
N ARG A 448 17.73 -3.43 -40.43
CA ARG A 448 18.08 -2.49 -39.36
C ARG A 448 17.75 -1.06 -39.74
N GLY A 449 17.27 -0.28 -38.77
CA GLY A 449 17.07 1.14 -38.97
C GLY A 449 15.70 1.60 -38.54
N ARG A 450 15.39 2.88 -38.77
CA ARG A 450 14.11 3.45 -38.35
C ARG A 450 12.95 2.58 -38.81
N PHE A 451 12.97 2.20 -40.08
CA PHE A 451 11.93 1.32 -40.59
C PHE A 451 12.50 -0.05 -40.93
N GLY A 452 13.83 -0.15 -40.90
CA GLY A 452 14.50 -1.41 -41.10
C GLY A 452 14.17 -2.33 -39.92
N SER A 453 14.14 -1.77 -38.72
CA SER A 453 13.80 -2.55 -37.53
C SER A 453 12.71 -1.89 -36.68
N TRP A 454 12.19 -0.76 -37.14
CA TRP A 454 10.87 -0.28 -36.70
C TRP A 454 10.75 0.10 -35.20
N ARG A 455 11.86 0.40 -34.55
CA ARG A 455 11.77 0.75 -33.12
C ARG A 455 12.10 2.22 -32.89
N TYR A 456 11.06 3.00 -32.59
CA TYR A 456 11.22 4.44 -32.51
C TYR A 456 12.11 4.84 -31.33
N GLU A 457 12.16 4.03 -30.27
CA GLU A 457 12.96 4.42 -29.10
C GLU A 457 14.45 4.41 -29.44
N VAL A 458 14.80 3.77 -30.55
CA VAL A 458 16.14 3.87 -31.10
C VAL A 458 16.02 4.25 -32.58
N GLY A 459 15.25 5.29 -32.86
CA GLY A 459 14.95 5.70 -34.22
C GLY A 459 15.58 7.01 -34.67
N ASN A 460 16.42 7.61 -33.82
CA ASN A 460 17.10 8.86 -34.18
C ASN A 460 18.35 8.64 -35.02
N GLN A 461 18.89 9.73 -35.56
CA GLN A 461 20.05 9.63 -36.45
C GLN A 461 21.20 8.82 -35.84
N ASP A 462 21.54 9.12 -34.58
CA ASP A 462 22.66 8.43 -33.99
C ASP A 462 22.34 6.95 -33.75
N HIS A 463 21.16 6.64 -33.23
CA HIS A 463 20.71 5.24 -33.08
C HIS A 463 20.82 4.49 -34.39
N SER A 464 20.24 5.08 -35.43
CA SER A 464 20.22 4.48 -36.74
C SER A 464 21.63 4.19 -37.23
N PHE A 465 22.47 5.22 -37.20
CA PHE A 465 23.89 5.07 -37.54
C PHE A 465 24.50 3.87 -36.82
N MET A 466 24.23 3.75 -35.53
CA MET A 466 24.88 2.72 -34.74
C MET A 466 24.26 1.34 -34.97
N LEU A 467 22.97 1.30 -35.29
CA LEU A 467 22.34 0.04 -35.71
C LEU A 467 23.11 -0.51 -36.92
N GLY A 468 23.48 0.37 -37.83
CA GLY A 468 24.32 0.00 -38.96
C GLY A 468 25.70 -0.46 -38.51
N VAL A 469 26.33 0.32 -37.65
CA VAL A 469 27.67 0.01 -37.16
C VAL A 469 27.66 -1.34 -36.42
N GLU A 470 26.63 -1.57 -35.62
CA GLU A 470 26.55 -2.78 -34.80
C GLU A 470 26.18 -4.03 -35.59
N ALA A 471 25.33 -3.88 -36.60
CA ALA A 471 25.03 -4.98 -37.50
C ALA A 471 26.32 -5.51 -38.12
N VAL A 472 27.19 -4.60 -38.54
CA VAL A 472 28.48 -4.99 -39.10
C VAL A 472 29.38 -5.60 -38.02
N ASP A 473 29.36 -5.00 -36.83
CA ASP A 473 30.19 -5.46 -35.73
C ASP A 473 29.74 -6.85 -35.29
N ASN A 474 28.45 -7.13 -35.48
CA ASN A 474 27.90 -8.44 -35.18
C ASN A 474 28.35 -9.45 -36.22
N ILE A 475 28.23 -9.07 -37.49
CA ILE A 475 28.61 -9.93 -38.63
C ILE A 475 30.09 -10.30 -38.63
N VAL A 476 30.94 -9.33 -38.33
CA VAL A 476 32.39 -9.53 -38.38
C VAL A 476 33.03 -9.96 -37.05
N ASN A 477 32.58 -9.37 -35.95
CA ASN A 477 33.31 -9.48 -34.70
C ASN A 477 32.50 -10.13 -33.57
N GLY A 478 31.32 -10.65 -33.91
CA GLY A 478 30.49 -11.32 -32.92
C GLY A 478 29.99 -10.40 -31.82
N ALA A 479 29.88 -9.11 -32.13
CA ALA A 479 29.42 -8.11 -31.17
C ALA A 479 27.94 -8.25 -30.86
N VAL A 480 27.54 -7.84 -29.66
CA VAL A 480 26.14 -7.76 -29.30
C VAL A 480 25.48 -6.58 -30.00
N GLU A 481 24.31 -6.78 -30.59
CA GLU A 481 23.59 -5.64 -31.16
C GLU A 481 22.78 -4.95 -30.07
N LEU A 482 23.47 -4.10 -29.32
CA LEU A 482 22.91 -3.50 -28.11
C LEU A 482 21.77 -2.56 -28.40
N THR A 483 22.00 -1.66 -29.36
CA THR A 483 21.03 -0.65 -29.73
C THR A 483 19.73 -1.31 -30.18
N LEU A 484 19.86 -2.38 -30.96
CA LEU A 484 18.69 -3.08 -31.45
C LEU A 484 17.86 -3.71 -30.33
N ASN A 485 18.50 -4.51 -29.48
CA ASN A 485 17.78 -5.33 -28.52
C ASN A 485 17.61 -4.70 -27.13
N TYR A 486 18.38 -3.67 -26.83
CA TYR A 486 18.32 -3.08 -25.49
C TYR A 486 18.36 -1.55 -25.51
N PRO A 487 17.30 -0.92 -26.03
CA PRO A 487 17.22 0.53 -26.16
C PRO A 487 17.52 1.26 -24.85
N ASP A 488 16.95 0.80 -23.74
CA ASP A 488 17.19 1.42 -22.43
C ASP A 488 18.66 1.36 -22.00
N PHE A 489 19.34 0.31 -22.43
CA PHE A 489 20.74 0.14 -22.07
C PHE A 489 21.60 1.19 -22.77
N VAL A 490 21.47 1.31 -24.09
CA VAL A 490 22.31 2.27 -24.80
C VAL A 490 21.88 3.71 -24.56
N ASN A 491 20.58 3.95 -24.36
CA ASN A 491 20.13 5.32 -24.09
C ASN A 491 20.48 5.79 -22.67
N GLY A 492 20.82 4.86 -21.79
CA GLY A 492 21.07 5.19 -20.40
C GLY A 492 22.55 5.31 -20.05
N ARG A 493 23.41 5.26 -21.04
CA ARG A 493 24.85 5.34 -20.80
C ARG A 493 25.52 6.15 -21.88
N GLN A 494 26.73 6.61 -21.58
CA GLN A 494 27.58 7.17 -22.62
C GLN A 494 28.34 6.00 -23.23
N ASN A 495 28.12 5.80 -24.54
CA ASN A 495 28.77 4.71 -25.24
C ASN A 495 30.08 5.17 -25.85
N THR A 496 31.14 4.97 -25.09
CA THR A 496 32.46 5.52 -25.36
C THR A 496 33.45 4.52 -25.96
N GLU A 497 33.16 3.22 -25.86
CA GLU A 497 34.16 2.21 -26.16
C GLU A 497 34.53 2.12 -27.64
N ARG A 498 33.54 2.20 -28.53
CA ARG A 498 33.81 2.02 -29.96
C ARG A 498 34.15 3.34 -30.64
N ARG A 499 35.32 3.39 -31.29
CA ARG A 499 35.84 4.63 -31.87
C ARG A 499 36.12 4.44 -33.36
N LEU A 500 36.14 5.56 -34.11
CA LEU A 500 36.42 5.51 -35.54
C LEU A 500 37.84 4.99 -35.79
N VAL A 501 38.70 5.13 -34.79
CA VAL A 501 39.96 4.39 -34.80
C VAL A 501 40.09 3.52 -33.54
N ASP A 502 39.98 2.20 -33.74
CA ASP A 502 40.11 1.25 -32.64
C ASP A 502 41.56 0.80 -32.46
N GLY A 503 41.80 -0.06 -31.48
CA GLY A 503 43.12 -0.64 -31.30
C GLY A 503 43.53 -1.45 -32.52
N ALA A 504 42.57 -2.12 -33.15
CA ALA A 504 42.84 -2.91 -34.35
C ALA A 504 43.64 -2.12 -35.38
N GLN A 505 43.17 -0.92 -35.71
CA GLN A 505 43.84 -0.13 -36.74
C GLN A 505 45.16 0.43 -36.24
N VAL A 506 45.19 0.88 -34.99
CA VAL A 506 46.42 1.38 -34.38
C VAL A 506 47.54 0.34 -34.45
N PHE A 507 47.26 -0.87 -33.98
CA PHE A 507 48.25 -1.95 -33.95
C PHE A 507 48.67 -2.39 -35.36
N ALA A 508 47.71 -2.40 -36.28
CA ALA A 508 47.99 -2.79 -37.66
C ALA A 508 48.97 -1.83 -38.32
N LYS A 509 48.82 -0.54 -38.02
CA LYS A 509 49.64 0.50 -38.64
C LYS A 509 51.07 0.58 -38.05
N SER A 510 51.53 -0.53 -37.47
CA SER A 510 52.87 -0.59 -36.89
C SER A 510 53.43 -2.01 -36.87
N HIS B 6 -65.60 9.35 20.76
CA HIS B 6 -64.78 8.68 21.77
C HIS B 6 -64.73 7.15 21.55
N PRO B 7 -63.52 6.56 21.53
CA PRO B 7 -63.31 5.13 21.28
C PRO B 7 -63.62 4.26 22.50
N ASP B 8 -63.75 2.95 22.29
CA ASP B 8 -64.12 2.01 23.34
C ASP B 8 -63.11 1.99 24.50
N ILE B 9 -61.83 2.05 24.16
CA ILE B 9 -60.75 1.97 25.14
C ILE B 9 -59.74 3.09 24.89
N SER B 10 -59.18 3.64 25.97
CA SER B 10 -58.13 4.65 25.86
C SER B 10 -56.94 4.36 26.74
N VAL B 11 -55.75 4.32 26.13
CA VAL B 11 -54.51 4.17 26.86
C VAL B 11 -53.44 5.15 26.36
N ASP B 12 -52.46 5.43 27.20
CA ASP B 12 -51.32 6.24 26.80
C ASP B 12 -50.50 5.52 25.75
N VAL B 13 -50.12 4.27 26.03
CA VAL B 13 -49.34 3.50 25.07
C VAL B 13 -50.03 2.21 24.69
N LEU B 14 -50.21 2.00 23.39
CA LEU B 14 -50.76 0.75 22.89
C LEU B 14 -49.64 -0.07 22.24
N VAL B 15 -49.54 -1.33 22.67
CA VAL B 15 -48.57 -2.25 22.10
C VAL B 15 -49.28 -3.28 21.25
N ILE B 16 -48.87 -3.38 19.99
CA ILE B 16 -49.43 -4.36 19.06
C ILE B 16 -48.45 -5.51 18.87
N GLY B 17 -48.89 -6.72 19.18
CA GLY B 17 -48.02 -7.87 19.06
C GLY B 17 -47.45 -8.27 20.41
N ALA B 18 -47.50 -9.56 20.71
CA ALA B 18 -47.01 -10.09 21.97
C ALA B 18 -45.98 -11.16 21.68
N GLY B 19 -45.18 -10.93 20.65
CA GLY B 19 -43.93 -11.66 20.49
C GLY B 19 -42.96 -11.03 21.47
N PRO B 20 -41.68 -11.42 21.41
CA PRO B 20 -40.66 -10.85 22.30
C PRO B 20 -40.61 -9.32 22.29
N THR B 21 -40.75 -8.69 21.13
CA THR B 21 -40.61 -7.22 21.09
C THR B 21 -41.74 -6.57 21.88
N GLY B 22 -42.98 -6.98 21.59
CA GLY B 22 -44.15 -6.48 22.32
C GLY B 22 -44.10 -6.79 23.81
N LEU B 23 -43.72 -8.02 24.16
CA LEU B 23 -43.65 -8.38 25.56
C LEU B 23 -42.60 -7.52 26.26
N GLY B 24 -41.51 -7.22 25.54
CA GLY B 24 -40.50 -6.29 26.01
C GLY B 24 -41.11 -4.96 26.39
N ALA B 25 -41.85 -4.36 25.45
CA ALA B 25 -42.59 -3.12 25.70
C ALA B 25 -43.50 -3.24 26.93
N ALA B 26 -44.33 -4.27 26.97
CA ALA B 26 -45.25 -4.47 28.09
C ALA B 26 -44.51 -4.63 29.42
N LYS B 27 -43.40 -5.35 29.42
CA LYS B 27 -42.67 -5.55 30.67
C LYS B 27 -42.16 -4.23 31.22
N ARG B 28 -41.59 -3.40 30.35
CA ARG B 28 -41.04 -2.11 30.78
C ARG B 28 -42.15 -1.16 31.22
N LEU B 29 -43.24 -1.13 30.46
CA LEU B 29 -44.43 -0.37 30.85
C LEU B 29 -44.96 -0.80 32.22
N ASN B 30 -44.99 -2.10 32.44
CA ASN B 30 -45.48 -2.65 33.70
C ASN B 30 -44.52 -2.36 34.84
N GLN B 31 -43.23 -2.37 34.54
CA GLN B 31 -42.21 -2.01 35.54
C GLN B 31 -42.37 -0.55 35.95
N ILE B 32 -42.42 0.32 34.94
CA ILE B 32 -42.49 1.76 35.18
C ILE B 32 -43.78 2.12 35.92
N ASP B 33 -44.91 1.59 35.44
CA ASP B 33 -46.20 1.77 36.10
C ASP B 33 -46.53 3.25 36.25
N GLY B 34 -46.35 3.98 35.16
CA GLY B 34 -46.76 5.37 35.11
C GLY B 34 -47.91 5.52 34.14
N PRO B 35 -47.59 5.68 32.84
CA PRO B 35 -48.60 5.79 31.77
C PRO B 35 -49.43 4.53 31.66
N SER B 36 -50.70 4.67 31.33
CA SER B 36 -51.56 3.54 31.09
C SER B 36 -51.19 2.87 29.77
N TRP B 37 -51.58 1.61 29.61
CA TRP B 37 -51.12 0.84 28.48
C TRP B 37 -51.91 -0.47 28.35
N MET B 38 -51.86 -1.06 27.17
CA MET B 38 -52.34 -2.42 26.96
C MET B 38 -51.63 -3.05 25.77
N ILE B 39 -51.59 -4.37 25.76
CA ILE B 39 -50.94 -5.09 24.69
C ILE B 39 -51.96 -6.04 24.05
N VAL B 40 -51.96 -6.08 22.72
CA VAL B 40 -52.85 -6.97 22.01
C VAL B 40 -52.10 -7.89 21.08
N ASP B 41 -52.67 -9.07 20.81
CA ASP B 41 -52.11 -9.99 19.85
C ASP B 41 -53.24 -10.75 19.22
N SER B 42 -53.14 -11.01 17.91
CA SER B 42 -54.16 -11.80 17.24
C SER B 42 -54.09 -13.27 17.64
N ASN B 43 -52.97 -13.67 18.24
CA ASN B 43 -52.82 -15.03 18.74
C ASN B 43 -53.16 -15.14 20.22
N GLU B 44 -53.85 -16.22 20.60
CA GLU B 44 -54.18 -16.53 22.00
C GLU B 44 -52.91 -16.79 22.82
N THR B 45 -51.93 -17.41 22.19
CA THR B 45 -50.65 -17.72 22.80
C THR B 45 -49.57 -16.72 22.36
N PRO B 46 -49.04 -15.93 23.31
CA PRO B 46 -47.97 -14.99 22.95
C PRO B 46 -46.67 -15.73 22.60
N GLY B 47 -45.74 -15.06 21.93
CA GLY B 47 -44.46 -15.66 21.60
C GLY B 47 -44.00 -15.44 20.17
N GLY B 48 -44.94 -15.35 19.23
CA GLY B 48 -44.62 -15.02 17.85
C GLY B 48 -43.73 -16.07 17.21
N LEU B 49 -42.70 -15.62 16.48
CA LEU B 49 -41.75 -16.55 15.90
C LEU B 49 -40.89 -17.23 16.97
N ALA B 50 -41.05 -16.84 18.22
CA ALA B 50 -40.34 -17.49 19.31
C ALA B 50 -41.26 -18.46 20.07
N SER B 51 -42.28 -18.95 19.36
CA SER B 51 -43.21 -19.94 19.87
C SER B 51 -42.78 -21.36 19.55
N THR B 52 -43.58 -22.32 20.01
CA THR B 52 -43.25 -23.73 19.85
C THR B 52 -44.50 -24.52 19.50
N ASP B 53 -44.42 -25.35 18.47
CA ASP B 53 -45.52 -26.25 18.13
C ASP B 53 -45.24 -27.63 18.69
N VAL B 54 -46.27 -28.46 18.73
CA VAL B 54 -46.08 -29.86 19.07
C VAL B 54 -46.85 -30.71 18.04
N THR B 55 -46.25 -31.80 17.58
CA THR B 55 -46.96 -32.73 16.70
C THR B 55 -47.95 -33.56 17.51
N PRO B 56 -48.90 -34.23 16.83
CA PRO B 56 -49.83 -35.07 17.59
C PRO B 56 -49.13 -36.23 18.31
N GLU B 57 -47.92 -36.57 17.88
CA GLU B 57 -47.17 -37.66 18.50
C GLU B 57 -46.32 -37.19 19.68
N GLY B 58 -46.33 -35.88 19.94
CA GLY B 58 -45.66 -35.34 21.11
C GLY B 58 -44.26 -34.82 20.87
N PHE B 59 -43.97 -34.44 19.63
CA PHE B 59 -42.67 -33.86 19.33
C PHE B 59 -42.80 -32.35 19.23
N LEU B 60 -42.02 -31.64 20.03
CA LEU B 60 -42.01 -30.18 20.00
C LEU B 60 -41.08 -29.71 18.87
N TYR B 61 -41.45 -28.61 18.21
CA TYR B 61 -40.52 -27.89 17.32
C TYR B 61 -40.66 -26.37 17.49
N ASP B 62 -39.53 -25.70 17.72
CA ASP B 62 -39.43 -24.25 17.66
C ASP B 62 -39.62 -23.81 16.20
N VAL B 63 -39.58 -22.50 15.96
CA VAL B 63 -39.63 -21.99 14.59
C VAL B 63 -38.19 -22.00 14.08
N GLY B 64 -37.68 -23.19 13.84
CA GLY B 64 -36.28 -23.35 13.48
C GLY B 64 -35.39 -23.22 14.71
N GLY B 65 -34.09 -23.40 14.49
CA GLY B 65 -33.12 -23.38 15.57
C GLY B 65 -33.13 -22.05 16.28
N HIS B 66 -33.56 -22.10 17.55
CA HIS B 66 -33.58 -20.95 18.42
C HIS B 66 -32.63 -21.16 19.60
N VAL B 67 -31.52 -20.42 19.59
CA VAL B 67 -30.52 -20.48 20.66
C VAL B 67 -30.34 -19.09 21.26
N ILE B 68 -30.57 -18.97 22.55
CA ILE B 68 -30.45 -17.65 23.19
C ILE B 68 -29.00 -17.25 23.44
N ALA B 69 -28.65 -16.03 23.03
CA ALA B 69 -27.34 -15.46 23.34
C ALA B 69 -27.55 -14.00 23.72
N SER B 70 -27.69 -13.75 25.02
CA SER B 70 -28.18 -12.48 25.50
C SER B 70 -27.10 -11.42 25.64
N HIS B 71 -27.37 -10.23 25.13
CA HIS B 71 -26.46 -9.10 25.28
C HIS B 71 -26.87 -8.16 26.40
N TYR B 72 -27.93 -8.52 27.13
CA TYR B 72 -28.56 -7.57 28.04
C TYR B 72 -28.97 -8.17 29.39
N LYS B 73 -28.57 -7.52 30.47
CA LYS B 73 -29.00 -7.92 31.81
C LYS B 73 -30.53 -7.86 31.98
N TYR B 74 -31.17 -6.88 31.34
CA TYR B 74 -32.61 -6.70 31.49
C TYR B 74 -33.37 -7.93 31.03
N PHE B 75 -32.97 -8.42 29.86
CA PHE B 75 -33.53 -9.61 29.25
C PHE B 75 -33.32 -10.80 30.19
N ASP B 76 -32.11 -10.91 30.75
CA ASP B 76 -31.81 -11.97 31.70
C ASP B 76 -32.74 -11.87 32.89
N ASP B 77 -32.94 -10.65 33.40
CA ASP B 77 -33.82 -10.48 34.56
C ASP B 77 -35.22 -11.02 34.26
N CYS B 78 -35.73 -10.79 33.06
CA CYS B 78 -37.11 -11.17 32.78
C CYS B 78 -37.25 -12.68 32.55
N LEU B 79 -36.24 -13.29 31.95
CA LEU B 79 -36.27 -14.75 31.76
C LEU B 79 -36.15 -15.45 33.12
N ASP B 80 -35.29 -14.93 34.00
CA ASP B 80 -35.12 -15.50 35.34
C ASP B 80 -36.39 -15.33 36.15
N GLU B 81 -37.02 -14.16 36.05
CA GLU B 81 -38.29 -13.97 36.72
C GLU B 81 -39.35 -14.95 36.18
N ALA B 82 -39.37 -15.12 34.86
CA ALA B 82 -40.38 -15.97 34.22
C ALA B 82 -40.17 -17.45 34.54
N LEU B 83 -38.91 -17.83 34.73
CA LEU B 83 -38.52 -19.23 34.89
C LEU B 83 -37.39 -19.33 35.91
N PRO B 84 -37.72 -19.15 37.20
CA PRO B 84 -36.73 -18.95 38.27
C PRO B 84 -36.01 -20.21 38.76
N LYS B 85 -36.57 -21.40 38.52
CA LYS B 85 -35.97 -22.62 39.07
C LYS B 85 -34.78 -23.10 38.23
N GLU B 86 -33.76 -23.64 38.89
CA GLU B 86 -32.63 -24.26 38.20
C GLU B 86 -33.09 -25.33 37.18
N ASP B 87 -34.09 -26.13 37.52
CA ASP B 87 -34.49 -27.15 36.55
C ASP B 87 -35.59 -26.66 35.61
N ASP B 88 -35.71 -25.33 35.46
CA ASP B 88 -36.50 -24.75 34.38
C ASP B 88 -35.65 -24.64 33.12
N TRP B 89 -34.35 -24.93 33.26
CA TRP B 89 -33.39 -24.68 32.21
C TRP B 89 -32.39 -25.81 32.09
N TYR B 90 -31.93 -26.04 30.87
CA TYR B 90 -30.78 -26.91 30.61
C TYR B 90 -29.68 -26.11 29.93
N THR B 91 -28.45 -26.37 30.34
CA THR B 91 -27.28 -25.69 29.81
C THR B 91 -26.56 -26.59 28.83
N HIS B 92 -26.11 -26.01 27.72
CA HIS B 92 -25.39 -26.77 26.71
C HIS B 92 -24.21 -25.96 26.17
N GLN B 93 -23.15 -26.64 25.76
CA GLN B 93 -22.09 -26.02 24.99
C GLN B 93 -22.55 -25.91 23.56
N ARG B 94 -22.17 -24.84 22.85
CA ARG B 94 -22.37 -24.83 21.41
C ARG B 94 -21.54 -25.92 20.77
N ILE B 95 -22.22 -26.85 20.13
CA ILE B 95 -21.55 -27.84 19.32
C ILE B 95 -22.14 -27.67 17.92
N SER B 96 -21.37 -27.02 17.05
CA SER B 96 -21.85 -26.66 15.73
C SER B 96 -20.85 -27.08 14.67
N TYR B 97 -21.35 -27.64 13.57
CA TYR B 97 -20.50 -28.12 12.49
C TYR B 97 -21.05 -27.77 11.12
N VAL B 98 -20.19 -27.84 10.12
CA VAL B 98 -20.60 -27.62 8.75
C VAL B 98 -20.39 -28.90 7.95
N ARG B 99 -21.44 -29.37 7.28
CA ARG B 99 -21.30 -30.56 6.43
C ARG B 99 -20.58 -30.21 5.13
N CYS B 100 -19.44 -30.85 4.89
CA CYS B 100 -18.69 -30.55 3.68
C CYS B 100 -17.90 -31.75 3.20
N GLN B 101 -18.21 -32.20 1.99
CA GLN B 101 -17.53 -33.35 1.38
C GLN B 101 -17.35 -34.53 2.32
N GLY B 102 -18.46 -34.97 2.93
CA GLY B 102 -18.48 -36.22 3.66
C GLY B 102 -18.08 -36.05 5.12
N GLN B 103 -17.68 -34.82 5.47
CA GLN B 103 -17.13 -34.58 6.78
C GLN B 103 -17.91 -33.52 7.57
N TRP B 104 -17.71 -33.54 8.88
CA TRP B 104 -18.23 -32.50 9.76
C TRP B 104 -17.14 -31.50 10.12
N VAL B 105 -17.18 -30.33 9.49
CA VAL B 105 -16.19 -29.29 9.74
C VAL B 105 -16.66 -28.37 10.87
N PRO B 106 -15.84 -28.23 11.93
CA PRO B 106 -16.17 -27.36 13.07
C PRO B 106 -16.45 -25.93 12.67
N TYR B 107 -17.55 -25.40 13.20
CA TYR B 107 -17.88 -23.99 13.03
C TYR B 107 -16.88 -23.15 13.83
N PRO B 108 -16.48 -21.99 13.28
CA PRO B 108 -16.83 -21.56 11.93
C PRO B 108 -15.93 -22.21 10.88
N PHE B 109 -16.50 -22.52 9.73
CA PHE B 109 -15.81 -23.19 8.62
C PHE B 109 -14.49 -22.53 8.35
N GLN B 110 -14.60 -21.22 8.07
CA GLN B 110 -13.50 -20.38 7.64
C GLN B 110 -12.31 -20.34 8.61
N ASN B 111 -12.48 -20.87 9.81
CA ASN B 111 -11.38 -20.94 10.77
C ASN B 111 -10.97 -22.38 11.06
N ASN B 112 -11.40 -23.31 10.22
CA ASN B 112 -11.16 -24.75 10.42
C ASN B 112 -10.85 -25.47 9.12
N ILE B 113 -10.26 -24.72 8.20
CA ILE B 113 -9.72 -25.21 6.94
C ILE B 113 -8.94 -26.51 7.16
N SER B 114 -8.28 -26.56 8.30
CA SER B 114 -7.49 -27.70 8.77
C SER B 114 -8.19 -29.06 8.68
N MET B 115 -9.51 -29.05 8.53
CA MET B 115 -10.30 -30.29 8.50
C MET B 115 -10.54 -30.85 7.09
N LEU B 116 -10.34 -30.04 6.06
CA LEU B 116 -10.61 -30.42 4.67
C LEU B 116 -9.48 -31.27 4.09
N PRO B 117 -9.72 -31.91 2.92
CA PRO B 117 -8.63 -32.54 2.16
C PRO B 117 -7.50 -31.56 1.83
N LYS B 118 -6.26 -32.04 1.74
CA LYS B 118 -5.09 -31.17 1.58
C LYS B 118 -5.23 -30.23 0.39
N GLU B 119 -5.85 -30.74 -0.66
CA GLU B 119 -5.96 -30.03 -1.92
C GLU B 119 -7.00 -28.91 -1.83
N GLU B 120 -8.06 -29.15 -1.07
CA GLU B 120 -9.00 -28.08 -0.78
C GLU B 120 -8.31 -27.04 0.10
N GLN B 121 -7.42 -27.52 0.96
CA GLN B 121 -6.70 -26.65 1.90
C GLN B 121 -5.84 -25.64 1.14
N VAL B 122 -5.11 -26.13 0.14
CA VAL B 122 -4.31 -25.27 -0.72
C VAL B 122 -5.17 -24.18 -1.37
N LYS B 123 -6.27 -24.60 -1.99
CA LYS B 123 -7.16 -23.67 -2.66
C LYS B 123 -7.63 -22.58 -1.67
N CYS B 124 -8.01 -23.00 -0.48
CA CYS B 124 -8.53 -22.08 0.51
C CYS B 124 -7.49 -21.07 0.99
N ILE B 125 -6.28 -21.55 1.31
CA ILE B 125 -5.21 -20.71 1.83
C ILE B 125 -4.70 -19.72 0.76
N ASP B 126 -4.49 -20.21 -0.45
CA ASP B 126 -4.11 -19.35 -1.58
C ASP B 126 -5.08 -18.19 -1.70
N GLY B 127 -6.37 -18.50 -1.64
CA GLY B 127 -7.38 -17.46 -1.74
C GLY B 127 -7.22 -16.48 -0.59
N MET B 128 -6.95 -16.99 0.60
CA MET B 128 -6.82 -16.11 1.77
C MET B 128 -5.52 -15.32 1.70
N ILE B 129 -4.50 -15.89 1.07
CA ILE B 129 -3.27 -15.15 0.89
C ILE B 129 -3.53 -13.97 -0.04
N ASP B 130 -4.21 -14.22 -1.16
CA ASP B 130 -4.65 -13.15 -2.06
C ASP B 130 -5.40 -12.05 -1.31
N ALA B 131 -6.41 -12.43 -0.55
CA ALA B 131 -7.19 -11.45 0.20
C ALA B 131 -6.34 -10.68 1.22
N ALA B 132 -5.39 -11.36 1.85
CA ALA B 132 -4.55 -10.73 2.86
C ALA B 132 -3.72 -9.62 2.23
N LEU B 133 -3.17 -9.92 1.07
CA LEU B 133 -2.32 -8.97 0.37
C LEU B 133 -3.13 -7.77 -0.12
N GLU B 134 -4.35 -8.00 -0.63
CA GLU B 134 -5.18 -6.88 -1.10
C GLU B 134 -5.66 -6.05 0.09
N ALA B 135 -5.90 -6.71 1.21
CA ALA B 135 -6.41 -6.03 2.38
C ALA B 135 -5.36 -5.12 2.99
N ARG B 136 -4.08 -5.41 2.73
CA ARG B 136 -2.99 -4.61 3.26
C ARG B 136 -2.97 -3.21 2.64
N VAL B 137 -3.48 -3.07 1.41
CA VAL B 137 -3.52 -1.75 0.75
C VAL B 137 -4.94 -1.26 0.46
N ALA B 138 -5.95 -1.92 1.01
CA ALA B 138 -7.34 -1.51 0.79
C ALA B 138 -7.67 -0.19 1.48
N ASN B 139 -8.18 0.77 0.72
CA ASN B 139 -8.60 2.05 1.30
C ASN B 139 -10.07 2.36 1.04
N THR B 140 -10.87 1.32 0.76
CA THR B 140 -12.32 1.43 0.59
C THR B 140 -13.02 0.31 1.36
N LYS B 141 -14.27 0.51 1.77
CA LYS B 141 -15.03 -0.56 2.42
C LYS B 141 -15.79 -1.39 1.37
N PRO B 142 -15.92 -2.70 1.60
CA PRO B 142 -16.75 -3.48 0.67
C PRO B 142 -18.19 -2.97 0.69
N LYS B 143 -18.87 -3.01 -0.46
CA LYS B 143 -20.24 -2.52 -0.55
C LYS B 143 -21.27 -3.65 -0.39
N THR B 144 -20.95 -4.83 -0.90
CA THR B 144 -21.87 -5.97 -0.83
C THR B 144 -21.33 -7.09 0.05
N PHE B 145 -22.25 -7.91 0.55
CA PHE B 145 -21.93 -9.12 1.30
C PHE B 145 -20.89 -9.94 0.53
N ASP B 146 -21.08 -10.09 -0.77
CA ASP B 146 -20.14 -10.88 -1.54
C ASP B 146 -18.75 -10.29 -1.54
N GLU B 147 -18.64 -8.96 -1.73
CA GLU B 147 -17.35 -8.30 -1.73
C GLU B 147 -16.68 -8.50 -0.38
N TRP B 148 -17.46 -8.36 0.68
CA TRP B 148 -16.98 -8.57 2.02
C TRP B 148 -16.42 -9.98 2.17
N ILE B 149 -17.19 -10.97 1.75
CA ILE B 149 -16.77 -12.36 1.84
C ILE B 149 -15.42 -12.60 1.18
N VAL B 150 -15.29 -12.18 -0.08
CA VAL B 150 -14.06 -12.38 -0.83
C VAL B 150 -12.89 -11.63 -0.18
N ARG B 151 -13.12 -10.36 0.14
CA ARG B 151 -12.13 -9.50 0.81
C ARG B 151 -11.59 -10.04 2.11
N MET B 152 -12.44 -10.72 2.87
CA MET B 152 -12.05 -11.19 4.18
C MET B 152 -11.67 -12.67 4.20
N MET B 153 -12.08 -13.43 3.18
CA MET B 153 -11.81 -14.88 3.18
C MET B 153 -11.17 -15.44 1.93
N GLY B 154 -11.20 -14.65 0.86
CA GLY B 154 -10.69 -15.10 -0.42
C GLY B 154 -11.67 -15.97 -1.17
N THR B 155 -11.39 -16.13 -2.45
CA THR B 155 -12.24 -16.88 -3.37
C THR B 155 -12.48 -18.36 -2.97
N GLY B 156 -11.41 -19.07 -2.58
CA GLY B 156 -11.49 -20.48 -2.23
C GLY B 156 -12.56 -20.79 -1.19
N ILE B 157 -12.48 -20.11 -0.06
CA ILE B 157 -13.51 -20.23 0.96
C ILE B 157 -14.87 -19.66 0.51
N ALA B 158 -14.85 -18.59 -0.29
CA ALA B 158 -16.11 -18.03 -0.81
C ALA B 158 -16.92 -19.10 -1.55
N ASP B 159 -16.28 -19.70 -2.55
CA ASP B 159 -16.92 -20.67 -3.42
C ASP B 159 -17.28 -21.94 -2.68
N LEU B 160 -16.40 -22.38 -1.79
CA LEU B 160 -16.56 -23.66 -1.15
C LEU B 160 -17.63 -23.65 -0.07
N PHE B 161 -17.84 -22.51 0.59
CA PHE B 161 -18.83 -22.48 1.68
C PHE B 161 -19.75 -21.25 1.72
N MET B 162 -19.16 -20.05 1.71
CA MET B 162 -19.91 -18.84 2.04
C MET B 162 -20.99 -18.48 1.04
N ARG B 163 -20.66 -18.59 -0.24
CA ARG B 163 -21.61 -18.27 -1.31
C ARG B 163 -22.75 -19.29 -1.41
N PRO B 164 -22.46 -20.60 -1.52
CA PRO B 164 -23.65 -21.48 -1.57
C PRO B 164 -24.43 -21.48 -0.25
N TYR B 165 -23.74 -21.47 0.89
CA TYR B 165 -24.49 -21.51 2.14
C TYR B 165 -25.44 -20.31 2.26
N ASN B 166 -24.92 -19.12 2.01
CA ASN B 166 -25.74 -17.93 2.23
C ASN B 166 -26.89 -17.78 1.26
N PHE B 167 -26.71 -18.20 0.01
CA PHE B 167 -27.88 -18.26 -0.87
C PHE B 167 -28.93 -19.19 -0.25
N LYS B 168 -28.50 -20.36 0.20
CA LYS B 168 -29.41 -21.36 0.74
C LYS B 168 -30.17 -20.85 1.97
N VAL B 169 -29.57 -19.93 2.73
CA VAL B 169 -30.30 -19.45 3.90
C VAL B 169 -31.01 -18.11 3.64
N TRP B 170 -30.37 -17.18 2.95
CA TRP B 170 -31.00 -15.87 2.71
C TRP B 170 -32.01 -15.92 1.54
N ALA B 171 -31.93 -16.96 0.72
CA ALA B 171 -32.73 -17.10 -0.52
C ALA B 171 -32.56 -15.91 -1.48
N VAL B 172 -31.41 -15.25 -1.40
CA VAL B 172 -30.93 -14.30 -2.41
C VAL B 172 -29.41 -14.47 -2.54
N PRO B 173 -28.82 -14.05 -3.67
CA PRO B 173 -27.37 -14.18 -3.81
C PRO B 173 -26.63 -13.22 -2.89
N THR B 174 -25.40 -13.55 -2.53
CA THR B 174 -24.57 -12.71 -1.68
C THR B 174 -24.36 -11.31 -2.27
N THR B 175 -24.38 -11.23 -3.60
CA THR B 175 -24.20 -9.97 -4.31
C THR B 175 -25.35 -9.02 -4.11
N LYS B 176 -26.50 -9.51 -3.67
CA LYS B 176 -27.67 -8.65 -3.47
C LYS B 176 -27.79 -8.10 -2.03
N MET B 177 -26.84 -8.43 -1.18
CA MET B 177 -26.97 -8.00 0.21
C MET B 177 -25.89 -6.98 0.58
N GLN B 178 -26.24 -6.05 1.46
CA GLN B 178 -25.23 -5.18 2.07
C GLN B 178 -24.35 -6.02 3.02
N CYS B 179 -23.44 -5.37 3.75
CA CYS B 179 -22.49 -6.08 4.60
C CYS B 179 -22.19 -5.35 5.92
N ALA B 180 -23.01 -4.37 6.27
CA ALA B 180 -22.81 -3.61 7.50
C ALA B 180 -23.41 -4.33 8.71
N TRP B 181 -24.13 -5.40 8.42
CA TRP B 181 -24.93 -6.12 9.42
C TRP B 181 -24.17 -7.25 10.11
N LEU B 182 -23.00 -7.63 9.59
CA LEU B 182 -22.47 -8.95 9.95
C LEU B 182 -21.37 -9.00 11.03
N GLY B 183 -21.12 -7.89 11.73
CA GLY B 183 -20.15 -7.88 12.82
C GLY B 183 -20.07 -9.14 13.69
N GLU B 184 -21.21 -9.55 14.27
CA GLU B 184 -21.26 -10.70 15.18
C GLU B 184 -21.87 -11.97 14.56
N ARG B 185 -21.96 -12.03 13.24
CA ARG B 185 -22.54 -13.18 12.56
C ARG B 185 -21.52 -13.97 11.75
N VAL B 186 -20.61 -13.24 11.11
CA VAL B 186 -19.67 -13.86 10.17
C VAL B 186 -18.22 -13.62 10.61
N ALA B 187 -17.54 -14.67 11.02
CA ALA B 187 -16.15 -14.55 11.48
C ALA B 187 -15.24 -14.17 10.32
N ALA B 188 -14.33 -13.22 10.57
CA ALA B 188 -13.30 -12.93 9.58
C ALA B 188 -12.05 -13.72 9.96
N PRO B 189 -11.56 -14.56 9.02
CA PRO B 189 -10.40 -15.40 9.30
C PRO B 189 -9.06 -14.63 9.30
N ASN B 190 -8.29 -14.90 10.36
CA ASN B 190 -6.92 -14.46 10.47
C ASN B 190 -6.02 -15.41 9.67
N LEU B 191 -5.32 -14.90 8.65
CA LEU B 191 -4.47 -15.76 7.81
C LEU B 191 -3.49 -16.58 8.64
N LYS B 192 -2.86 -15.94 9.62
CA LYS B 192 -1.90 -16.64 10.46
C LYS B 192 -2.55 -17.75 11.30
N ALA B 193 -3.68 -17.45 11.93
CA ALA B 193 -4.36 -18.40 12.76
C ALA B 193 -4.81 -19.59 11.92
N VAL B 194 -5.49 -19.30 10.81
CA VAL B 194 -5.99 -20.34 9.93
C VAL B 194 -4.88 -21.24 9.38
N THR B 195 -3.77 -20.61 8.97
CA THR B 195 -2.61 -21.35 8.46
C THR B 195 -1.92 -22.16 9.55
N THR B 196 -1.86 -21.58 10.74
CA THR B 196 -1.21 -22.26 11.84
C THR B 196 -1.97 -23.53 12.18
N ASN B 197 -3.29 -23.45 12.21
CA ASN B 197 -4.08 -24.63 12.51
C ASN B 197 -4.06 -25.66 11.38
N VAL B 198 -3.92 -25.21 10.13
CA VAL B 198 -3.74 -26.15 9.02
C VAL B 198 -2.43 -26.93 9.22
N ILE B 199 -1.36 -26.22 9.56
CA ILE B 199 -0.06 -26.84 9.74
C ILE B 199 -0.06 -27.82 10.93
N LEU B 200 -0.69 -27.42 12.02
CA LEU B 200 -0.69 -28.22 13.24
C LEU B 200 -1.79 -29.30 13.23
N GLY B 201 -2.76 -29.17 12.34
CA GLY B 201 -3.92 -30.05 12.33
C GLY B 201 -4.83 -29.82 13.54
N LYS B 202 -4.98 -28.57 13.96
CA LYS B 202 -5.81 -28.20 15.10
C LYS B 202 -7.20 -27.69 14.66
N THR B 203 -8.10 -27.51 15.63
CA THR B 203 -9.43 -26.94 15.39
C THR B 203 -9.66 -25.64 16.18
N ALA B 204 -10.62 -24.82 15.73
CA ALA B 204 -10.97 -23.56 16.42
C ALA B 204 -12.48 -23.34 16.46
N GLY B 205 -13.15 -23.89 17.48
CA GLY B 205 -14.60 -23.83 17.58
C GLY B 205 -15.20 -22.83 18.54
N ASN B 206 -14.38 -21.91 19.09
CA ASN B 206 -14.86 -21.02 20.15
C ASN B 206 -15.46 -19.68 19.70
N TRP B 207 -15.34 -19.34 18.41
CA TRP B 207 -15.77 -18.02 17.91
C TRP B 207 -17.23 -17.67 18.20
N GLY B 208 -17.44 -16.47 18.76
CA GLY B 208 -18.78 -15.91 18.80
C GLY B 208 -19.42 -15.75 20.16
N PRO B 209 -20.75 -15.55 20.18
CA PRO B 209 -21.54 -15.27 21.38
C PRO B 209 -22.25 -16.48 22.00
N ASN B 210 -22.45 -17.57 21.24
CA ASN B 210 -23.26 -18.69 21.72
C ASN B 210 -22.52 -20.00 22.01
N ALA B 211 -21.29 -19.89 22.53
CA ALA B 211 -20.49 -21.03 22.99
C ALA B 211 -21.10 -21.77 24.21
N THR B 212 -22.12 -21.18 24.80
CA THR B 212 -22.84 -21.80 25.89
C THR B 212 -24.22 -21.20 25.91
N PHE B 213 -25.24 -22.04 25.89
CA PHE B 213 -26.58 -21.50 25.95
C PHE B 213 -27.42 -22.26 26.94
N ARG B 214 -28.50 -21.62 27.37
CA ARG B 214 -29.48 -22.29 28.19
C ARG B 214 -30.77 -22.41 27.38
N PHE B 215 -31.44 -23.55 27.54
CA PHE B 215 -32.66 -23.80 26.81
C PHE B 215 -33.75 -24.22 27.79
N PRO B 216 -34.99 -23.74 27.60
CA PRO B 216 -36.03 -24.07 28.57
C PRO B 216 -36.28 -25.56 28.65
N ALA B 217 -36.47 -26.06 29.86
CA ALA B 217 -36.71 -27.48 30.10
C ALA B 217 -38.03 -27.94 29.47
N ARG B 218 -39.06 -27.11 29.53
CA ARG B 218 -40.37 -27.54 29.05
C ARG B 218 -41.03 -26.52 28.11
N GLY B 219 -41.75 -27.02 27.12
CA GLY B 219 -42.53 -26.17 26.23
C GLY B 219 -41.71 -25.46 25.15
N GLY B 220 -40.45 -25.85 24.99
CA GLY B 220 -39.60 -25.23 23.99
C GLY B 220 -39.36 -23.75 24.27
N THR B 221 -38.81 -23.05 23.29
CA THR B 221 -38.57 -21.62 23.42
C THR B 221 -39.87 -20.85 23.71
N GLY B 222 -40.98 -21.36 23.18
CA GLY B 222 -42.28 -20.77 23.46
C GLY B 222 -42.67 -20.76 24.93
N GLY B 223 -42.10 -21.67 25.71
CA GLY B 223 -42.38 -21.73 27.14
C GLY B 223 -41.94 -20.45 27.85
N ILE B 224 -40.85 -19.87 27.37
CA ILE B 224 -40.34 -18.61 27.90
C ILE B 224 -41.36 -17.47 27.79
N TRP B 225 -41.93 -17.27 26.60
CA TRP B 225 -42.74 -16.09 26.38
C TRP B 225 -44.13 -16.26 26.96
N ILE B 226 -44.61 -17.50 27.02
CA ILE B 226 -45.81 -17.79 27.78
C ILE B 226 -45.61 -17.37 29.23
N ALA B 227 -44.50 -17.81 29.81
CA ALA B 227 -44.19 -17.47 31.20
C ALA B 227 -44.01 -15.95 31.41
N VAL B 228 -43.28 -15.30 30.50
CA VAL B 228 -43.06 -13.85 30.61
C VAL B 228 -44.40 -13.12 30.57
N ALA B 229 -45.23 -13.45 29.59
CA ALA B 229 -46.54 -12.84 29.45
C ALA B 229 -47.40 -13.08 30.69
N ASN B 230 -47.20 -14.22 31.33
CA ASN B 230 -47.94 -14.55 32.54
C ASN B 230 -47.66 -13.63 33.72
N THR B 231 -46.52 -12.95 33.72
CA THR B 231 -46.21 -12.03 34.80
C THR B 231 -46.88 -10.66 34.60
N LEU B 232 -47.48 -10.44 33.44
CA LEU B 232 -48.19 -9.20 33.18
C LEU B 232 -49.58 -9.21 33.82
N PRO B 233 -50.15 -8.02 34.12
CA PRO B 233 -51.54 -7.98 34.61
C PRO B 233 -52.50 -8.35 33.50
N LYS B 234 -53.26 -9.43 33.68
CA LYS B 234 -54.08 -10.02 32.61
C LYS B 234 -55.05 -9.02 31.96
N GLU B 235 -55.61 -8.13 32.77
CA GLU B 235 -56.59 -7.16 32.29
C GLU B 235 -55.99 -6.11 31.36
N LYS B 236 -54.67 -6.09 31.23
CA LYS B 236 -54.02 -5.17 30.29
C LYS B 236 -53.65 -5.90 29.00
N THR B 237 -54.07 -7.17 28.89
CA THR B 237 -53.78 -7.96 27.69
C THR B 237 -55.06 -8.33 26.96
N ARG B 238 -54.92 -8.52 25.64
CA ARG B 238 -56.02 -8.94 24.80
C ARG B 238 -55.49 -9.85 23.70
N PHE B 239 -55.38 -11.13 24.02
CA PHE B 239 -54.74 -12.10 23.14
C PHE B 239 -55.77 -13.04 22.51
N GLY B 240 -55.74 -13.18 21.19
CA GLY B 240 -56.70 -14.00 20.47
C GLY B 240 -57.40 -13.17 19.42
N GLU B 241 -58.48 -13.71 18.85
CA GLU B 241 -59.24 -13.02 17.82
C GLU B 241 -59.71 -11.65 18.33
N LYS B 242 -59.97 -11.59 19.64
CA LYS B 242 -60.41 -10.35 20.28
C LYS B 242 -59.32 -9.28 20.27
N GLY B 243 -58.07 -9.67 19.98
CA GLY B 243 -56.97 -8.72 19.96
C GLY B 243 -56.30 -8.57 18.60
N LYS B 244 -57.00 -8.98 17.54
CA LYS B 244 -56.45 -8.87 16.20
C LYS B 244 -56.68 -7.46 15.67
N VAL B 245 -55.61 -6.82 15.22
CA VAL B 245 -55.71 -5.48 14.71
C VAL B 245 -56.00 -5.55 13.22
N THR B 246 -57.02 -4.83 12.77
CA THR B 246 -57.39 -4.82 11.35
C THR B 246 -57.25 -3.43 10.70
N LYS B 247 -57.37 -2.38 11.50
CA LYS B 247 -57.22 -1.03 10.99
C LYS B 247 -56.38 -0.17 11.93
N VAL B 248 -55.51 0.67 11.37
CA VAL B 248 -54.77 1.67 12.14
C VAL B 248 -55.00 3.05 11.53
N ASN B 249 -55.62 3.93 12.30
CA ASN B 249 -55.90 5.28 11.87
C ASN B 249 -54.92 6.26 12.51
N ALA B 250 -53.77 6.43 11.87
CA ALA B 250 -52.67 7.20 12.45
C ALA B 250 -53.06 8.65 12.75
N ASN B 251 -54.00 9.21 12.00
CA ASN B 251 -54.40 10.62 12.22
C ASN B 251 -55.20 10.83 13.50
N ASN B 252 -56.22 9.99 13.70
CA ASN B 252 -57.03 10.05 14.92
C ASN B 252 -56.39 9.31 16.08
N LYS B 253 -55.27 8.65 15.82
CA LYS B 253 -54.61 7.79 16.78
C LYS B 253 -55.61 6.79 17.34
N THR B 254 -56.17 6.01 16.43
CA THR B 254 -57.17 5.00 16.77
C THR B 254 -56.83 3.70 16.06
N VAL B 255 -57.01 2.61 16.78
CA VAL B 255 -56.80 1.28 16.23
C VAL B 255 -58.12 0.55 16.28
N THR B 256 -58.44 -0.20 15.23
CA THR B 256 -59.67 -0.99 15.24
C THR B 256 -59.36 -2.48 15.25
N LEU B 257 -60.01 -3.20 16.15
CA LEU B 257 -59.81 -4.64 16.23
C LEU B 257 -60.82 -5.39 15.36
N GLN B 258 -60.56 -6.67 15.13
CA GLN B 258 -61.43 -7.48 14.30
C GLN B 258 -62.86 -7.56 14.83
N ASP B 259 -63.02 -7.52 16.15
CA ASP B 259 -64.36 -7.60 16.73
C ASP B 259 -65.05 -6.23 16.79
N GLY B 260 -64.44 -5.21 16.20
CA GLY B 260 -65.03 -3.88 16.17
C GLY B 260 -64.57 -2.93 17.25
N THR B 261 -63.84 -3.44 18.24
CA THR B 261 -63.32 -2.58 19.31
C THR B 261 -62.39 -1.48 18.77
N THR B 262 -62.60 -0.26 19.24
CA THR B 262 -61.66 0.81 18.95
C THR B 262 -60.82 1.11 20.19
N ILE B 263 -59.53 1.31 19.96
CA ILE B 263 -58.61 1.73 21.02
C ILE B 263 -57.92 3.02 20.61
N GLY B 264 -58.09 4.07 21.42
CA GLY B 264 -57.33 5.29 21.22
C GLY B 264 -56.03 5.21 21.98
N TYR B 265 -54.99 5.82 21.42
CA TYR B 265 -53.66 5.82 22.03
C TYR B 265 -53.00 7.18 21.89
N LYS B 266 -52.06 7.49 22.77
CA LYS B 266 -51.22 8.67 22.56
C LYS B 266 -49.93 8.27 21.85
N LYS B 267 -49.43 7.07 22.13
CA LYS B 267 -48.22 6.54 21.49
C LYS B 267 -48.47 5.08 21.12
N LEU B 268 -47.99 4.68 19.96
CA LEU B 268 -48.22 3.32 19.48
C LEU B 268 -46.90 2.63 19.27
N VAL B 269 -46.75 1.49 19.93
CA VAL B 269 -45.60 0.62 19.70
C VAL B 269 -46.10 -0.56 18.86
N SER B 270 -45.72 -0.59 17.59
CA SER B 270 -46.23 -1.61 16.69
C SER B 270 -45.11 -2.59 16.37
N THR B 271 -45.39 -3.87 16.57
CA THR B 271 -44.37 -4.90 16.41
C THR B 271 -44.76 -5.93 15.38
N MET B 272 -45.93 -5.74 14.78
CA MET B 272 -46.31 -6.53 13.61
C MET B 272 -45.38 -6.10 12.47
N ALA B 273 -45.21 -6.96 11.47
CA ALA B 273 -44.40 -6.60 10.29
C ALA B 273 -44.83 -5.25 9.73
N VAL B 274 -43.86 -4.40 9.41
CA VAL B 274 -44.19 -3.02 9.08
C VAL B 274 -44.97 -2.91 7.76
N ASP B 275 -44.75 -3.87 6.86
CA ASP B 275 -45.56 -3.94 5.64
C ASP B 275 -47.04 -4.27 5.96
N PHE B 276 -47.27 -5.15 6.94
CA PHE B 276 -48.63 -5.36 7.45
C PHE B 276 -49.19 -4.06 8.03
N LEU B 277 -48.37 -3.36 8.79
CA LEU B 277 -48.79 -2.08 9.38
C LEU B 277 -49.22 -1.08 8.30
N ALA B 278 -48.42 -0.96 7.24
CA ALA B 278 -48.73 -0.06 6.13
C ALA B 278 -50.13 -0.31 5.55
N GLU B 279 -50.48 -1.58 5.38
CA GLU B 279 -51.79 -1.96 4.81
C GLU B 279 -52.91 -1.63 5.77
N ALA B 280 -52.69 -1.91 7.06
CA ALA B 280 -53.70 -1.67 8.07
C ALA B 280 -53.89 -0.18 8.28
N MET B 281 -52.88 0.59 7.90
CA MET B 281 -52.97 2.04 7.95
C MET B 281 -53.69 2.59 6.74
N ASN B 282 -53.90 1.75 5.73
CA ASN B 282 -54.43 2.20 4.44
C ASN B 282 -53.66 3.39 3.90
N ASP B 283 -52.35 3.37 4.16
CA ASP B 283 -51.45 4.45 3.79
C ASP B 283 -50.68 4.00 2.55
N GLN B 284 -51.10 4.50 1.40
CA GLN B 284 -50.62 3.96 0.15
C GLN B 284 -49.15 4.24 -0.10
N GLU B 285 -48.68 5.43 0.28
CA GLU B 285 -47.25 5.74 0.14
C GLU B 285 -46.41 4.74 0.94
N LEU B 286 -46.83 4.48 2.18
CA LEU B 286 -46.12 3.54 3.05
C LEU B 286 -46.20 2.11 2.53
N VAL B 287 -47.37 1.72 2.00
CA VAL B 287 -47.47 0.43 1.37
C VAL B 287 -46.41 0.31 0.27
N GLY B 288 -46.33 1.33 -0.57
CA GLY B 288 -45.34 1.37 -1.63
C GLY B 288 -43.94 1.15 -1.09
N LEU B 289 -43.53 2.02 -0.15
CA LEU B 289 -42.21 1.90 0.47
C LEU B 289 -41.97 0.51 1.08
N THR B 290 -42.93 -0.04 1.82
CA THR B 290 -42.68 -1.31 2.48
C THR B 290 -42.49 -2.47 1.48
N LYS B 291 -43.12 -2.37 0.31
CA LYS B 291 -42.91 -3.39 -0.73
C LYS B 291 -41.50 -3.34 -1.33
N GLN B 292 -40.75 -2.28 -1.02
CA GLN B 292 -39.36 -2.20 -1.46
C GLN B 292 -38.42 -2.97 -0.51
N LEU B 293 -38.96 -3.44 0.62
CA LEU B 293 -38.20 -4.29 1.52
C LEU B 293 -38.26 -5.70 0.97
N PHE B 294 -37.36 -6.56 1.46
CA PHE B 294 -37.33 -7.94 1.00
C PHE B 294 -37.28 -8.82 2.24
N TYR B 295 -37.92 -9.98 2.15
CA TYR B 295 -37.86 -10.97 3.22
C TYR B 295 -37.93 -12.36 2.61
N SER B 296 -37.43 -13.35 3.34
CA SER B 296 -37.57 -14.72 2.91
C SER B 296 -38.56 -15.38 3.86
N SER B 297 -39.28 -16.37 3.33
CA SER B 297 -40.10 -17.26 4.16
C SER B 297 -39.28 -18.42 4.73
N THR B 298 -39.72 -18.96 5.86
CA THR B 298 -39.04 -20.10 6.49
C THR B 298 -39.93 -21.35 6.54
N HIS B 299 -39.46 -22.44 5.93
CA HIS B 299 -40.14 -23.74 6.11
C HIS B 299 -39.45 -24.50 7.24
N VAL B 300 -40.20 -24.82 8.28
CA VAL B 300 -39.67 -25.66 9.36
C VAL B 300 -40.15 -27.10 9.15
N ILE B 301 -39.22 -28.05 9.13
CA ILE B 301 -39.56 -29.45 9.02
C ILE B 301 -39.05 -30.15 10.26
N GLY B 302 -39.93 -30.90 10.92
CA GLY B 302 -39.56 -31.68 12.08
C GLY B 302 -39.63 -33.16 11.75
N VAL B 303 -38.64 -33.91 12.24
CA VAL B 303 -38.59 -35.35 12.03
C VAL B 303 -38.31 -36.05 13.34
N GLY B 304 -39.27 -36.87 13.77
CA GLY B 304 -39.16 -37.64 15.00
C GLY B 304 -38.67 -39.04 14.71
N VAL B 305 -37.64 -39.51 15.41
CA VAL B 305 -36.97 -40.75 15.04
C VAL B 305 -36.88 -41.73 16.22
N ARG B 306 -37.20 -43.00 15.99
CA ARG B 306 -37.07 -44.04 17.01
C ARG B 306 -35.62 -44.44 17.20
N GLY B 307 -35.22 -44.58 18.46
CA GLY B 307 -33.90 -45.08 18.75
C GLY B 307 -33.20 -44.26 19.81
N SER B 308 -32.25 -44.86 20.50
CA SER B 308 -31.38 -44.09 21.37
C SER B 308 -30.53 -43.24 20.45
N ARG B 309 -30.11 -42.07 20.93
CA ARG B 309 -29.36 -41.14 20.10
C ARG B 309 -28.12 -41.77 19.47
N PRO B 310 -28.06 -41.79 18.14
CA PRO B 310 -26.94 -42.42 17.43
C PRO B 310 -25.58 -41.78 17.75
N GLU B 311 -24.56 -42.63 17.73
CA GLU B 311 -23.21 -42.19 18.03
C GLU B 311 -22.73 -41.14 17.05
N ARG B 312 -23.10 -41.28 15.77
CA ARG B 312 -22.70 -40.33 14.73
C ARG B 312 -23.30 -38.95 14.97
N ILE B 313 -24.40 -38.92 15.73
CA ILE B 313 -25.06 -37.67 16.05
C ILE B 313 -24.42 -37.01 17.28
N GLY B 314 -24.35 -37.75 18.38
CA GLY B 314 -23.68 -37.29 19.58
C GLY B 314 -24.25 -36.01 20.16
N ASP B 315 -23.37 -35.14 20.63
CA ASP B 315 -23.79 -33.91 21.30
C ASP B 315 -23.93 -32.74 20.34
N LYS B 316 -23.99 -33.04 19.04
CA LYS B 316 -24.20 -32.00 18.04
C LYS B 316 -25.46 -31.17 18.35
N CYS B 317 -25.35 -29.85 18.19
CA CYS B 317 -26.50 -28.98 18.43
C CYS B 317 -27.15 -28.51 17.15
N TRP B 318 -26.46 -27.65 16.40
CA TRP B 318 -26.99 -27.29 15.10
C TRP B 318 -25.90 -27.42 14.07
N LEU B 319 -26.33 -27.59 12.83
CA LEU B 319 -25.48 -28.05 11.75
C LEU B 319 -25.77 -27.23 10.49
N TYR B 320 -24.73 -26.86 9.74
CA TYR B 320 -24.91 -26.08 8.51
C TYR B 320 -24.67 -26.93 7.25
N PHE B 321 -25.45 -26.69 6.21
CA PHE B 321 -25.37 -27.47 4.98
C PHE B 321 -25.30 -26.60 3.73
N PRO B 322 -24.07 -26.24 3.32
CA PRO B 322 -23.84 -25.45 2.09
C PRO B 322 -24.09 -26.25 0.80
N GLU B 323 -24.02 -27.58 0.87
CA GLU B 323 -24.08 -28.40 -0.34
C GLU B 323 -25.49 -28.62 -0.84
N ASP B 324 -25.61 -29.01 -2.11
CA ASP B 324 -26.90 -29.10 -2.77
C ASP B 324 -27.47 -30.50 -2.78
N ASN B 325 -27.01 -31.35 -1.86
CA ASN B 325 -27.54 -32.70 -1.74
C ASN B 325 -28.66 -32.73 -0.70
N CYS B 326 -29.10 -31.55 -0.26
CA CYS B 326 -30.19 -31.47 0.69
C CYS B 326 -30.81 -30.09 0.64
N PRO B 327 -32.14 -29.99 0.84
CA PRO B 327 -32.82 -28.71 0.68
C PRO B 327 -32.59 -27.74 1.81
N PHE B 328 -32.35 -28.27 3.00
CA PHE B 328 -32.26 -27.43 4.19
C PHE B 328 -30.90 -26.78 4.36
N TYR B 329 -30.88 -25.56 4.90
CA TYR B 329 -29.61 -24.86 5.21
C TYR B 329 -29.14 -25.21 6.62
N ARG B 330 -30.07 -25.57 7.50
CA ARG B 330 -29.69 -25.95 8.87
C ARG B 330 -30.53 -27.09 9.47
N ALA B 331 -29.86 -27.92 10.25
CA ALA B 331 -30.49 -28.95 11.06
C ALA B 331 -30.17 -28.70 12.52
N THR B 332 -31.16 -28.89 13.38
CA THR B 332 -30.92 -28.82 14.81
C THR B 332 -31.27 -30.16 15.42
N ILE B 333 -30.39 -30.69 16.27
CA ILE B 333 -30.72 -31.90 17.03
C ILE B 333 -31.54 -31.47 18.23
N PHE B 334 -32.84 -31.30 18.02
CA PHE B 334 -33.68 -30.61 19.00
C PHE B 334 -33.85 -31.46 20.25
N SER B 335 -33.58 -32.74 20.13
CA SER B 335 -33.77 -33.64 21.25
C SER B 335 -32.60 -33.50 22.20
N ASN B 336 -31.50 -32.92 21.72
CA ASN B 336 -30.36 -32.62 22.60
C ASN B 336 -30.60 -31.39 23.48
N TYR B 337 -31.65 -30.61 23.19
CA TYR B 337 -31.83 -29.34 23.89
C TYR B 337 -32.60 -29.53 25.19
N SER B 338 -33.57 -30.44 25.15
CA SER B 338 -34.34 -30.85 26.31
C SER B 338 -34.90 -32.25 26.14
N PRO B 339 -34.84 -33.07 27.22
CA PRO B 339 -35.51 -34.37 27.24
C PRO B 339 -37.01 -34.24 27.04
N TYR B 340 -37.55 -33.03 27.24
CA TYR B 340 -39.00 -32.84 27.13
C TYR B 340 -39.40 -32.21 25.81
N ASN B 341 -38.50 -32.25 24.83
CA ASN B 341 -38.86 -31.82 23.49
C ASN B 341 -39.47 -32.98 22.68
N GLN B 342 -39.54 -34.16 23.30
CA GLN B 342 -40.06 -35.37 22.64
C GLN B 342 -40.54 -36.41 23.68
N PRO B 343 -41.30 -37.44 23.24
CA PRO B 343 -41.85 -38.35 24.25
C PRO B 343 -40.78 -39.13 25.03
N GLU B 344 -41.14 -39.49 26.26
CA GLU B 344 -40.36 -40.41 27.06
C GLU B 344 -40.26 -41.77 26.35
N ALA B 345 -39.29 -42.57 26.76
CA ALA B 345 -38.97 -43.82 26.11
C ALA B 345 -40.09 -44.86 26.14
N SER B 346 -40.95 -44.80 27.16
CA SER B 346 -42.01 -45.80 27.29
C SER B 346 -43.23 -45.45 26.43
N ALA B 347 -43.25 -44.25 25.87
CA ALA B 347 -44.32 -43.85 24.96
C ALA B 347 -44.32 -44.77 23.75
N ALA B 348 -45.45 -45.40 23.48
CA ALA B 348 -45.54 -46.32 22.34
C ALA B 348 -46.01 -45.58 21.09
N LEU B 349 -45.29 -45.78 19.98
CA LEU B 349 -45.61 -45.10 18.73
C LEU B 349 -45.34 -46.01 17.54
N PRO B 350 -46.25 -46.02 16.56
CA PRO B 350 -45.98 -46.82 15.36
C PRO B 350 -45.02 -46.09 14.42
N THR B 351 -44.33 -46.85 13.59
CA THR B 351 -43.45 -46.28 12.60
C THR B 351 -44.27 -45.74 11.41
N MET B 352 -44.13 -44.47 11.10
CA MET B 352 -44.90 -43.86 10.02
C MET B 352 -44.28 -44.20 8.68
N GLN B 353 -42.96 -44.13 8.64
CA GLN B 353 -42.20 -44.46 7.43
C GLN B 353 -40.75 -44.72 7.81
N LEU B 354 -40.02 -45.38 6.91
CA LEU B 354 -38.57 -45.45 7.02
C LEU B 354 -37.94 -44.24 6.32
N ALA B 355 -36.71 -43.91 6.69
CA ALA B 355 -36.04 -42.75 6.12
C ALA B 355 -35.81 -42.92 4.62
N ASP B 356 -35.73 -44.16 4.14
CA ASP B 356 -35.54 -44.37 2.70
C ASP B 356 -36.83 -44.13 1.94
N GLY B 357 -37.90 -43.84 2.68
CA GLY B 357 -39.17 -43.51 2.07
C GLY B 357 -40.21 -44.61 2.05
N SER B 358 -39.85 -45.83 2.48
CA SER B 358 -40.80 -46.93 2.39
C SER B 358 -41.76 -46.96 3.58
N ARG B 359 -42.94 -47.53 3.34
CA ARG B 359 -43.89 -47.86 4.40
C ARG B 359 -43.28 -48.93 5.30
N PRO B 360 -43.66 -48.94 6.58
CA PRO B 360 -43.11 -49.92 7.51
C PRO B 360 -43.86 -51.25 7.39
N GLN B 361 -43.32 -52.31 7.98
CA GLN B 361 -43.97 -53.63 7.97
C GLN B 361 -45.39 -53.55 8.52
N SER B 362 -45.51 -53.09 9.76
CA SER B 362 -46.78 -53.10 10.49
C SER B 362 -47.14 -51.79 11.14
N THR B 363 -48.37 -51.72 11.64
CA THR B 363 -48.83 -50.58 12.40
C THR B 363 -48.52 -50.73 13.89
N GLU B 364 -47.66 -51.67 14.25
CA GLU B 364 -47.37 -51.96 15.65
C GLU B 364 -46.74 -50.75 16.36
N ALA B 365 -47.31 -50.35 17.50
CA ALA B 365 -46.72 -49.25 18.27
C ALA B 365 -45.60 -49.81 19.10
N LYS B 366 -44.40 -49.33 18.83
CA LYS B 366 -43.24 -49.78 19.58
C LYS B 366 -42.77 -48.64 20.49
N GLU B 367 -42.00 -48.97 21.52
CA GLU B 367 -41.54 -47.97 22.46
C GLU B 367 -40.35 -47.20 21.91
N GLY B 368 -39.88 -46.21 22.67
CA GLY B 368 -38.72 -45.42 22.30
C GLY B 368 -37.40 -46.07 22.69
N PRO B 369 -36.38 -45.27 23.08
CA PRO B 369 -36.43 -43.81 23.16
C PRO B 369 -36.52 -43.15 21.81
N TYR B 370 -36.67 -41.82 21.82
CA TYR B 370 -36.86 -41.08 20.61
C TYR B 370 -35.86 -39.93 20.55
N TRP B 371 -35.37 -39.61 19.37
CA TRP B 371 -34.65 -38.35 19.21
C TRP B 371 -35.30 -37.57 18.07
N SER B 372 -34.81 -36.36 17.80
CA SER B 372 -35.59 -35.42 16.98
C SER B 372 -34.72 -34.47 16.17
N ILE B 373 -35.01 -34.34 14.88
CA ILE B 373 -34.34 -33.39 14.02
C ILE B 373 -35.28 -32.28 13.54
N MET B 374 -34.81 -31.04 13.62
CA MET B 374 -35.59 -29.90 13.18
C MET B 374 -34.81 -29.23 12.05
N LEU B 375 -35.48 -29.06 10.91
CA LEU B 375 -34.83 -28.59 9.68
C LEU B 375 -35.40 -27.24 9.23
N GLU B 376 -34.57 -26.42 8.60
CA GLU B 376 -35.06 -25.18 8.00
C GLU B 376 -34.69 -25.05 6.52
N VAL B 377 -35.67 -24.59 5.75
CA VAL B 377 -35.56 -24.44 4.31
C VAL B 377 -36.11 -23.05 4.01
N SER B 378 -35.34 -22.23 3.30
CA SER B 378 -35.79 -20.87 2.97
C SER B 378 -36.54 -20.80 1.64
N GLU B 379 -37.38 -19.77 1.49
CA GLU B 379 -38.11 -19.51 0.27
C GLU B 379 -38.18 -18.01 0.00
N SER B 380 -38.03 -17.62 -1.26
CA SER B 380 -38.28 -16.25 -1.69
C SER B 380 -38.69 -16.24 -3.15
N SER B 381 -38.91 -15.05 -3.69
CA SER B 381 -39.23 -14.93 -5.11
C SER B 381 -38.04 -15.36 -5.97
N MET B 382 -36.85 -15.42 -5.37
CA MET B 382 -35.66 -15.90 -6.08
C MET B 382 -35.36 -17.38 -5.80
N LYS B 383 -36.20 -18.03 -5.02
CA LYS B 383 -35.93 -19.41 -4.55
C LYS B 383 -37.25 -20.06 -4.16
N PRO B 384 -37.99 -20.58 -5.15
CA PRO B 384 -39.27 -21.25 -4.85
C PRO B 384 -39.07 -22.57 -4.11
N VAL B 385 -40.06 -22.93 -3.30
CA VAL B 385 -40.06 -24.22 -2.63
C VAL B 385 -41.33 -24.98 -3.01
N ASN B 386 -41.19 -26.22 -3.45
CA ASN B 386 -42.33 -27.09 -3.71
C ASN B 386 -42.86 -27.64 -2.39
N GLN B 387 -43.91 -27.01 -1.87
CA GLN B 387 -44.45 -27.31 -0.55
C GLN B 387 -44.97 -28.75 -0.43
N GLU B 388 -45.41 -29.32 -1.55
CA GLU B 388 -46.02 -30.65 -1.56
C GLU B 388 -44.96 -31.72 -1.40
N THR B 389 -43.71 -31.39 -1.70
CA THR B 389 -42.67 -32.41 -1.64
C THR B 389 -41.55 -32.09 -0.65
N ILE B 390 -41.64 -30.94 0.03
CA ILE B 390 -40.46 -30.44 0.75
C ILE B 390 -40.12 -31.38 1.90
N LEU B 391 -41.14 -32.00 2.51
CA LEU B 391 -40.95 -32.95 3.60
C LEU B 391 -40.14 -34.17 3.13
N ALA B 392 -40.57 -34.79 2.04
CA ALA B 392 -39.86 -35.96 1.51
C ALA B 392 -38.46 -35.59 1.08
N ASP B 393 -38.31 -34.43 0.46
CA ASP B 393 -37.00 -33.95 0.04
C ASP B 393 -36.08 -33.77 1.24
N CYS B 394 -36.62 -33.20 2.32
CA CYS B 394 -35.85 -33.03 3.54
C CYS B 394 -35.38 -34.37 4.08
N ILE B 395 -36.30 -35.33 4.11
CA ILE B 395 -35.99 -36.66 4.63
C ILE B 395 -34.93 -37.35 3.77
N GLN B 396 -35.07 -37.27 2.45
CA GLN B 396 -34.03 -37.78 1.58
C GLN B 396 -32.72 -37.03 1.86
N GLY B 397 -32.82 -35.73 2.15
CA GLY B 397 -31.68 -34.92 2.50
C GLY B 397 -30.91 -35.50 3.69
N LEU B 398 -31.65 -35.96 4.69
CA LEU B 398 -31.10 -36.55 5.91
C LEU B 398 -30.34 -37.84 5.61
N VAL B 399 -30.78 -38.54 4.57
CA VAL B 399 -30.15 -39.79 4.16
C VAL B 399 -28.87 -39.46 3.39
N ASN B 400 -28.97 -38.54 2.42
CA ASN B 400 -27.81 -38.08 1.65
C ASN B 400 -26.66 -37.56 2.51
N THR B 401 -27.00 -36.89 3.61
CA THR B 401 -26.00 -36.34 4.54
C THR B 401 -25.67 -37.29 5.69
N GLU B 402 -26.14 -38.54 5.61
CA GLU B 402 -25.86 -39.58 6.61
C GLU B 402 -26.32 -39.25 8.03
N MET B 403 -27.18 -38.25 8.15
CA MET B 403 -27.92 -38.00 9.38
C MET B 403 -28.83 -39.17 9.79
N LEU B 404 -29.61 -39.65 8.83
CA LEU B 404 -30.42 -40.85 9.01
C LEU B 404 -29.90 -41.99 8.14
N LYS B 405 -29.97 -43.21 8.67
CA LYS B 405 -29.77 -44.40 7.87
C LYS B 405 -31.06 -44.66 7.10
N PRO B 406 -30.95 -45.34 5.94
CA PRO B 406 -32.15 -45.68 5.16
C PRO B 406 -33.18 -46.42 6.00
N THR B 407 -32.70 -47.20 6.95
CA THR B 407 -33.56 -48.02 7.79
C THR B 407 -34.04 -47.33 9.06
N ASP B 408 -33.68 -46.06 9.25
CA ASP B 408 -34.14 -45.37 10.45
C ASP B 408 -35.67 -45.22 10.44
N GLU B 409 -36.28 -45.35 11.60
CA GLU B 409 -37.73 -45.39 11.74
C GLU B 409 -38.28 -44.04 12.18
N ILE B 410 -39.03 -43.39 11.29
CA ILE B 410 -39.60 -42.07 11.56
C ILE B 410 -40.99 -42.23 12.17
N VAL B 411 -41.21 -41.60 13.33
CA VAL B 411 -42.47 -41.78 14.07
C VAL B 411 -43.31 -40.52 14.16
N SER B 412 -42.76 -39.41 13.66
CA SER B 412 -43.53 -38.17 13.66
C SER B 412 -42.95 -37.24 12.60
N THR B 413 -43.80 -36.46 11.96
CA THR B 413 -43.33 -35.47 11.00
C THR B 413 -44.12 -34.18 11.18
N TYR B 414 -43.46 -33.08 10.81
CA TYR B 414 -43.95 -31.73 11.01
C TYR B 414 -43.50 -30.86 9.87
N HIS B 415 -44.41 -30.08 9.32
CA HIS B 415 -44.03 -29.05 8.35
C HIS B 415 -44.94 -27.86 8.47
N ARG B 416 -44.34 -26.68 8.56
CA ARG B 416 -45.09 -25.45 8.63
C ARG B 416 -44.30 -24.34 7.96
N ARG B 417 -44.99 -23.54 7.16
CA ARG B 417 -44.37 -22.42 6.44
C ARG B 417 -44.65 -21.13 7.18
N PHE B 418 -43.61 -20.41 7.54
CA PHE B 418 -43.75 -19.07 8.13
C PHE B 418 -43.42 -17.97 7.10
N ASP B 419 -44.42 -17.22 6.69
CA ASP B 419 -44.28 -16.29 5.56
C ASP B 419 -43.14 -15.27 5.72
N HIS B 420 -43.18 -14.49 6.79
CA HIS B 420 -42.06 -13.65 7.18
C HIS B 420 -41.13 -14.42 8.11
N GLY B 421 -40.02 -14.90 7.58
CA GLY B 421 -39.03 -15.61 8.36
C GLY B 421 -37.82 -14.75 8.67
N TYR B 422 -37.12 -14.32 7.61
CA TYR B 422 -35.96 -13.46 7.76
C TYR B 422 -36.19 -12.12 7.06
N PRO B 423 -35.90 -11.01 7.75
CA PRO B 423 -35.81 -9.69 7.07
C PRO B 423 -34.47 -9.59 6.35
N THR B 424 -34.46 -9.49 5.03
CA THR B 424 -33.21 -9.58 4.30
C THR B 424 -32.40 -8.26 4.34
N PRO B 425 -31.11 -8.34 4.70
CA PRO B 425 -30.29 -7.13 4.61
C PRO B 425 -29.84 -6.88 3.17
N THR B 426 -30.78 -6.49 2.32
CA THR B 426 -30.49 -6.13 0.94
C THR B 426 -29.73 -4.80 0.85
N LEU B 427 -29.18 -4.54 -0.33
CA LEU B 427 -28.52 -3.26 -0.59
C LEU B 427 -29.47 -2.10 -0.34
N GLU B 428 -30.74 -2.30 -0.69
CA GLU B 428 -31.72 -1.22 -0.65
C GLU B 428 -32.31 -0.99 0.73
N ARG B 429 -32.02 -1.88 1.67
CA ARG B 429 -32.76 -1.93 2.92
C ARG B 429 -32.72 -0.60 3.68
N GLU B 430 -31.51 -0.08 3.93
CA GLU B 430 -31.37 1.15 4.71
C GLU B 430 -32.00 2.35 4.03
N GLY B 431 -31.80 2.47 2.71
CA GLY B 431 -32.40 3.57 1.97
C GLY B 431 -33.93 3.56 2.11
N THR B 432 -34.50 2.37 2.17
CA THR B 432 -35.95 2.25 2.25
C THR B 432 -36.45 2.51 3.66
N LEU B 433 -35.72 1.96 4.64
CA LEU B 433 -36.11 2.07 6.03
C LEU B 433 -36.04 3.52 6.51
N THR B 434 -35.06 4.26 6.02
CA THR B 434 -34.92 5.64 6.48
C THR B 434 -36.01 6.53 5.88
N GLN B 435 -36.74 6.03 4.89
CA GLN B 435 -37.97 6.69 4.44
C GLN B 435 -39.19 6.21 5.23
N ILE B 436 -39.15 4.99 5.77
CA ILE B 436 -40.33 4.42 6.44
C ILE B 436 -40.43 4.77 7.92
N LEU B 437 -39.36 4.51 8.66
CA LEU B 437 -39.41 4.57 10.10
C LEU B 437 -39.56 6.00 10.64
N PRO B 438 -38.82 6.99 10.07
CA PRO B 438 -39.07 8.35 10.51
C PRO B 438 -40.48 8.87 10.21
N LYS B 439 -41.07 8.41 9.10
CA LYS B 439 -42.44 8.81 8.76
C LYS B 439 -43.44 8.26 9.79
N LEU B 440 -43.25 7.01 10.18
CA LEU B 440 -44.07 6.42 11.23
C LEU B 440 -43.77 7.13 12.57
N GLN B 441 -42.50 7.43 12.81
CA GLN B 441 -42.10 8.16 14.01
C GLN B 441 -42.83 9.51 14.14
N ASP B 442 -42.94 10.24 13.04
CA ASP B 442 -43.56 11.56 13.06
C ASP B 442 -45.07 11.49 13.32
N LYS B 443 -45.62 10.28 13.26
CA LYS B 443 -47.04 10.09 13.56
C LYS B 443 -47.19 9.44 14.93
N ASP B 444 -46.11 9.45 15.71
CA ASP B 444 -46.07 8.85 17.04
C ASP B 444 -46.29 7.34 16.99
N ILE B 445 -45.71 6.71 15.97
CA ILE B 445 -45.70 5.27 15.88
C ILE B 445 -44.28 4.76 15.96
N TRP B 446 -44.04 3.94 16.96
CA TRP B 446 -42.77 3.24 17.11
C TRP B 446 -42.90 1.85 16.49
N SER B 447 -42.42 1.68 15.26
CA SER B 447 -42.46 0.37 14.60
C SER B 447 -41.17 -0.39 14.90
N ARG B 448 -41.25 -1.50 15.62
CA ARG B 448 -40.04 -2.16 16.11
C ARG B 448 -40.15 -3.67 16.15
N GLY B 449 -39.03 -4.34 15.94
CA GLY B 449 -38.98 -5.78 16.06
C GLY B 449 -38.38 -6.39 14.83
N ARG B 450 -38.42 -7.73 14.76
CA ARG B 450 -37.76 -8.43 13.67
C ARG B 450 -38.31 -7.95 12.34
N PHE B 451 -39.62 -7.79 12.26
CA PHE B 451 -40.21 -7.20 11.07
C PHE B 451 -40.84 -5.84 11.33
N GLY B 452 -40.88 -5.45 12.60
CA GLY B 452 -41.28 -4.10 12.96
C GLY B 452 -40.30 -3.06 12.44
N SER B 453 -39.00 -3.31 12.64
CA SER B 453 -37.98 -2.42 12.11
C SER B 453 -36.99 -3.12 11.16
N TRP B 454 -37.14 -4.44 10.99
CA TRP B 454 -36.61 -5.15 9.82
C TRP B 454 -35.08 -5.27 9.76
N ARG B 455 -34.43 -5.28 10.93
CA ARG B 455 -32.98 -5.36 10.97
C ARG B 455 -32.48 -6.66 11.62
N TYR B 456 -32.03 -7.58 10.78
CA TYR B 456 -31.61 -8.89 11.22
C TYR B 456 -30.49 -8.82 12.26
N GLU B 457 -29.56 -7.88 12.11
CA GLU B 457 -28.41 -7.82 13.03
C GLU B 457 -28.85 -7.50 14.47
N VAL B 458 -30.06 -6.96 14.63
CA VAL B 458 -30.66 -6.86 15.96
C VAL B 458 -31.98 -7.61 15.93
N GLY B 459 -31.91 -8.84 15.42
CA GLY B 459 -33.11 -9.57 15.08
C GLY B 459 -33.41 -10.75 15.98
N ASN B 460 -32.56 -10.97 16.98
CA ASN B 460 -32.73 -12.09 17.91
C ASN B 460 -33.73 -11.79 19.03
N GLN B 461 -34.03 -12.81 19.84
CA GLN B 461 -34.98 -12.67 20.95
C GLN B 461 -34.60 -11.58 21.93
N ASP B 462 -33.34 -11.51 22.31
CA ASP B 462 -32.91 -10.49 23.26
C ASP B 462 -32.99 -9.09 22.63
N HIS B 463 -32.48 -8.94 21.41
CA HIS B 463 -32.63 -7.71 20.61
C HIS B 463 -34.08 -7.24 20.50
N SER B 464 -34.93 -8.17 20.08
CA SER B 464 -36.34 -7.87 19.84
C SER B 464 -36.98 -7.33 21.11
N PHE B 465 -36.83 -8.10 22.18
CA PHE B 465 -37.32 -7.74 23.50
C PHE B 465 -36.84 -6.33 23.89
N MET B 466 -35.54 -6.09 23.73
CA MET B 466 -34.97 -4.79 24.09
C MET B 466 -35.40 -3.66 23.15
N LEU B 467 -35.78 -4.00 21.92
CA LEU B 467 -36.31 -2.97 21.03
C LEU B 467 -37.63 -2.44 21.59
N GLY B 468 -38.43 -3.35 22.15
CA GLY B 468 -39.68 -2.97 22.78
C GLY B 468 -39.40 -2.22 24.07
N VAL B 469 -38.48 -2.74 24.87
CA VAL B 469 -38.12 -2.09 26.11
C VAL B 469 -37.62 -0.67 25.85
N GLU B 470 -36.72 -0.52 24.87
CA GLU B 470 -36.11 0.78 24.61
C GLU B 470 -37.08 1.77 23.99
N ALA B 471 -38.01 1.28 23.17
CA ALA B 471 -39.06 2.12 22.64
C ALA B 471 -39.89 2.76 23.77
N VAL B 472 -40.23 1.97 24.78
CA VAL B 472 -40.98 2.46 25.93
C VAL B 472 -40.15 3.46 26.71
N ASP B 473 -38.86 3.16 26.82
CA ASP B 473 -37.94 4.01 27.53
C ASP B 473 -37.74 5.35 26.82
N ASN B 474 -37.71 5.31 25.49
CA ASN B 474 -37.66 6.52 24.67
C ASN B 474 -38.94 7.35 24.87
N ILE B 475 -40.09 6.68 24.75
CA ILE B 475 -41.39 7.33 24.96
C ILE B 475 -41.55 7.99 26.33
N VAL B 476 -41.12 7.29 27.37
CA VAL B 476 -41.36 7.74 28.74
C VAL B 476 -40.20 8.54 29.36
N ASN B 477 -38.98 8.04 29.17
CA ASN B 477 -37.81 8.57 29.88
C ASN B 477 -36.80 9.27 28.97
N GLY B 478 -37.17 9.47 27.72
CA GLY B 478 -36.27 10.11 26.76
C GLY B 478 -34.98 9.35 26.52
N ALA B 479 -35.05 8.02 26.61
CA ALA B 479 -33.87 7.18 26.43
C ALA B 479 -33.47 7.10 24.96
N VAL B 480 -32.20 6.86 24.70
CA VAL B 480 -31.74 6.59 23.34
C VAL B 480 -32.15 5.17 22.89
N GLU B 481 -32.71 5.07 21.70
CA GLU B 481 -33.00 3.77 21.16
C GLU B 481 -31.71 3.21 20.54
N LEU B 482 -30.87 2.65 21.40
CA LEU B 482 -29.54 2.19 21.04
C LEU B 482 -29.55 0.95 20.15
N THR B 483 -30.36 -0.03 20.54
CA THR B 483 -30.45 -1.28 19.79
C THR B 483 -30.97 -1.03 18.37
N LEU B 484 -31.96 -0.15 18.24
CA LEU B 484 -32.50 0.18 16.94
C LEU B 484 -31.47 0.85 16.01
N ASN B 485 -30.83 1.90 16.51
CA ASN B 485 -29.95 2.71 15.68
C ASN B 485 -28.48 2.29 15.70
N TYR B 486 -28.05 1.56 16.72
CA TYR B 486 -26.63 1.22 16.78
C TYR B 486 -26.35 -0.24 17.14
N PRO B 487 -26.67 -1.17 16.22
CA PRO B 487 -26.44 -2.60 16.44
C PRO B 487 -25.03 -2.95 16.90
N ASP B 488 -24.01 -2.33 16.30
CA ASP B 488 -22.63 -2.68 16.66
C ASP B 488 -22.35 -2.26 18.08
N PHE B 489 -23.00 -1.18 18.51
CA PHE B 489 -22.77 -0.65 19.83
C PHE B 489 -23.40 -1.57 20.87
N VAL B 490 -24.65 -1.96 20.69
CA VAL B 490 -25.23 -2.87 21.68
C VAL B 490 -24.63 -4.27 21.59
N ASN B 491 -24.25 -4.72 20.40
CA ASN B 491 -23.73 -6.09 20.27
C ASN B 491 -22.30 -6.26 20.78
N GLY B 492 -21.56 -5.15 20.84
CA GLY B 492 -20.17 -5.19 21.28
C GLY B 492 -19.92 -4.86 22.75
N ARG B 493 -20.98 -4.75 23.54
CA ARG B 493 -20.82 -4.41 24.94
C ARG B 493 -21.71 -5.30 25.81
N GLN B 494 -21.43 -5.31 27.11
CA GLN B 494 -22.36 -5.93 28.04
C GLN B 494 -23.35 -4.88 28.50
N ASN B 495 -24.64 -5.09 28.23
CA ASN B 495 -25.62 -4.08 28.59
C ASN B 495 -26.22 -4.38 29.96
N THR B 496 -25.58 -3.81 30.98
CA THR B 496 -25.89 -4.13 32.37
C THR B 496 -26.66 -3.04 33.11
N GLU B 497 -26.75 -1.85 32.53
CA GLU B 497 -27.31 -0.71 33.25
C GLU B 497 -28.79 -0.84 33.55
N ARG B 498 -29.59 -1.22 32.56
CA ARG B 498 -31.02 -1.32 32.75
C ARG B 498 -31.41 -2.65 33.42
N ARG B 499 -32.20 -2.57 34.49
CA ARG B 499 -32.61 -3.75 35.24
C ARG B 499 -34.13 -3.80 35.42
N LEU B 500 -34.65 -4.98 35.75
CA LEU B 500 -36.09 -5.15 35.98
C LEU B 500 -36.52 -4.40 37.25
N VAL B 501 -35.57 -4.22 38.18
CA VAL B 501 -35.74 -3.34 39.32
C VAL B 501 -34.69 -2.23 39.25
N ASP B 502 -35.12 -1.02 38.88
CA ASP B 502 -34.21 0.13 38.79
C ASP B 502 -34.33 0.97 40.05
N GLY B 503 -33.42 1.92 40.24
CA GLY B 503 -33.47 2.82 41.39
C GLY B 503 -34.86 3.41 41.61
N ALA B 504 -35.54 3.75 40.52
CA ALA B 504 -36.90 4.29 40.57
C ALA B 504 -37.83 3.47 41.44
N GLN B 505 -37.84 2.16 41.20
CA GLN B 505 -38.75 1.30 41.96
C GLN B 505 -38.24 1.12 43.39
N VAL B 506 -36.92 1.09 43.56
CA VAL B 506 -36.33 0.97 44.90
C VAL B 506 -36.72 2.16 45.78
N PHE B 507 -36.59 3.36 45.23
CA PHE B 507 -36.85 4.57 46.00
C PHE B 507 -38.33 4.77 46.27
N ALA B 508 -39.16 4.46 45.27
CA ALA B 508 -40.60 4.61 45.40
C ALA B 508 -41.15 3.73 46.53
N LYS B 509 -40.53 2.57 46.72
CA LYS B 509 -40.91 1.67 47.82
C LYS B 509 -40.15 2.05 49.08
N SER B 510 -40.26 3.32 49.47
CA SER B 510 -39.60 3.83 50.67
C SER B 510 -40.26 5.13 51.13
N HIS C 6 66.02 -0.58 -24.14
CA HIS C 6 64.97 -1.36 -24.79
C HIS C 6 64.75 -2.69 -24.07
N PRO C 7 63.47 -3.06 -23.86
CA PRO C 7 63.10 -4.28 -23.13
C PRO C 7 63.62 -5.56 -23.80
N ASP C 8 63.64 -6.67 -23.07
CA ASP C 8 64.06 -7.95 -23.64
C ASP C 8 63.04 -8.46 -24.65
N ILE C 9 61.75 -8.26 -24.34
CA ILE C 9 60.65 -8.66 -25.21
C ILE C 9 59.70 -7.48 -25.37
N SER C 10 59.12 -7.34 -26.56
CA SER C 10 58.05 -6.36 -26.79
C SER C 10 56.86 -7.00 -27.47
N VAL C 11 55.67 -6.77 -26.90
CA VAL C 11 54.41 -7.18 -27.52
C VAL C 11 53.39 -6.07 -27.41
N ASP C 12 52.33 -6.17 -28.21
CA ASP C 12 51.25 -5.20 -28.13
C ASP C 12 50.48 -5.39 -26.84
N VAL C 13 50.06 -6.63 -26.59
CA VAL C 13 49.25 -6.94 -25.41
C VAL C 13 49.88 -8.05 -24.58
N LEU C 14 50.29 -7.70 -23.37
CA LEU C 14 50.82 -8.68 -22.43
C LEU C 14 49.74 -9.07 -21.45
N VAL C 15 49.56 -10.38 -21.26
CA VAL C 15 48.57 -10.89 -20.33
C VAL C 15 49.26 -11.53 -19.15
N ILE C 16 49.00 -11.02 -17.96
CA ILE C 16 49.55 -11.61 -16.74
C ILE C 16 48.55 -12.59 -16.15
N GLY C 17 48.96 -13.84 -15.97
CA GLY C 17 48.10 -14.85 -15.37
C GLY C 17 47.40 -15.76 -16.37
N ALA C 18 47.45 -17.06 -16.12
CA ALA C 18 46.83 -18.05 -17.01
C ALA C 18 45.82 -18.93 -16.27
N GLY C 19 45.06 -18.33 -15.36
CA GLY C 19 43.81 -18.90 -14.92
C GLY C 19 42.79 -18.69 -16.03
N PRO C 20 41.51 -18.96 -15.75
CA PRO C 20 40.45 -18.75 -16.74
C PRO C 20 40.46 -17.37 -17.40
N THR C 21 40.69 -16.31 -16.63
CA THR C 21 40.63 -14.96 -17.19
C THR C 21 41.75 -14.73 -18.21
N GLY C 22 42.99 -14.99 -17.81
CA GLY C 22 44.11 -14.85 -18.73
C GLY C 22 43.98 -15.72 -19.97
N LEU C 23 43.51 -16.95 -19.78
CA LEU C 23 43.36 -17.88 -20.90
C LEU C 23 42.27 -17.37 -21.82
N GLY C 24 41.26 -16.71 -21.26
CA GLY C 24 40.24 -16.06 -22.06
C GLY C 24 40.85 -14.98 -22.95
N ALA C 25 41.63 -14.10 -22.34
CA ALA C 25 42.31 -13.04 -23.07
C ALA C 25 43.19 -13.63 -24.17
N ALA C 26 43.88 -14.71 -23.82
CA ALA C 26 44.81 -15.36 -24.73
C ALA C 26 44.09 -16.03 -25.89
N LYS C 27 42.98 -16.70 -25.59
CA LYS C 27 42.20 -17.38 -26.61
C LYS C 27 41.67 -16.38 -27.64
N ARG C 28 41.22 -15.22 -27.15
CA ARG C 28 40.65 -14.23 -28.04
C ARG C 28 41.73 -13.57 -28.90
N LEU C 29 42.88 -13.32 -28.31
CA LEU C 29 44.02 -12.77 -29.03
C LEU C 29 44.46 -13.74 -30.12
N ASN C 30 44.53 -15.01 -29.77
CA ASN C 30 44.93 -16.06 -30.70
C ASN C 30 43.97 -16.16 -31.87
N GLN C 31 42.68 -16.02 -31.57
CA GLN C 31 41.65 -16.06 -32.60
C GLN C 31 41.73 -14.85 -33.51
N ILE C 32 41.78 -13.66 -32.92
CA ILE C 32 41.85 -12.43 -33.69
C ILE C 32 43.12 -12.42 -34.54
N ASP C 33 44.23 -12.83 -33.93
CA ASP C 33 45.50 -13.00 -34.62
C ASP C 33 45.93 -11.71 -35.32
N GLY C 34 45.77 -10.60 -34.61
CA GLY C 34 46.14 -9.30 -35.13
C GLY C 34 47.36 -8.84 -34.38
N PRO C 35 47.15 -8.08 -33.30
CA PRO C 35 48.24 -7.58 -32.46
C PRO C 35 49.08 -8.71 -31.87
N SER C 36 50.37 -8.42 -31.64
CA SER C 36 51.26 -9.38 -31.01
C SER C 36 50.91 -9.50 -29.54
N TRP C 37 51.16 -10.67 -28.97
CA TRP C 37 50.80 -10.88 -27.58
C TRP C 37 51.60 -12.00 -26.94
N MET C 38 51.40 -12.13 -25.63
CA MET C 38 52.16 -13.04 -24.81
C MET C 38 51.47 -13.22 -23.48
N ILE C 39 51.38 -14.46 -23.01
CA ILE C 39 50.80 -14.69 -21.70
C ILE C 39 51.85 -15.30 -20.77
N VAL C 40 51.88 -14.84 -19.52
CA VAL C 40 52.79 -15.39 -18.54
C VAL C 40 52.03 -15.88 -17.31
N ASP C 41 52.68 -16.73 -16.53
CA ASP C 41 52.13 -17.22 -15.27
C ASP C 41 53.27 -17.76 -14.42
N SER C 42 53.20 -17.55 -13.11
CA SER C 42 54.24 -18.01 -12.18
C SER C 42 54.18 -19.52 -11.99
N ASN C 43 53.05 -20.11 -12.34
CA ASN C 43 52.85 -21.55 -12.23
C ASN C 43 53.11 -22.27 -13.55
N GLU C 44 53.79 -23.42 -13.50
CA GLU C 44 54.03 -24.21 -14.71
C GLU C 44 52.71 -24.74 -15.28
N THR C 45 51.69 -24.86 -14.43
CA THR C 45 50.40 -25.41 -14.82
C THR C 45 49.34 -24.33 -14.81
N PRO C 46 48.73 -24.05 -15.97
CA PRO C 46 47.67 -23.03 -16.03
C PRO C 46 46.40 -23.49 -15.33
N GLY C 47 45.55 -22.56 -14.93
CA GLY C 47 44.30 -22.92 -14.28
C GLY C 47 43.94 -22.12 -13.04
N GLY C 48 44.95 -21.58 -12.34
CA GLY C 48 44.73 -20.81 -11.14
C GLY C 48 43.78 -21.48 -10.17
N LEU C 49 42.75 -20.76 -9.74
CA LEU C 49 41.81 -21.27 -8.74
C LEU C 49 40.91 -22.36 -9.33
N ALA C 50 41.00 -22.56 -10.64
CA ALA C 50 40.26 -23.62 -11.29
C ALA C 50 41.19 -24.80 -11.57
N SER C 51 42.28 -24.89 -10.80
CA SER C 51 43.18 -26.03 -10.89
C SER C 51 42.68 -27.18 -10.04
N THR C 52 43.39 -28.30 -10.13
CA THR C 52 43.09 -29.52 -9.36
C THR C 52 44.37 -30.08 -8.74
N ASP C 53 44.28 -30.54 -7.49
CA ASP C 53 45.39 -31.23 -6.84
C ASP C 53 45.13 -32.73 -6.77
N VAL C 54 46.17 -33.52 -6.54
CA VAL C 54 45.96 -34.93 -6.28
C VAL C 54 46.80 -35.41 -5.08
N THR C 55 46.16 -36.08 -4.14
CA THR C 55 46.84 -36.61 -2.96
C THR C 55 47.79 -37.72 -3.40
N PRO C 56 48.78 -38.07 -2.55
CA PRO C 56 49.68 -39.17 -2.92
C PRO C 56 48.95 -40.50 -3.09
N GLU C 57 47.75 -40.61 -2.52
CA GLU C 57 47.00 -41.84 -2.61
C GLU C 57 46.09 -41.86 -3.84
N GLY C 58 46.09 -40.77 -4.61
CA GLY C 58 45.39 -40.74 -5.88
C GLY C 58 43.99 -40.15 -5.83
N PHE C 59 43.73 -39.32 -4.82
CA PHE C 59 42.47 -38.60 -4.75
C PHE C 59 42.63 -37.16 -5.25
N LEU C 60 41.83 -36.81 -6.26
CA LEU C 60 41.85 -35.47 -6.83
C LEU C 60 41.00 -34.53 -6.00
N TYR C 61 41.43 -33.28 -5.87
CA TYR C 61 40.56 -32.26 -5.31
C TYR C 61 40.66 -30.91 -6.06
N ASP C 62 39.51 -30.40 -6.48
CA ASP C 62 39.39 -29.05 -7.01
C ASP C 62 39.65 -28.07 -5.87
N VAL C 63 39.72 -26.79 -6.18
CA VAL C 63 39.78 -25.77 -5.13
C VAL C 63 38.35 -25.53 -4.63
N GLY C 64 37.83 -26.51 -3.89
CA GLY C 64 36.45 -26.46 -3.42
C GLY C 64 35.49 -26.83 -4.53
N GLY C 65 34.19 -26.89 -4.23
CA GLY C 65 33.18 -27.27 -5.20
C GLY C 65 33.19 -26.36 -6.43
N HIS C 66 33.43 -26.94 -7.60
CA HIS C 66 33.46 -26.21 -8.87
C HIS C 66 32.45 -26.79 -9.85
N VAL C 67 31.35 -26.09 -10.06
CA VAL C 67 30.32 -26.55 -10.98
C VAL C 67 30.07 -25.49 -12.04
N ILE C 68 30.21 -25.89 -13.31
CA ILE C 68 30.09 -24.96 -14.43
C ILE C 68 28.65 -24.68 -14.82
N ALA C 69 28.28 -23.40 -14.79
CA ALA C 69 27.02 -22.97 -15.38
C ALA C 69 27.32 -21.82 -16.35
N SER C 70 27.45 -22.15 -17.63
CA SER C 70 27.92 -21.20 -18.61
C SER C 70 26.86 -20.20 -19.04
N HIS C 71 27.25 -18.93 -19.17
CA HIS C 71 26.34 -17.92 -19.70
C HIS C 71 26.74 -17.50 -21.12
N TYR C 72 27.71 -18.20 -21.69
CA TYR C 72 28.26 -17.75 -22.96
C TYR C 72 28.52 -18.87 -23.97
N LYS C 73 28.10 -18.66 -25.22
CA LYS C 73 28.41 -19.61 -26.28
C LYS C 73 29.92 -19.69 -26.48
N TYR C 74 30.59 -18.54 -26.38
CA TYR C 74 32.02 -18.46 -26.65
C TYR C 74 32.80 -19.35 -25.70
N PHE C 75 32.40 -19.31 -24.43
CA PHE C 75 32.97 -20.17 -23.40
C PHE C 75 32.76 -21.64 -23.77
N ASP C 76 31.55 -22.01 -24.19
CA ASP C 76 31.26 -23.39 -24.60
C ASP C 76 32.13 -23.82 -25.79
N ASP C 77 32.28 -22.94 -26.77
CA ASP C 77 33.13 -23.23 -27.92
C ASP C 77 34.53 -23.65 -27.49
N CYS C 78 35.08 -22.93 -26.51
CA CYS C 78 36.47 -23.17 -26.11
C CYS C 78 36.59 -24.46 -25.31
N LEU C 79 35.60 -24.75 -24.46
CA LEU C 79 35.60 -26.01 -23.74
C LEU C 79 35.41 -27.17 -24.71
N ASP C 80 34.51 -27.03 -25.69
CA ASP C 80 34.31 -28.07 -26.70
C ASP C 80 35.58 -28.31 -27.52
N GLU C 81 36.26 -27.23 -27.89
CA GLU C 81 37.49 -27.37 -28.66
C GLU C 81 38.52 -28.12 -27.82
N ALA C 82 38.65 -27.71 -26.57
CA ALA C 82 39.66 -28.29 -25.69
C ALA C 82 39.38 -29.75 -25.35
N LEU C 83 38.13 -30.06 -25.07
CA LEU C 83 37.72 -31.40 -24.72
C LEU C 83 36.55 -31.81 -25.61
N PRO C 84 36.85 -32.25 -26.84
CA PRO C 84 35.85 -32.49 -27.88
C PRO C 84 35.14 -33.84 -27.81
N LYS C 85 35.71 -34.83 -27.14
CA LYS C 85 35.15 -36.17 -27.13
C LYS C 85 33.95 -36.24 -26.18
N GLU C 86 32.95 -37.04 -26.55
CA GLU C 86 31.76 -37.16 -25.71
C GLU C 86 32.11 -37.80 -24.37
N ASP C 87 33.14 -38.64 -24.33
CA ASP C 87 33.55 -39.22 -23.06
C ASP C 87 34.70 -38.44 -22.41
N ASP C 88 34.86 -37.18 -22.81
CA ASP C 88 35.71 -36.25 -22.07
C ASP C 88 34.95 -35.69 -20.86
N TRP C 89 33.63 -35.91 -20.85
CA TRP C 89 32.76 -35.28 -19.88
C TRP C 89 31.75 -36.24 -19.29
N TYR C 90 31.24 -35.89 -18.11
CA TYR C 90 30.08 -36.56 -17.53
C TYR C 90 29.03 -35.54 -17.16
N THR C 91 27.78 -35.90 -17.42
CA THR C 91 26.65 -35.04 -17.13
C THR C 91 25.99 -35.47 -15.84
N HIS C 92 25.66 -34.50 -15.00
CA HIS C 92 24.94 -34.78 -13.76
C HIS C 92 23.81 -33.78 -13.53
N GLN C 93 22.78 -34.19 -12.82
CA GLN C 93 21.76 -33.25 -12.40
C GLN C 93 22.30 -32.38 -11.27
N ARG C 94 21.82 -31.14 -11.17
CA ARG C 94 22.29 -30.19 -10.15
C ARG C 94 21.65 -30.46 -8.78
N ILE C 95 22.09 -31.52 -8.12
CA ILE C 95 21.48 -31.99 -6.88
C ILE C 95 22.12 -31.40 -5.64
N SER C 96 21.35 -30.67 -4.84
CA SER C 96 21.92 -30.05 -3.65
C SER C 96 20.93 -30.03 -2.50
N TYR C 97 21.48 -30.11 -1.29
CA TYR C 97 20.70 -30.17 -0.06
C TYR C 97 21.30 -29.29 1.02
N VAL C 98 20.43 -28.83 1.92
CA VAL C 98 20.82 -28.07 3.09
C VAL C 98 20.70 -29.02 4.29
N ARG C 99 21.78 -29.12 5.08
CA ARG C 99 21.74 -29.93 6.30
C ARG C 99 21.15 -29.08 7.40
N CYS C 100 20.01 -29.52 7.94
CA CYS C 100 19.34 -28.77 8.98
C CYS C 100 18.66 -29.71 9.95
N GLN C 101 19.04 -29.65 11.22
CA GLN C 101 18.38 -30.42 12.28
C GLN C 101 18.16 -31.89 11.92
N GLY C 102 19.23 -32.59 11.57
CA GLY C 102 19.16 -34.02 11.37
C GLY C 102 18.64 -34.45 10.00
N GLN C 103 18.30 -33.47 9.17
CA GLN C 103 17.66 -33.70 7.88
C GLN C 103 18.48 -33.20 6.68
N TRP C 104 18.33 -33.89 5.55
CA TRP C 104 18.86 -33.39 4.29
C TRP C 104 17.73 -32.68 3.58
N VAL C 105 17.70 -31.36 3.68
CA VAL C 105 16.63 -30.58 3.09
C VAL C 105 16.99 -30.14 1.66
N PRO C 106 16.18 -30.56 0.67
CA PRO C 106 16.46 -30.17 -0.72
C PRO C 106 16.53 -28.66 -0.90
N TYR C 107 17.45 -28.23 -1.75
CA TYR C 107 17.50 -26.84 -2.14
C TYR C 107 16.45 -26.64 -3.25
N PRO C 108 15.72 -25.51 -3.25
CA PRO C 108 15.80 -24.39 -2.30
C PRO C 108 15.12 -24.69 -0.97
N PHE C 109 15.75 -24.22 0.10
CA PHE C 109 15.38 -24.55 1.45
C PHE C 109 13.93 -24.21 1.78
N GLN C 110 13.48 -23.03 1.41
CA GLN C 110 12.15 -22.58 1.84
C GLN C 110 11.02 -23.40 1.21
N ASN C 111 11.28 -24.06 0.08
CA ASN C 111 10.25 -24.88 -0.54
C ASN C 111 10.17 -26.28 0.07
N ASN C 112 10.91 -26.50 1.14
CA ASN C 112 11.05 -27.85 1.67
C ASN C 112 11.01 -27.92 3.18
N ILE C 113 10.53 -26.85 3.82
CA ILE C 113 10.53 -26.80 5.27
C ILE C 113 9.50 -27.76 5.86
N SER C 114 8.74 -28.45 5.02
CA SER C 114 7.82 -29.48 5.53
C SER C 114 8.59 -30.61 6.23
N MET C 115 9.90 -30.71 5.96
CA MET C 115 10.72 -31.73 6.64
C MET C 115 11.02 -31.38 8.09
N LEU C 116 10.80 -30.11 8.45
CA LEU C 116 11.08 -29.61 9.80
C LEU C 116 9.93 -29.92 10.76
N PRO C 117 10.19 -29.82 12.07
CA PRO C 117 9.06 -29.98 13.00
C PRO C 117 7.97 -28.91 12.80
N LYS C 118 6.72 -29.29 13.04
CA LYS C 118 5.57 -28.45 12.77
C LYS C 118 5.67 -27.07 13.41
N GLU C 119 6.12 -27.04 14.66
CA GLU C 119 6.31 -25.79 15.39
C GLU C 119 7.19 -24.83 14.61
N GLU C 120 8.24 -25.35 13.97
CA GLU C 120 9.12 -24.49 13.20
C GLU C 120 8.49 -24.05 11.89
N GLN C 121 7.71 -24.96 11.29
CA GLN C 121 6.97 -24.62 10.08
C GLN C 121 6.06 -23.43 10.35
N VAL C 122 5.38 -23.46 11.49
CA VAL C 122 4.52 -22.35 11.89
C VAL C 122 5.34 -21.08 12.01
N LYS C 123 6.49 -21.17 12.67
CA LYS C 123 7.36 -20.02 12.86
C LYS C 123 7.82 -19.47 11.50
N CYS C 124 8.20 -20.38 10.60
CA CYS C 124 8.68 -20.00 9.27
C CYS C 124 7.63 -19.32 8.43
N ILE C 125 6.45 -19.93 8.38
CA ILE C 125 5.36 -19.39 7.58
C ILE C 125 4.90 -18.04 8.10
N ASP C 126 4.81 -17.93 9.43
CA ASP C 126 4.46 -16.64 10.05
C ASP C 126 5.42 -15.53 9.63
N GLY C 127 6.71 -15.86 9.59
CA GLY C 127 7.70 -14.88 9.25
C GLY C 127 7.59 -14.48 7.79
N MET C 128 7.27 -15.45 6.96
CA MET C 128 7.21 -15.19 5.54
C MET C 128 5.90 -14.46 5.24
N ILE C 129 4.87 -14.71 6.04
CA ILE C 129 3.63 -13.93 5.90
C ILE C 129 3.95 -12.46 6.20
N ASP C 130 4.69 -12.20 7.28
CA ASP C 130 5.10 -10.82 7.57
C ASP C 130 5.86 -10.20 6.39
N ALA C 131 6.84 -10.93 5.88
CA ALA C 131 7.64 -10.48 4.76
C ALA C 131 6.82 -10.20 3.52
N ALA C 132 5.74 -10.98 3.32
CA ALA C 132 4.92 -10.81 2.13
C ALA C 132 4.08 -9.54 2.24
N LEU C 133 3.58 -9.27 3.44
CA LEU C 133 2.73 -8.11 3.63
C LEU C 133 3.59 -6.84 3.56
N GLU C 134 4.82 -6.91 4.07
CA GLU C 134 5.74 -5.79 3.94
C GLU C 134 6.16 -5.55 2.48
N ALA C 135 6.36 -6.63 1.73
CA ALA C 135 6.78 -6.50 0.34
C ALA C 135 5.71 -5.80 -0.47
N ARG C 136 4.46 -6.06 -0.11
CA ARG C 136 3.32 -5.48 -0.82
C ARG C 136 3.32 -3.96 -0.75
N VAL C 137 3.91 -3.39 0.31
CA VAL C 137 3.95 -1.93 0.44
C VAL C 137 5.38 -1.37 0.43
N ALA C 138 6.37 -2.16 0.03
CA ALA C 138 7.75 -1.68 0.01
C ALA C 138 7.92 -0.57 -1.01
N ASN C 139 8.74 0.42 -0.65
CA ASN C 139 9.04 1.50 -1.59
C ASN C 139 10.53 1.87 -1.50
N THR C 140 11.34 0.94 -1.05
CA THR C 140 12.79 1.12 -0.99
C THR C 140 13.46 -0.19 -1.40
N LYS C 141 14.70 -0.10 -1.88
CA LYS C 141 15.49 -1.31 -2.13
C LYS C 141 16.21 -1.71 -0.83
N PRO C 142 16.46 -3.01 -0.64
CA PRO C 142 17.28 -3.37 0.53
C PRO C 142 18.69 -2.77 0.41
N LYS C 143 19.33 -2.42 1.53
CA LYS C 143 20.67 -1.83 1.45
C LYS C 143 21.78 -2.80 1.88
N THR C 144 21.44 -3.81 2.69
CA THR C 144 22.40 -4.85 3.03
C THR C 144 21.95 -6.23 2.59
N PHE C 145 22.90 -7.15 2.51
CA PHE C 145 22.64 -8.54 2.26
C PHE C 145 21.62 -9.06 3.29
N ASP C 146 21.78 -8.68 4.55
CA ASP C 146 20.85 -9.12 5.59
C ASP C 146 19.40 -8.71 5.30
N GLU C 147 19.18 -7.43 4.98
CA GLU C 147 17.83 -6.92 4.68
C GLU C 147 17.21 -7.68 3.51
N TRP C 148 18.05 -7.95 2.51
CA TRP C 148 17.60 -8.64 1.30
C TRP C 148 17.13 -10.03 1.71
N ILE C 149 17.93 -10.70 2.53
CA ILE C 149 17.60 -12.05 2.98
C ILE C 149 16.25 -12.08 3.71
N VAL C 150 16.06 -11.16 4.65
CA VAL C 150 14.84 -11.14 5.46
C VAL C 150 13.61 -10.77 4.64
N ARG C 151 13.76 -9.89 3.66
CA ARG C 151 12.65 -9.53 2.79
C ARG C 151 12.27 -10.70 1.85
N MET C 152 13.25 -11.52 1.50
CA MET C 152 13.00 -12.68 0.67
C MET C 152 12.34 -13.81 1.47
N MET C 153 12.78 -13.99 2.72
CA MET C 153 12.46 -15.24 3.44
C MET C 153 11.62 -15.06 4.70
N GLY C 154 11.62 -13.85 5.26
CA GLY C 154 11.08 -13.63 6.59
C GLY C 154 12.04 -14.15 7.67
N THR C 155 11.84 -13.68 8.90
CA THR C 155 12.80 -13.92 9.98
C THR C 155 13.07 -15.40 10.26
N GLY C 156 12.02 -16.22 10.30
CA GLY C 156 12.16 -17.62 10.64
C GLY C 156 13.04 -18.39 9.68
N ILE C 157 12.73 -18.28 8.39
CA ILE C 157 13.49 -19.01 7.39
C ILE C 157 14.90 -18.42 7.26
N ALA C 158 15.03 -17.09 7.38
CA ALA C 158 16.35 -16.44 7.36
C ALA C 158 17.28 -17.02 8.42
N ASP C 159 16.79 -17.07 9.66
CA ASP C 159 17.57 -17.55 10.79
C ASP C 159 18.02 -19.01 10.67
N LEU C 160 17.24 -19.83 9.98
CA LEU C 160 17.58 -21.24 9.86
C LEU C 160 18.65 -21.54 8.80
N PHE C 161 18.68 -20.78 7.70
CA PHE C 161 19.60 -21.15 6.64
C PHE C 161 20.47 -19.98 6.20
N MET C 162 19.90 -19.03 5.47
CA MET C 162 20.71 -18.04 4.77
C MET C 162 21.56 -17.15 5.66
N ARG C 163 21.04 -16.71 6.80
CA ARG C 163 21.88 -15.91 7.70
C ARG C 163 23.06 -16.71 8.27
N PRO C 164 22.79 -17.85 8.96
CA PRO C 164 23.98 -18.51 9.52
C PRO C 164 24.87 -19.09 8.42
N TYR C 165 24.29 -19.60 7.33
CA TYR C 165 25.11 -20.19 6.27
C TYR C 165 26.02 -19.13 5.64
N ASN C 166 25.50 -17.93 5.40
CA ASN C 166 26.34 -16.95 4.71
C ASN C 166 27.47 -16.38 5.56
N PHE C 167 27.28 -16.28 6.88
CA PHE C 167 28.41 -15.96 7.72
C PHE C 167 29.51 -17.02 7.56
N LYS C 168 29.14 -18.29 7.54
CA LYS C 168 30.12 -19.36 7.39
C LYS C 168 30.82 -19.33 6.05
N VAL C 169 30.13 -18.85 5.01
CA VAL C 169 30.72 -18.73 3.68
C VAL C 169 31.64 -17.52 3.61
N TRP C 170 31.10 -16.35 3.92
CA TRP C 170 31.77 -15.08 3.65
C TRP C 170 32.74 -14.66 4.75
N ALA C 171 32.58 -15.24 5.93
CA ALA C 171 33.39 -14.90 7.11
C ALA C 171 33.26 -13.44 7.47
N VAL C 172 32.13 -12.84 7.11
CA VAL C 172 31.72 -11.53 7.60
C VAL C 172 30.20 -11.63 7.82
N PRO C 173 29.66 -10.85 8.77
CA PRO C 173 28.21 -10.88 9.01
C PRO C 173 27.42 -10.38 7.78
N THR C 174 26.19 -10.85 7.61
CA THR C 174 25.40 -10.48 6.43
C THR C 174 25.04 -9.00 6.44
N THR C 175 25.01 -8.39 7.61
CA THR C 175 24.71 -6.96 7.73
C THR C 175 25.82 -6.05 7.19
N LYS C 176 27.00 -6.62 6.91
CA LYS C 176 28.13 -5.82 6.43
C LYS C 176 28.34 -5.97 4.94
N MET C 177 27.42 -6.65 4.25
CA MET C 177 27.58 -6.84 2.82
C MET C 177 26.47 -6.12 2.06
N GLN C 178 26.78 -5.65 0.86
CA GLN C 178 25.78 -5.06 -0.02
C GLN C 178 24.91 -6.19 -0.58
N CYS C 179 23.85 -5.85 -1.29
CA CYS C 179 22.98 -6.88 -1.87
C CYS C 179 22.74 -6.69 -3.37
N ALA C 180 23.24 -5.59 -3.93
CA ALA C 180 23.10 -5.32 -5.37
C ALA C 180 23.69 -6.46 -6.21
N TRP C 181 24.75 -7.08 -5.71
CA TRP C 181 25.40 -8.19 -6.40
C TRP C 181 24.53 -9.42 -6.61
N LEU C 182 23.38 -9.49 -5.95
CA LEU C 182 22.49 -10.62 -6.13
C LEU C 182 21.55 -10.43 -7.34
N GLY C 183 21.56 -9.24 -7.94
CA GLY C 183 20.75 -9.00 -9.13
C GLY C 183 19.56 -8.10 -8.90
N GLU C 184 18.80 -7.84 -9.97
CA GLU C 184 17.74 -6.84 -9.90
C GLU C 184 16.40 -7.41 -9.42
N ARG C 185 16.32 -8.72 -9.20
CA ARG C 185 15.08 -9.35 -8.72
C ARG C 185 14.58 -8.70 -7.42
N VAL C 186 13.28 -8.42 -7.36
CA VAL C 186 12.70 -7.77 -6.19
C VAL C 186 12.74 -8.74 -5.00
N ALA C 187 13.21 -8.24 -3.86
CA ALA C 187 13.31 -9.07 -2.66
C ALA C 187 11.95 -9.23 -2.01
N ALA C 188 11.29 -10.34 -2.34
CA ALA C 188 9.93 -10.62 -1.88
C ALA C 188 9.71 -12.13 -1.91
N PRO C 189 8.89 -12.64 -0.99
CA PRO C 189 8.75 -14.10 -0.88
C PRO C 189 7.73 -14.66 -1.86
N ASN C 190 7.91 -15.89 -2.33
CA ASN C 190 6.80 -16.56 -2.99
C ASN C 190 6.05 -17.35 -1.91
N LEU C 191 5.16 -16.65 -1.22
CA LEU C 191 4.51 -17.20 -0.04
C LEU C 191 3.64 -18.38 -0.41
N LYS C 192 2.99 -18.29 -1.57
CA LYS C 192 2.06 -19.31 -2.02
C LYS C 192 2.75 -20.62 -2.32
N ALA C 193 3.88 -20.56 -3.02
CA ALA C 193 4.72 -21.74 -3.26
C ALA C 193 5.13 -22.40 -1.95
N VAL C 194 5.63 -21.60 -1.03
CA VAL C 194 6.13 -22.11 0.22
C VAL C 194 5.00 -22.73 1.05
N THR C 195 3.86 -22.05 1.07
CA THR C 195 2.75 -22.48 1.90
C THR C 195 2.12 -23.74 1.31
N THR C 196 2.11 -23.81 -0.02
CA THR C 196 1.56 -24.98 -0.69
C THR C 196 2.33 -26.27 -0.35
N ASN C 197 3.65 -26.21 -0.44
CA ASN C 197 4.48 -27.38 -0.12
C ASN C 197 4.34 -27.80 1.36
N VAL C 198 4.19 -26.83 2.26
CA VAL C 198 3.95 -27.15 3.65
C VAL C 198 2.59 -27.87 3.83
N ILE C 199 1.53 -27.28 3.29
CA ILE C 199 0.19 -27.87 3.33
C ILE C 199 0.16 -29.26 2.72
N LEU C 200 0.84 -29.44 1.59
CA LEU C 200 0.83 -30.74 0.92
C LEU C 200 1.78 -31.76 1.55
N GLY C 201 2.60 -31.32 2.50
CA GLY C 201 3.64 -32.16 3.06
C GLY C 201 4.59 -32.66 1.99
N LYS C 202 5.08 -31.72 1.19
CA LYS C 202 5.79 -32.05 -0.04
C LYS C 202 7.21 -31.49 -0.05
N THR C 203 8.11 -32.22 -0.72
CA THR C 203 9.45 -31.73 -1.03
C THR C 203 9.67 -31.66 -2.54
N ALA C 204 10.58 -30.77 -2.94
CA ALA C 204 10.90 -30.59 -4.35
C ALA C 204 12.21 -29.82 -4.49
N GLY C 205 13.20 -30.46 -5.09
CA GLY C 205 14.45 -29.81 -5.41
C GLY C 205 14.36 -29.08 -6.74
N ASN C 206 15.25 -28.11 -6.94
CA ASN C 206 15.24 -27.32 -8.17
C ASN C 206 16.13 -27.97 -9.23
N TRP C 207 16.07 -29.30 -9.30
CA TRP C 207 16.79 -30.00 -10.36
C TRP C 207 15.88 -31.02 -11.03
N GLY C 208 16.40 -31.59 -12.12
CA GLY C 208 15.66 -32.50 -12.95
C GLY C 208 16.50 -32.71 -14.19
N PRO C 209 15.95 -33.42 -15.17
CA PRO C 209 16.65 -33.78 -16.41
C PRO C 209 17.25 -32.58 -17.17
N ASN C 210 16.63 -31.41 -17.04
CA ASN C 210 17.13 -30.26 -17.78
C ASN C 210 17.92 -29.27 -16.93
N ALA C 211 18.17 -29.64 -15.68
CA ALA C 211 19.00 -28.83 -14.80
C ALA C 211 20.30 -29.57 -14.51
N THR C 212 21.23 -29.51 -15.45
CA THR C 212 22.45 -30.31 -15.38
C THR C 212 23.73 -29.49 -15.39
N PHE C 213 24.83 -30.19 -15.13
CA PHE C 213 26.17 -29.66 -15.39
C PHE C 213 27.00 -30.78 -15.99
N ARG C 214 28.09 -30.42 -16.64
CA ARG C 214 29.03 -31.39 -17.18
C ARG C 214 30.36 -31.17 -16.49
N PHE C 215 31.01 -32.27 -16.10
CA PHE C 215 32.26 -32.19 -15.37
C PHE C 215 33.30 -33.01 -16.10
N PRO C 216 34.55 -32.53 -16.17
CA PRO C 216 35.61 -33.23 -16.92
C PRO C 216 35.81 -34.67 -16.45
N ALA C 217 35.89 -35.60 -17.39
CA ALA C 217 36.11 -37.00 -17.10
C ALA C 217 37.41 -37.22 -16.36
N ARG C 218 38.45 -36.50 -16.76
CA ARG C 218 39.78 -36.70 -16.22
C ARG C 218 40.45 -35.41 -15.79
N GLY C 219 41.15 -35.47 -14.65
CA GLY C 219 41.99 -34.36 -14.22
C GLY C 219 41.25 -33.28 -13.47
N GLY C 220 39.99 -33.54 -13.10
CA GLY C 220 39.19 -32.56 -12.41
C GLY C 220 39.00 -31.29 -13.24
N THR C 221 38.49 -30.24 -12.61
CA THR C 221 38.28 -28.96 -13.28
C THR C 221 39.57 -28.49 -13.96
N GLY C 222 40.72 -28.79 -13.35
CA GLY C 222 42.01 -28.42 -13.90
C GLY C 222 42.28 -28.97 -15.28
N GLY C 223 41.66 -30.10 -15.61
CA GLY C 223 41.86 -30.71 -16.92
C GLY C 223 41.38 -29.82 -18.05
N ILE C 224 40.33 -29.03 -17.78
CA ILE C 224 39.80 -28.10 -18.77
C ILE C 224 40.85 -27.10 -19.22
N TRP C 225 41.46 -26.45 -18.23
CA TRP C 225 42.32 -25.32 -18.51
C TRP C 225 43.70 -25.74 -19.02
N ILE C 226 44.12 -26.95 -18.67
CA ILE C 226 45.29 -27.52 -19.30
C ILE C 226 45.02 -27.74 -20.79
N ALA C 227 43.85 -28.26 -21.11
CA ALA C 227 43.47 -28.50 -22.49
C ALA C 227 43.33 -27.20 -23.27
N VAL C 228 42.62 -26.23 -22.70
CA VAL C 228 42.45 -24.94 -23.34
C VAL C 228 43.80 -24.28 -23.59
N ALA C 229 44.64 -24.25 -22.57
CA ALA C 229 45.96 -23.65 -22.66
C ALA C 229 46.80 -24.31 -23.74
N ASN C 230 46.62 -25.62 -23.91
CA ASN C 230 47.41 -26.35 -24.90
C ASN C 230 47.08 -25.98 -26.33
N THR C 231 45.95 -25.30 -26.56
CA THR C 231 45.56 -24.91 -27.91
C THR C 231 46.25 -23.61 -28.30
N LEU C 232 47.02 -23.03 -27.38
CA LEU C 232 47.74 -21.80 -27.67
C LEU C 232 49.09 -22.09 -28.29
N PRO C 233 49.62 -21.15 -29.09
CA PRO C 233 50.98 -21.34 -29.58
C PRO C 233 51.98 -21.27 -28.43
N LYS C 234 52.66 -22.39 -28.17
CA LYS C 234 53.52 -22.53 -27.01
C LYS C 234 54.54 -21.38 -26.86
N GLU C 235 55.07 -20.90 -27.98
CA GLU C 235 56.12 -19.87 -27.95
C GLU C 235 55.59 -18.51 -27.45
N LYS C 236 54.27 -18.35 -27.40
CA LYS C 236 53.69 -17.11 -26.90
C LYS C 236 53.33 -17.25 -25.42
N THR C 237 53.67 -18.39 -24.82
CA THR C 237 53.37 -18.64 -23.42
C THR C 237 54.65 -18.80 -22.61
N ARG C 238 54.59 -18.40 -21.35
CA ARG C 238 55.75 -18.51 -20.48
C ARG C 238 55.24 -18.82 -19.07
N PHE C 239 55.29 -20.10 -18.73
CA PHE C 239 54.67 -20.58 -17.50
C PHE C 239 55.72 -21.19 -16.57
N GLY C 240 55.60 -20.94 -15.28
CA GLY C 240 56.59 -21.40 -14.31
C GLY C 240 57.34 -20.26 -13.67
N GLU C 241 58.42 -20.58 -12.96
CA GLU C 241 59.26 -19.57 -12.33
C GLU C 241 59.72 -18.56 -13.37
N LYS C 242 59.99 -19.05 -14.58
CA LYS C 242 60.43 -18.21 -15.68
C LYS C 242 59.36 -17.22 -16.10
N GLY C 243 58.14 -17.38 -15.58
CA GLY C 243 57.03 -16.53 -15.96
C GLY C 243 56.44 -15.71 -14.81
N LYS C 244 57.05 -15.77 -13.63
CA LYS C 244 56.56 -15.01 -12.48
C LYS C 244 56.82 -13.51 -12.62
N VAL C 245 55.77 -12.70 -12.57
CA VAL C 245 55.94 -11.26 -12.62
C VAL C 245 56.31 -10.72 -11.24
N THR C 246 57.33 -9.87 -11.17
CA THR C 246 57.78 -9.31 -9.89
C THR C 246 57.68 -7.79 -9.86
N LYS C 247 57.89 -7.13 -11.00
CA LYS C 247 57.76 -5.68 -11.08
C LYS C 247 56.83 -5.28 -12.23
N VAL C 248 56.04 -4.23 -12.00
CA VAL C 248 55.30 -3.57 -13.08
C VAL C 248 55.57 -2.07 -13.11
N ASN C 249 56.19 -1.61 -14.18
CA ASN C 249 56.46 -0.20 -14.35
C ASN C 249 55.40 0.38 -15.27
N ALA C 250 54.34 0.93 -14.68
CA ALA C 250 53.22 1.42 -15.45
C ALA C 250 53.60 2.61 -16.33
N ASN C 251 54.58 3.39 -15.87
CA ASN C 251 55.01 4.56 -16.62
C ASN C 251 55.81 4.21 -17.87
N ASN C 252 56.67 3.20 -17.79
CA ASN C 252 57.43 2.73 -18.94
C ASN C 252 56.71 1.65 -19.74
N LYS C 253 55.57 1.20 -19.22
CA LYS C 253 54.88 0.03 -19.74
C LYS C 253 55.86 -1.13 -19.87
N THR C 254 56.56 -1.38 -18.79
CA THR C 254 57.52 -2.47 -18.71
C THR C 254 57.19 -3.37 -17.53
N VAL C 255 57.23 -4.68 -17.79
CA VAL C 255 57.06 -5.68 -16.76
C VAL C 255 58.39 -6.38 -16.57
N THR C 256 58.75 -6.68 -15.32
CA THR C 256 59.97 -7.42 -15.05
C THR C 256 59.61 -8.78 -14.45
N LEU C 257 60.24 -9.83 -14.97
CA LEU C 257 60.02 -11.18 -14.47
C LEU C 257 61.05 -11.54 -13.43
N GLN C 258 60.81 -12.61 -12.69
CA GLN C 258 61.66 -13.00 -11.58
C GLN C 258 63.09 -13.28 -12.01
N ASP C 259 63.27 -13.87 -13.19
CA ASP C 259 64.62 -14.19 -13.66
C ASP C 259 65.32 -13.00 -14.31
N GLY C 260 64.66 -11.83 -14.30
CA GLY C 260 65.26 -10.60 -14.79
C GLY C 260 64.80 -10.14 -16.16
N THR C 261 64.01 -10.99 -16.83
CA THR C 261 63.50 -10.68 -18.16
C THR C 261 62.48 -9.54 -18.14
N THR C 262 62.64 -8.57 -19.03
CA THR C 262 61.72 -7.45 -19.12
C THR C 262 60.85 -7.54 -20.35
N ILE C 263 59.57 -7.20 -20.20
CA ILE C 263 58.64 -7.20 -21.31
C ILE C 263 57.97 -5.85 -21.49
N GLY C 264 58.12 -5.27 -22.69
CA GLY C 264 57.41 -4.06 -23.04
C GLY C 264 56.01 -4.39 -23.55
N TYR C 265 55.05 -3.54 -23.25
CA TYR C 265 53.69 -3.73 -23.76
C TYR C 265 53.09 -2.39 -24.14
N LYS C 266 52.04 -2.43 -24.95
CA LYS C 266 51.24 -1.23 -25.22
C LYS C 266 49.97 -1.27 -24.35
N LYS C 267 49.33 -2.44 -24.27
CA LYS C 267 48.19 -2.64 -23.35
C LYS C 267 48.44 -3.84 -22.45
N LEU C 268 48.07 -3.72 -21.18
CA LEU C 268 48.30 -4.80 -20.21
C LEU C 268 46.97 -5.34 -19.66
N VAL C 269 46.84 -6.66 -19.68
CA VAL C 269 45.68 -7.34 -19.08
C VAL C 269 46.15 -8.13 -17.87
N SER C 270 45.89 -7.61 -16.67
CA SER C 270 46.43 -8.21 -15.46
C SER C 270 45.37 -8.99 -14.72
N THR C 271 45.53 -10.29 -14.66
CA THR C 271 44.53 -11.13 -14.01
C THR C 271 44.99 -11.63 -12.64
N MET C 272 46.10 -11.10 -12.14
CA MET C 272 46.50 -11.40 -10.77
C MET C 272 45.64 -10.57 -9.83
N ALA C 273 45.66 -10.92 -8.55
CA ALA C 273 44.88 -10.16 -7.58
C ALA C 273 45.31 -8.69 -7.60
N VAL C 274 44.34 -7.79 -7.68
CA VAL C 274 44.64 -6.38 -7.89
C VAL C 274 45.47 -5.81 -6.72
N ASP C 275 45.36 -6.38 -5.52
CA ASP C 275 46.18 -5.89 -4.41
C ASP C 275 47.63 -6.27 -4.63
N PHE C 276 47.87 -7.42 -5.25
CA PHE C 276 49.24 -7.81 -5.62
C PHE C 276 49.76 -6.98 -6.80
N LEU C 277 48.86 -6.52 -7.66
CA LEU C 277 49.29 -5.70 -8.79
C LEU C 277 49.77 -4.34 -8.28
N ALA C 278 49.11 -3.81 -7.25
CA ALA C 278 49.44 -2.49 -6.74
C ALA C 278 50.83 -2.51 -6.11
N GLU C 279 51.14 -3.64 -5.46
CA GLU C 279 52.46 -3.90 -4.89
C GLU C 279 53.52 -4.02 -5.97
N ALA C 280 53.23 -4.81 -6.99
CA ALA C 280 54.14 -4.98 -8.13
C ALA C 280 54.44 -3.65 -8.80
N MET C 281 53.47 -2.75 -8.75
CA MET C 281 53.63 -1.43 -9.35
C MET C 281 54.40 -0.46 -8.45
N ASN C 282 54.55 -0.82 -7.17
CA ASN C 282 55.06 0.11 -6.14
C ASN C 282 54.30 1.44 -6.19
N ASP C 283 52.99 1.33 -6.42
CA ASP C 283 52.10 2.48 -6.43
C ASP C 283 51.45 2.63 -5.05
N GLN C 284 52.02 3.50 -4.23
CA GLN C 284 51.59 3.70 -2.85
C GLN C 284 50.09 4.02 -2.74
N GLU C 285 49.61 4.85 -3.65
CA GLU C 285 48.21 5.22 -3.67
C GLU C 285 47.33 4.00 -3.92
N LEU C 286 47.71 3.23 -4.94
CA LEU C 286 46.96 2.04 -5.31
C LEU C 286 47.06 0.94 -4.24
N VAL C 287 48.23 0.83 -3.61
CA VAL C 287 48.38 -0.09 -2.49
C VAL C 287 47.38 0.26 -1.40
N GLY C 288 47.32 1.53 -1.04
CA GLY C 288 46.40 1.99 0.00
C GLY C 288 44.95 1.68 -0.31
N LEU C 289 44.58 1.87 -1.58
CA LEU C 289 43.21 1.62 -2.01
C LEU C 289 42.89 0.13 -2.02
N THR C 290 43.76 -0.69 -2.60
CA THR C 290 43.49 -2.12 -2.72
C THR C 290 43.43 -2.79 -1.35
N LYS C 291 44.17 -2.26 -0.38
CA LYS C 291 44.16 -2.78 0.98
C LYS C 291 42.81 -2.55 1.66
N GLN C 292 42.00 -1.66 1.12
CA GLN C 292 40.66 -1.41 1.67
C GLN C 292 39.62 -2.39 1.16
N LEU C 293 40.03 -3.24 0.22
CA LEU C 293 39.14 -4.29 -0.26
C LEU C 293 39.16 -5.43 0.74
N PHE C 294 38.11 -6.22 0.78
CA PHE C 294 38.05 -7.34 1.71
C PHE C 294 37.99 -8.64 0.96
N TYR C 295 38.65 -9.67 1.49
CA TYR C 295 38.48 -11.02 0.96
C TYR C 295 38.58 -12.04 2.07
N SER C 296 38.13 -13.25 1.77
CA SER C 296 38.29 -14.39 2.68
C SER C 296 39.21 -15.41 2.03
N SER C 297 39.94 -16.14 2.86
CA SER C 297 40.73 -17.29 2.42
C SER C 297 39.87 -18.56 2.44
N THR C 298 40.24 -19.56 1.65
CA THR C 298 39.49 -20.80 1.54
C THR C 298 40.36 -21.99 1.94
N HIS C 299 39.94 -22.74 2.96
CA HIS C 299 40.59 -24.01 3.24
C HIS C 299 39.83 -25.10 2.50
N VAL C 300 40.54 -25.89 1.71
CA VAL C 300 39.95 -27.03 1.06
C VAL C 300 40.39 -28.28 1.81
N ILE C 301 39.45 -28.98 2.41
CA ILE C 301 39.78 -30.25 3.04
C ILE C 301 39.20 -31.38 2.22
N GLY C 302 40.03 -32.38 1.93
CA GLY C 302 39.62 -33.53 1.15
C GLY C 302 39.74 -34.80 1.96
N VAL C 303 38.73 -35.66 1.86
CA VAL C 303 38.71 -36.91 2.62
C VAL C 303 38.38 -38.07 1.68
N GLY C 304 39.31 -39.03 1.63
CA GLY C 304 39.13 -40.23 0.84
C GLY C 304 38.62 -41.36 1.72
N VAL C 305 37.50 -41.96 1.32
CA VAL C 305 36.83 -42.97 2.14
C VAL C 305 36.75 -44.31 1.41
N ARG C 306 36.93 -45.41 2.16
CA ARG C 306 36.81 -46.74 1.58
C ARG C 306 35.35 -47.22 1.58
N GLY C 307 34.96 -47.89 0.50
CA GLY C 307 33.64 -48.50 0.43
C GLY C 307 32.85 -47.94 -0.72
N SER C 308 31.80 -48.66 -1.12
CA SER C 308 30.90 -48.14 -2.14
C SER C 308 30.13 -46.96 -1.57
N ARG C 309 29.63 -46.12 -2.46
CA ARG C 309 28.85 -44.97 -2.07
C ARG C 309 27.66 -45.36 -1.17
N PRO C 310 27.64 -44.87 0.08
CA PRO C 310 26.56 -45.18 1.02
C PRO C 310 25.21 -44.69 0.53
N GLU C 311 24.14 -45.43 0.79
CA GLU C 311 22.80 -45.03 0.37
C GLU C 311 22.46 -43.62 0.83
N ARG C 312 22.86 -43.28 2.06
CA ARG C 312 22.53 -41.98 2.66
C ARG C 312 23.14 -40.79 1.88
N ILE C 313 24.25 -41.05 1.19
CA ILE C 313 24.87 -40.04 0.36
C ILE C 313 24.18 -40.01 -1.00
N GLY C 314 24.11 -41.17 -1.65
CA GLY C 314 23.43 -41.30 -2.92
C GLY C 314 23.96 -40.38 -4.01
N ASP C 315 23.04 -39.73 -4.72
CA ASP C 315 23.42 -38.91 -5.88
C ASP C 315 23.68 -37.43 -5.52
N LYS C 316 23.75 -37.14 -4.23
CA LYS C 316 24.05 -35.78 -3.78
C LYS C 316 25.33 -35.26 -4.43
N CYS C 317 25.28 -34.02 -4.90
CA CYS C 317 26.45 -33.37 -5.50
C CYS C 317 27.10 -32.41 -4.52
N TRP C 318 26.40 -31.32 -4.19
CA TRP C 318 26.94 -30.41 -3.18
C TRP C 318 25.90 -30.12 -2.11
N LEU C 319 26.38 -29.69 -0.95
CA LEU C 319 25.60 -29.66 0.26
C LEU C 319 25.97 -28.43 1.08
N TYR C 320 24.97 -27.83 1.73
CA TYR C 320 25.15 -26.62 2.52
C TYR C 320 25.03 -26.86 4.02
N PHE C 321 25.86 -26.18 4.81
CA PHE C 321 25.86 -26.38 6.24
C PHE C 321 25.74 -25.08 7.05
N PRO C 322 24.50 -24.66 7.32
CA PRO C 322 24.24 -23.49 8.17
C PRO C 322 24.60 -23.70 9.64
N GLU C 323 24.55 -24.93 10.13
CA GLU C 323 24.66 -25.16 11.56
C GLU C 323 26.11 -25.19 12.06
N ASP C 324 26.28 -25.02 13.36
CA ASP C 324 27.62 -24.91 13.93
C ASP C 324 28.21 -26.24 14.43
N ASN C 325 27.66 -27.37 14.02
CA ASN C 325 28.23 -28.66 14.43
C ASN C 325 29.30 -29.13 13.42
N CYS C 326 29.67 -28.25 12.50
CA CYS C 326 30.72 -28.54 11.56
C CYS C 326 31.32 -27.24 11.07
N PRO C 327 32.60 -27.24 10.73
CA PRO C 327 33.22 -25.97 10.38
C PRO C 327 33.08 -25.61 8.90
N PHE C 328 32.86 -26.60 8.05
CA PHE C 328 32.71 -26.34 6.62
C PHE C 328 31.36 -25.73 6.30
N TYR C 329 31.32 -24.84 5.30
CA TYR C 329 30.04 -24.29 4.85
C TYR C 329 29.46 -25.14 3.72
N ARG C 330 30.33 -25.80 2.96
CA ARG C 330 29.88 -26.60 1.83
C ARG C 330 30.66 -27.90 1.74
N ALA C 331 29.97 -28.99 1.39
CA ALA C 331 30.64 -30.26 1.09
C ALA C 331 30.29 -30.70 -0.34
N THR C 332 31.24 -31.33 -1.01
CA THR C 332 31.00 -31.86 -2.35
C THR C 332 31.28 -33.35 -2.38
N ILE C 333 30.36 -34.14 -2.93
CA ILE C 333 30.61 -35.57 -3.12
C ILE C 333 31.39 -35.74 -4.43
N PHE C 334 32.67 -35.43 -4.37
CA PHE C 334 33.48 -35.23 -5.56
C PHE C 334 33.61 -36.52 -6.35
N SER C 335 33.49 -37.65 -5.65
CA SER C 335 33.52 -38.96 -6.30
C SER C 335 32.30 -39.19 -7.19
N ASN C 336 31.22 -38.46 -6.94
CA ASN C 336 30.06 -38.48 -7.84
C ASN C 336 30.28 -37.73 -9.16
N TYR C 337 31.29 -36.87 -9.24
CA TYR C 337 31.49 -36.01 -10.42
C TYR C 337 32.19 -36.75 -11.57
N SER C 338 33.08 -37.67 -11.22
CA SER C 338 33.77 -38.54 -12.18
C SER C 338 34.37 -39.77 -11.49
N PRO C 339 34.31 -40.92 -12.16
CA PRO C 339 34.94 -42.14 -11.62
C PRO C 339 36.44 -41.93 -11.41
N TYR C 340 37.03 -41.04 -12.21
CA TYR C 340 38.47 -40.85 -12.17
C TYR C 340 38.94 -39.77 -11.20
N ASN C 341 38.06 -39.28 -10.33
CA ASN C 341 38.47 -38.35 -9.28
C ASN C 341 39.07 -39.03 -8.05
N GLN C 342 39.18 -40.36 -8.10
CA GLN C 342 39.67 -41.19 -7.00
C GLN C 342 40.11 -42.54 -7.58
N PRO C 343 40.94 -43.32 -6.84
CA PRO C 343 41.50 -44.52 -7.48
C PRO C 343 40.43 -45.54 -7.84
N GLU C 344 40.74 -46.50 -8.70
CA GLU C 344 39.77 -47.53 -9.04
C GLU C 344 39.71 -48.57 -7.93
N ALA C 345 38.66 -49.40 -7.94
CA ALA C 345 38.36 -50.31 -6.85
C ALA C 345 39.49 -51.31 -6.55
N SER C 346 40.28 -51.65 -7.56
CA SER C 346 41.30 -52.67 -7.40
C SER C 346 42.57 -52.10 -6.79
N ALA C 347 42.61 -50.79 -6.64
CA ALA C 347 43.77 -50.12 -6.06
C ALA C 347 43.82 -50.33 -4.54
N ALA C 348 44.94 -50.80 -4.04
CA ALA C 348 45.06 -51.15 -2.63
C ALA C 348 45.62 -49.99 -1.84
N LEU C 349 44.99 -49.69 -0.72
CA LEU C 349 45.40 -48.55 0.09
C LEU C 349 45.15 -48.87 1.54
N PRO C 350 46.11 -48.52 2.40
CA PRO C 350 45.91 -48.74 3.84
C PRO C 350 44.92 -47.75 4.41
N THR C 351 44.25 -48.14 5.50
CA THR C 351 43.38 -47.24 6.21
C THR C 351 44.23 -46.33 7.09
N MET C 352 44.10 -45.01 6.92
CA MET C 352 44.87 -44.08 7.74
C MET C 352 44.25 -43.91 9.14
N GLN C 353 42.93 -43.76 9.17
CA GLN C 353 42.21 -43.61 10.44
C GLN C 353 40.72 -43.92 10.24
N LEU C 354 39.99 -44.13 11.32
CA LEU C 354 38.54 -44.22 11.22
C LEU C 354 37.99 -42.83 11.44
N ALA C 355 36.77 -42.59 10.98
CA ALA C 355 36.17 -41.25 11.06
C ALA C 355 36.01 -40.74 12.49
N ASP C 356 36.00 -41.62 13.49
CA ASP C 356 35.95 -41.10 14.86
C ASP C 356 37.36 -40.82 15.39
N GLY C 357 38.35 -41.01 14.53
CA GLY C 357 39.72 -40.74 14.90
C GLY C 357 40.55 -41.92 15.38
N SER C 358 39.94 -43.09 15.58
CA SER C 358 40.73 -44.19 16.11
C SER C 358 41.60 -44.80 15.01
N ARG C 359 42.55 -45.62 15.42
CA ARG C 359 43.47 -46.28 14.49
C ARG C 359 42.77 -47.50 13.88
N PRO C 360 43.17 -47.90 12.66
CA PRO C 360 42.57 -49.07 12.02
C PRO C 360 42.99 -50.36 12.73
N GLN C 361 42.23 -51.45 12.58
CA GLN C 361 42.63 -52.71 13.24
C GLN C 361 43.88 -53.25 12.57
N SER C 362 44.12 -52.85 11.33
CA SER C 362 45.27 -53.32 10.56
C SER C 362 45.86 -52.22 9.69
N THR C 363 47.17 -52.28 9.46
CA THR C 363 47.81 -51.34 8.55
C THR C 363 47.98 -51.93 7.14
N GLU C 364 47.31 -53.04 6.87
CA GLU C 364 47.42 -53.70 5.58
C GLU C 364 46.72 -52.86 4.52
N ALA C 365 47.24 -52.87 3.30
CA ALA C 365 46.53 -52.23 2.20
C ALA C 365 45.37 -53.13 1.78
N LYS C 366 44.18 -52.56 1.70
CA LYS C 366 43.02 -53.28 1.21
C LYS C 366 42.49 -52.58 -0.03
N GLU C 367 41.69 -53.28 -0.82
CA GLU C 367 41.17 -52.71 -2.06
C GLU C 367 39.96 -51.80 -1.80
N GLY C 368 39.52 -51.11 -2.86
CA GLY C 368 38.36 -50.24 -2.74
C GLY C 368 37.08 -51.04 -2.76
N PRO C 369 36.03 -50.49 -3.39
CA PRO C 369 36.03 -49.20 -4.09
C PRO C 369 36.10 -48.01 -3.14
N TYR C 370 36.29 -46.82 -3.69
CA TYR C 370 36.43 -45.63 -2.85
C TYR C 370 35.41 -44.57 -3.21
N TRP C 371 35.10 -43.71 -2.24
CA TRP C 371 34.37 -42.49 -2.54
C TRP C 371 35.06 -41.31 -1.82
N SER C 372 34.60 -40.08 -2.05
CA SER C 372 35.42 -38.91 -1.74
C SER C 372 34.60 -37.65 -1.43
N ILE C 373 34.94 -36.99 -0.32
CA ILE C 373 34.24 -35.79 0.11
C ILE C 373 35.22 -34.61 0.08
N MET C 374 34.76 -33.47 -0.44
CA MET C 374 35.59 -32.28 -0.53
C MET C 374 34.94 -31.14 0.21
N LEU C 375 35.64 -30.58 1.19
CA LEU C 375 35.06 -29.60 2.09
C LEU C 375 35.67 -28.22 1.94
N GLU C 376 34.87 -27.20 2.24
CA GLU C 376 35.35 -25.83 2.24
C GLU C 376 35.14 -25.15 3.58
N VAL C 377 36.19 -24.55 4.11
CA VAL C 377 36.09 -23.73 5.31
C VAL C 377 36.65 -22.34 5.02
N SER C 378 35.90 -21.31 5.38
CA SER C 378 36.35 -19.94 5.11
C SER C 378 37.16 -19.36 6.28
N GLU C 379 37.98 -18.36 5.98
CA GLU C 379 38.74 -17.69 7.01
C GLU C 379 38.83 -16.19 6.68
N SER C 380 38.76 -15.36 7.72
CA SER C 380 39.08 -13.94 7.60
C SER C 380 39.51 -13.41 8.96
N SER C 381 39.89 -12.13 8.99
CA SER C 381 40.21 -11.46 10.25
C SER C 381 39.03 -11.51 11.24
N MET C 382 37.83 -11.73 10.74
CA MET C 382 36.64 -11.86 11.60
C MET C 382 36.28 -13.32 11.90
N LYS C 383 37.03 -14.25 11.33
CA LYS C 383 36.70 -15.67 11.44
C LYS C 383 37.96 -16.52 11.30
N PRO C 384 38.80 -16.55 12.34
CA PRO C 384 40.10 -17.24 12.30
C PRO C 384 39.93 -18.75 12.15
N VAL C 385 40.95 -19.40 11.58
CA VAL C 385 40.96 -20.84 11.42
C VAL C 385 42.29 -21.39 11.91
N ASN C 386 42.22 -22.37 12.80
CA ASN C 386 43.39 -23.05 13.34
C ASN C 386 43.84 -24.10 12.36
N GLN C 387 44.96 -23.86 11.69
CA GLN C 387 45.39 -24.78 10.64
C GLN C 387 45.77 -26.15 11.17
N GLU C 388 46.19 -26.21 12.43
CA GLU C 388 46.69 -27.46 13.00
C GLU C 388 45.54 -28.40 13.30
N THR C 389 44.35 -27.87 13.53
CA THR C 389 43.24 -28.73 13.91
C THR C 389 42.08 -28.76 12.92
N ILE C 390 42.16 -28.02 11.81
CA ILE C 390 40.97 -27.88 10.95
C ILE C 390 40.62 -29.21 10.27
N LEU C 391 41.62 -30.00 9.90
CA LEU C 391 41.38 -31.31 9.27
C LEU C 391 40.58 -32.22 10.20
N ALA C 392 41.08 -32.37 11.43
CA ALA C 392 40.42 -33.20 12.43
C ALA C 392 39.01 -32.68 12.74
N ASP C 393 38.88 -31.37 12.85
CA ASP C 393 37.57 -30.76 13.10
C ASP C 393 36.61 -30.96 11.92
N CYS C 394 37.14 -30.94 10.69
CA CYS C 394 36.31 -31.27 9.54
C CYS C 394 35.81 -32.72 9.60
N ILE C 395 36.71 -33.63 9.95
CA ILE C 395 36.33 -35.03 9.98
C ILE C 395 35.28 -35.28 11.06
N GLN C 396 35.47 -34.70 12.25
CA GLN C 396 34.44 -34.72 13.29
C GLN C 396 33.12 -34.16 12.76
N GLY C 397 33.21 -33.07 12.00
CA GLY C 397 32.03 -32.49 11.40
C GLY C 397 31.33 -33.46 10.46
N LEU C 398 32.10 -34.32 9.80
CA LEU C 398 31.53 -35.33 8.92
C LEU C 398 30.74 -36.36 9.73
N VAL C 399 31.26 -36.72 10.91
CA VAL C 399 30.52 -37.59 11.82
C VAL C 399 29.26 -36.89 12.34
N ASN C 400 29.38 -35.62 12.74
CA ASN C 400 28.26 -34.90 13.35
C ASN C 400 27.09 -34.71 12.40
N THR C 401 27.39 -34.61 11.11
CA THR C 401 26.39 -34.31 10.10
C THR C 401 25.90 -35.60 9.44
N GLU C 402 26.42 -36.72 9.95
CA GLU C 402 26.08 -38.07 9.48
C GLU C 402 26.48 -38.34 8.03
N MET C 403 27.47 -37.63 7.54
CA MET C 403 28.06 -37.98 6.25
C MET C 403 28.92 -39.23 6.41
N LEU C 404 29.67 -39.30 7.50
CA LEU C 404 30.42 -40.50 7.82
C LEU C 404 29.91 -41.13 9.11
N LYS C 405 29.99 -42.44 9.20
CA LYS C 405 29.80 -43.15 10.46
C LYS C 405 31.15 -43.22 11.16
N PRO C 406 31.15 -43.33 12.51
CA PRO C 406 32.40 -43.47 13.26
C PRO C 406 33.30 -44.56 12.70
N THR C 407 32.69 -45.60 12.13
CA THR C 407 33.42 -46.77 11.61
C THR C 407 34.01 -46.59 10.21
N ASP C 408 33.59 -45.55 9.49
CA ASP C 408 34.06 -45.38 8.12
C ASP C 408 35.58 -45.24 8.03
N GLU C 409 36.15 -45.85 6.99
CA GLU C 409 37.60 -45.95 6.85
C GLU C 409 38.16 -44.88 5.92
N ILE C 410 38.90 -43.95 6.51
CA ILE C 410 39.53 -42.86 5.76
C ILE C 410 40.88 -43.35 5.24
N VAL C 411 41.12 -43.16 3.95
CA VAL C 411 42.33 -43.68 3.31
C VAL C 411 43.18 -42.59 2.70
N SER C 412 42.70 -41.35 2.78
CA SER C 412 43.44 -40.24 2.20
C SER C 412 42.92 -38.92 2.75
N THR C 413 43.83 -38.02 3.09
CA THR C 413 43.39 -36.70 3.54
C THR C 413 44.12 -35.63 2.74
N TYR C 414 43.48 -34.48 2.63
CA TYR C 414 44.00 -33.34 1.89
C TYR C 414 43.62 -32.04 2.61
N HIS C 415 44.58 -31.15 2.74
CA HIS C 415 44.29 -29.82 3.25
C HIS C 415 45.20 -28.79 2.59
N ARG C 416 44.59 -27.80 1.97
CA ARG C 416 45.35 -26.69 1.42
C ARG C 416 44.61 -25.40 1.73
N ARG C 417 45.36 -24.36 2.10
CA ARG C 417 44.79 -23.03 2.32
C ARG C 417 45.09 -22.11 1.15
N PHE C 418 44.05 -21.48 0.63
CA PHE C 418 44.14 -20.54 -0.50
C PHE C 418 43.91 -19.11 -0.01
N ASP C 419 44.95 -18.28 -0.06
CA ASP C 419 44.91 -16.99 0.61
C ASP C 419 43.80 -16.10 0.09
N HIS C 420 43.77 -15.88 -1.22
CA HIS C 420 42.67 -15.16 -1.84
C HIS C 420 41.61 -16.14 -2.37
N GLY C 421 40.56 -16.37 -1.58
CA GLY C 421 39.52 -17.33 -1.95
C GLY C 421 38.27 -16.70 -2.53
N TYR C 422 37.62 -15.85 -1.74
CA TYR C 422 36.42 -15.15 -2.18
C TYR C 422 36.70 -13.66 -2.10
N PRO C 423 36.39 -12.92 -3.19
CA PRO C 423 36.36 -11.46 -3.04
C PRO C 423 35.00 -11.05 -2.46
N THR C 424 35.00 -10.30 -1.38
CA THR C 424 33.77 -10.06 -0.60
C THR C 424 32.94 -8.85 -1.09
N PRO C 425 31.65 -9.08 -1.42
CA PRO C 425 30.77 -7.96 -1.76
C PRO C 425 30.37 -7.15 -0.52
N THR C 426 31.34 -6.54 0.14
CA THR C 426 31.06 -5.66 1.27
C THR C 426 30.33 -4.39 0.82
N LEU C 427 29.75 -3.68 1.77
CA LEU C 427 29.12 -2.38 1.51
C LEU C 427 30.09 -1.41 0.84
N GLU C 428 31.38 -1.49 1.20
CA GLU C 428 32.40 -0.54 0.73
C GLU C 428 33.07 -0.92 -0.60
N ARG C 429 32.88 -2.15 -1.05
CA ARG C 429 33.54 -2.64 -2.27
C ARG C 429 33.47 -1.70 -3.48
N GLU C 430 32.27 -1.27 -3.83
CA GLU C 430 32.10 -0.45 -5.02
C GLU C 430 32.78 0.91 -4.90
N GLY C 431 32.60 1.57 -3.76
CA GLY C 431 33.30 2.81 -3.49
C GLY C 431 34.81 2.70 -3.64
N THR C 432 35.33 1.52 -3.37
CA THR C 432 36.77 1.30 -3.50
C THR C 432 37.16 0.97 -4.95
N LEU C 433 36.42 0.03 -5.54
CA LEU C 433 36.73 -0.44 -6.88
C LEU C 433 36.68 0.67 -7.89
N THR C 434 35.71 1.57 -7.72
CA THR C 434 35.52 2.62 -8.71
C THR C 434 36.59 3.69 -8.60
N GLN C 435 37.45 3.60 -7.58
CA GLN C 435 38.66 4.43 -7.54
C GLN C 435 39.87 3.68 -8.08
N ILE C 436 39.89 2.36 -7.89
CA ILE C 436 41.04 1.56 -8.30
C ILE C 436 41.08 1.29 -9.80
N LEU C 437 40.04 0.63 -10.30
CA LEU C 437 39.97 0.19 -11.69
C LEU C 437 40.10 1.33 -12.72
N PRO C 438 39.50 2.52 -12.46
CA PRO C 438 39.74 3.58 -13.45
C PRO C 438 41.14 4.19 -13.41
N LYS C 439 41.83 4.10 -12.28
CA LYS C 439 43.20 4.61 -12.23
C LYS C 439 44.14 3.69 -12.99
N LEU C 440 43.87 2.39 -12.93
CA LEU C 440 44.62 1.41 -13.70
C LEU C 440 44.35 1.62 -15.18
N GLN C 441 43.07 1.83 -15.51
CA GLN C 441 42.63 2.08 -16.87
C GLN C 441 43.37 3.23 -17.55
N ASP C 442 43.60 4.31 -16.81
CA ASP C 442 44.30 5.48 -17.33
C ASP C 442 45.74 5.15 -17.71
N LYS C 443 46.25 4.03 -17.18
CA LYS C 443 47.62 3.62 -17.44
C LYS C 443 47.65 2.46 -18.42
N ASP C 444 46.55 2.29 -19.16
CA ASP C 444 46.38 1.21 -20.11
C ASP C 444 46.60 -0.16 -19.46
N ILE C 445 46.02 -0.33 -18.28
CA ILE C 445 46.07 -1.60 -17.60
C ILE C 445 44.65 -2.10 -17.39
N TRP C 446 44.33 -3.22 -18.01
CA TRP C 446 43.03 -3.86 -17.81
C TRP C 446 43.15 -4.91 -16.72
N SER C 447 42.86 -4.51 -15.48
CA SER C 447 42.90 -5.44 -14.36
C SER C 447 41.56 -6.16 -14.30
N ARG C 448 41.58 -7.46 -14.58
CA ARG C 448 40.35 -8.21 -14.76
C ARG C 448 40.45 -9.59 -14.10
N GLY C 449 39.35 -10.04 -13.50
CA GLY C 449 39.33 -11.40 -12.96
C GLY C 449 38.68 -11.44 -11.60
N ARG C 450 38.62 -12.63 -11.03
CA ARG C 450 37.93 -12.83 -9.76
C ARG C 450 38.59 -11.97 -8.69
N PHE C 451 39.91 -11.83 -8.78
CA PHE C 451 40.60 -10.90 -7.92
C PHE C 451 41.30 -9.81 -8.73
N GLY C 452 41.26 -9.95 -10.05
CA GLY C 452 41.65 -8.87 -10.94
C GLY C 452 40.70 -7.69 -10.86
N SER C 453 39.40 -7.95 -10.86
CA SER C 453 38.42 -6.88 -10.72
C SER C 453 37.46 -7.10 -9.55
N TRP C 454 37.67 -8.18 -8.81
CA TRP C 454 37.09 -8.34 -7.47
C TRP C 454 35.57 -8.43 -7.36
N ARG C 455 34.86 -8.81 -8.44
CA ARG C 455 33.40 -8.88 -8.33
C ARG C 455 32.86 -10.29 -8.42
N TYR C 456 32.42 -10.79 -7.27
CA TYR C 456 31.99 -12.17 -7.11
C TYR C 456 30.84 -12.55 -8.03
N GLU C 457 29.89 -11.65 -8.21
CA GLU C 457 28.72 -11.96 -9.03
C GLU C 457 29.11 -12.26 -10.49
N VAL C 458 30.31 -11.86 -10.87
CA VAL C 458 30.84 -12.30 -12.14
C VAL C 458 32.17 -12.96 -11.88
N GLY C 459 32.17 -13.90 -10.93
CA GLY C 459 33.41 -14.47 -10.42
C GLY C 459 33.60 -15.96 -10.67
N ASN C 460 32.71 -16.55 -11.46
CA ASN C 460 32.85 -17.96 -11.86
C ASN C 460 33.78 -18.13 -13.05
N GLN C 461 33.94 -19.38 -13.50
CA GLN C 461 34.86 -19.70 -14.59
C GLN C 461 34.49 -19.04 -15.89
N ASP C 462 33.20 -19.03 -16.20
CA ASP C 462 32.76 -18.51 -17.48
C ASP C 462 32.87 -16.98 -17.47
N HIS C 463 32.47 -16.34 -16.37
CA HIS C 463 32.67 -14.91 -16.22
C HIS C 463 34.13 -14.52 -16.38
N SER C 464 35.00 -15.22 -15.63
CA SER C 464 36.43 -14.91 -15.62
C SER C 464 37.00 -15.00 -17.02
N PHE C 465 36.81 -16.15 -17.64
CA PHE C 465 37.16 -16.37 -19.03
C PHE C 465 36.70 -15.23 -19.92
N MET C 466 35.43 -14.84 -19.78
CA MET C 466 34.89 -13.81 -20.66
C MET C 466 35.38 -12.40 -20.30
N LEU C 467 35.73 -12.18 -19.03
CA LEU C 467 36.33 -10.92 -18.63
C LEU C 467 37.61 -10.70 -19.44
N GLY C 468 38.39 -11.77 -19.58
CA GLY C 468 39.62 -11.73 -20.35
C GLY C 468 39.35 -11.56 -21.83
N VAL C 469 38.38 -12.30 -22.34
CA VAL C 469 37.96 -12.17 -23.72
C VAL C 469 37.50 -10.73 -24.02
N GLU C 470 36.56 -10.22 -23.23
CA GLU C 470 35.98 -8.90 -23.45
C GLU C 470 37.00 -7.78 -23.31
N ALA C 471 37.99 -7.98 -22.44
CA ALA C 471 39.02 -6.98 -22.23
C ALA C 471 39.85 -6.84 -23.50
N VAL C 472 40.20 -7.97 -24.09
CA VAL C 472 40.88 -8.01 -25.38
C VAL C 472 39.99 -7.43 -26.48
N ASP C 473 38.70 -7.73 -26.43
CA ASP C 473 37.79 -7.23 -27.45
C ASP C 473 37.62 -5.71 -27.31
N ASN C 474 37.70 -5.21 -26.09
CA ASN C 474 37.70 -3.78 -25.85
C ASN C 474 38.97 -3.15 -26.42
N ILE C 475 40.11 -3.76 -26.13
CA ILE C 475 41.40 -3.26 -26.59
C ILE C 475 41.51 -3.21 -28.12
N VAL C 476 40.95 -4.23 -28.78
CA VAL C 476 41.11 -4.36 -30.22
C VAL C 476 39.92 -3.83 -31.03
N ASN C 477 38.70 -4.24 -30.66
CA ASN C 477 37.54 -3.90 -31.48
C ASN C 477 36.61 -2.85 -30.87
N GLY C 478 37.01 -2.24 -29.75
CA GLY C 478 36.20 -1.23 -29.11
C GLY C 478 34.91 -1.76 -28.50
N ALA C 479 34.92 -3.06 -28.15
CA ALA C 479 33.75 -3.72 -27.59
C ALA C 479 33.46 -3.27 -26.16
N VAL C 480 32.19 -3.35 -25.78
CA VAL C 480 31.80 -2.97 -24.44
C VAL C 480 32.17 -4.10 -23.48
N GLU C 481 32.80 -3.75 -22.36
CA GLU C 481 33.12 -4.76 -21.36
C GLU C 481 31.88 -4.99 -20.52
N LEU C 482 31.01 -5.85 -21.03
CA LEU C 482 29.69 -6.07 -20.47
C LEU C 482 29.73 -6.82 -19.14
N THR C 483 30.55 -7.85 -19.08
CA THR C 483 30.63 -8.69 -17.90
C THR C 483 31.19 -7.90 -16.73
N LEU C 484 32.21 -7.09 -17.02
CA LEU C 484 32.82 -6.22 -16.02
C LEU C 484 31.87 -5.20 -15.40
N ASN C 485 31.17 -4.41 -16.24
CA ASN C 485 30.34 -3.31 -15.75
C ASN C 485 28.85 -3.62 -15.59
N TYR C 486 28.36 -4.70 -16.21
CA TYR C 486 26.93 -5.02 -16.11
C TYR C 486 26.67 -6.51 -15.81
N PRO C 487 26.97 -6.96 -14.58
CA PRO C 487 26.76 -8.37 -14.26
C PRO C 487 25.31 -8.82 -14.46
N ASP C 488 24.33 -8.02 -14.04
CA ASP C 488 22.92 -8.35 -14.25
C ASP C 488 22.62 -8.60 -15.72
N PHE C 489 23.23 -7.80 -16.57
CA PHE C 489 22.98 -7.90 -18.00
C PHE C 489 23.44 -9.24 -18.56
N VAL C 490 24.67 -9.62 -18.25
CA VAL C 490 25.24 -10.81 -18.88
C VAL C 490 24.64 -12.05 -18.23
N ASN C 491 24.33 -11.96 -16.94
CA ASN C 491 23.83 -13.11 -16.20
C ASN C 491 22.38 -13.39 -16.54
N GLY C 492 21.70 -12.42 -17.13
CA GLY C 492 20.28 -12.59 -17.40
C GLY C 492 19.93 -12.85 -18.85
N ARG C 493 20.91 -13.24 -19.66
CA ARG C 493 20.66 -13.52 -21.05
C ARG C 493 21.53 -14.66 -21.54
N GLN C 494 21.19 -15.21 -22.70
CA GLN C 494 22.10 -16.10 -23.40
C GLN C 494 23.04 -15.22 -24.22
N ASN C 495 24.34 -15.34 -23.97
CA ASN C 495 25.28 -14.55 -24.73
C ASN C 495 25.80 -15.39 -25.89
N THR C 496 25.15 -15.22 -27.02
CA THR C 496 25.34 -16.09 -28.18
C THR C 496 26.15 -15.45 -29.32
N GLU C 497 26.34 -14.14 -29.26
CA GLU C 497 26.86 -13.41 -30.42
C GLU C 497 28.31 -13.76 -30.71
N ARG C 498 29.14 -13.77 -29.67
CA ARG C 498 30.56 -13.95 -29.87
C ARG C 498 30.92 -15.45 -29.93
N ARG C 499 31.66 -15.85 -30.96
CA ARG C 499 32.00 -17.26 -31.19
C ARG C 499 33.50 -17.46 -31.44
N LEU C 500 33.96 -18.68 -31.24
CA LEU C 500 35.39 -19.01 -31.45
C LEU C 500 35.75 -18.88 -32.93
N VAL C 501 34.73 -18.96 -33.78
CA VAL C 501 34.89 -18.57 -35.19
C VAL C 501 33.85 -17.49 -35.51
N ASP C 502 34.32 -16.25 -35.69
CA ASP C 502 33.49 -15.11 -36.06
C ASP C 502 33.57 -14.86 -37.57
N GLY C 503 32.71 -14.00 -38.08
CA GLY C 503 32.76 -13.60 -39.48
C GLY C 503 34.15 -13.20 -39.93
N ALA C 504 34.88 -12.51 -39.07
CA ALA C 504 36.20 -11.99 -39.40
C ALA C 504 37.15 -13.11 -39.85
N GLN C 505 37.16 -14.23 -39.13
CA GLN C 505 38.06 -15.33 -39.50
C GLN C 505 37.53 -16.09 -40.73
N VAL C 506 36.21 -16.18 -40.87
CA VAL C 506 35.59 -16.81 -42.04
C VAL C 506 35.93 -16.08 -43.34
N PHE C 507 35.57 -14.80 -43.42
CA PHE C 507 35.81 -13.98 -44.61
C PHE C 507 37.27 -13.95 -44.99
N ALA C 508 38.15 -14.02 -44.00
CA ALA C 508 39.60 -13.99 -44.22
C ALA C 508 40.11 -15.25 -44.92
N LYS C 509 39.58 -16.40 -44.54
CA LYS C 509 40.01 -17.68 -45.12
C LYS C 509 39.64 -17.75 -46.60
N SER C 510 38.56 -17.06 -46.98
CA SER C 510 38.13 -16.98 -48.38
C SER C 510 39.16 -16.25 -49.26
N HIS D 6 -28.09 8.44 63.82
CA HIS D 6 -28.60 8.80 62.50
C HIS D 6 -28.27 10.26 62.16
N PRO D 7 -27.98 10.55 60.87
CA PRO D 7 -27.52 11.87 60.39
C PRO D 7 -28.52 13.02 60.50
N ASP D 8 -28.04 14.25 60.35
CA ASP D 8 -28.86 15.45 60.44
C ASP D 8 -29.87 15.56 59.30
N ILE D 9 -29.43 15.23 58.09
CA ILE D 9 -30.31 15.19 56.93
C ILE D 9 -30.17 13.86 56.21
N SER D 10 -31.28 13.33 55.72
CA SER D 10 -31.25 12.13 54.88
C SER D 10 -31.90 12.40 53.52
N VAL D 11 -31.20 12.02 52.45
CA VAL D 11 -31.77 12.07 51.10
C VAL D 11 -31.40 10.81 50.33
N ASP D 12 -32.16 10.53 49.28
CA ASP D 12 -31.86 9.40 48.41
C ASP D 12 -30.58 9.68 47.64
N VAL D 13 -30.54 10.82 46.96
CA VAL D 13 -29.40 11.16 46.13
C VAL D 13 -28.79 12.49 46.56
N LEU D 14 -27.52 12.46 46.94
CA LEU D 14 -26.80 13.67 47.32
C LEU D 14 -25.89 14.11 46.18
N VAL D 15 -25.94 15.40 45.85
CA VAL D 15 -25.05 15.93 44.82
C VAL D 15 -24.05 16.90 45.44
N ILE D 16 -22.77 16.59 45.32
CA ILE D 16 -21.73 17.51 45.77
C ILE D 16 -21.25 18.33 44.59
N GLY D 17 -21.48 19.63 44.65
CA GLY D 17 -20.99 20.53 43.61
C GLY D 17 -22.10 21.14 42.80
N ALA D 18 -22.02 22.45 42.58
CA ALA D 18 -23.03 23.16 41.80
C ALA D 18 -22.40 23.92 40.64
N GLY D 19 -21.33 23.36 40.08
CA GLY D 19 -20.89 23.70 38.73
C GLY D 19 -21.83 23.01 37.76
N PRO D 20 -21.55 23.09 36.46
CA PRO D 20 -22.45 22.51 35.45
C PRO D 20 -22.83 21.05 35.70
N THR D 21 -21.88 20.23 36.17
CA THR D 21 -22.19 18.81 36.34
C THR D 21 -23.22 18.59 37.43
N GLY D 22 -22.99 19.24 38.56
CA GLY D 22 -23.88 19.13 39.70
C GLY D 22 -25.26 19.67 39.37
N LEU D 23 -25.29 20.81 38.67
CA LEU D 23 -26.55 21.42 38.29
C LEU D 23 -27.35 20.55 37.30
N GLY D 24 -26.62 19.81 36.47
CA GLY D 24 -27.25 18.84 35.56
C GLY D 24 -27.95 17.76 36.34
N ALA D 25 -27.24 17.16 37.27
CA ALA D 25 -27.81 16.14 38.15
C ALA D 25 -29.08 16.66 38.84
N ALA D 26 -28.97 17.85 39.44
CA ALA D 26 -30.10 18.46 40.14
C ALA D 26 -31.26 18.76 39.21
N LYS D 27 -30.95 19.31 38.04
CA LYS D 27 -32.02 19.62 37.10
C LYS D 27 -32.80 18.34 36.73
N ARG D 28 -32.08 17.23 36.59
CA ARG D 28 -32.73 15.98 36.18
C ARG D 28 -33.45 15.34 37.38
N LEU D 29 -32.85 15.44 38.56
CA LEU D 29 -33.54 15.02 39.78
C LEU D 29 -34.83 15.81 39.96
N ASN D 30 -34.74 17.12 39.83
CA ASN D 30 -35.91 17.97 40.03
C ASN D 30 -37.00 17.72 38.99
N GLN D 31 -36.58 17.36 37.77
CA GLN D 31 -37.51 17.02 36.69
C GLN D 31 -38.22 15.69 36.93
N ILE D 32 -37.44 14.65 37.25
CA ILE D 32 -37.99 13.34 37.57
C ILE D 32 -38.88 13.43 38.80
N ASP D 33 -38.43 14.19 39.80
CA ASP D 33 -39.20 14.46 41.00
C ASP D 33 -39.74 13.18 41.63
N GLY D 34 -38.84 12.22 41.83
CA GLY D 34 -39.19 10.99 42.51
C GLY D 34 -38.38 10.89 43.78
N PRO D 35 -37.16 10.33 43.68
CA PRO D 35 -36.25 10.23 44.83
C PRO D 35 -35.96 11.60 45.44
N SER D 36 -35.86 11.68 46.78
CA SER D 36 -35.46 12.90 47.44
C SER D 36 -33.99 13.19 47.14
N TRP D 37 -33.62 14.47 47.17
CA TRP D 37 -32.26 14.87 46.84
C TRP D 37 -31.90 16.23 47.40
N MET D 38 -30.60 16.53 47.42
CA MET D 38 -30.16 17.88 47.71
C MET D 38 -28.80 18.11 47.07
N ILE D 39 -28.47 19.38 46.83
CA ILE D 39 -27.21 19.73 46.21
C ILE D 39 -26.47 20.73 47.10
N VAL D 40 -25.16 20.54 47.25
CA VAL D 40 -24.37 21.43 48.08
C VAL D 40 -23.19 21.97 47.31
N ASP D 41 -22.60 23.03 47.84
CA ASP D 41 -21.44 23.65 47.24
C ASP D 41 -20.78 24.60 48.24
N SER D 42 -19.45 24.61 48.24
CA SER D 42 -18.67 25.46 49.14
C SER D 42 -18.83 26.94 48.81
N ASN D 43 -19.30 27.20 47.59
CA ASN D 43 -19.44 28.55 47.08
C ASN D 43 -20.90 29.02 47.08
N GLU D 44 -21.13 30.27 47.48
CA GLU D 44 -22.48 30.81 47.51
C GLU D 44 -23.03 30.97 46.09
N THR D 45 -22.13 31.20 45.14
CA THR D 45 -22.50 31.37 43.74
C THR D 45 -22.28 30.08 42.94
N PRO D 46 -23.34 29.53 42.35
CA PRO D 46 -23.18 28.32 41.54
C PRO D 46 -22.37 28.64 40.28
N GLY D 47 -21.81 27.63 39.64
CA GLY D 47 -21.11 27.87 38.38
C GLY D 47 -19.78 27.16 38.22
N GLY D 48 -19.02 27.07 39.30
CA GLY D 48 -17.70 26.46 39.25
C GLY D 48 -16.79 27.17 38.25
N LEU D 49 -16.10 26.40 37.41
CA LEU D 49 -15.18 26.95 36.44
C LEU D 49 -15.93 27.66 35.33
N ALA D 50 -17.26 27.57 35.35
CA ALA D 50 -18.11 28.26 34.38
C ALA D 50 -18.72 29.50 35.01
N SER D 51 -18.08 30.01 36.06
CA SER D 51 -18.47 31.26 36.68
C SER D 51 -17.80 32.45 36.00
N THR D 52 -18.07 33.64 36.53
CA THR D 52 -17.51 34.87 35.98
C THR D 52 -17.11 35.81 37.12
N ASP D 53 -15.95 36.45 36.96
CA ASP D 53 -15.51 37.48 37.89
C ASP D 53 -15.72 38.87 37.32
N VAL D 54 -15.78 39.86 38.20
CA VAL D 54 -15.73 41.25 37.76
C VAL D 54 -14.62 42.00 38.52
N THR D 55 -13.88 42.87 37.82
CA THR D 55 -12.86 43.71 38.44
C THR D 55 -13.52 44.93 39.08
N PRO D 56 -12.81 45.61 40.02
CA PRO D 56 -13.38 46.82 40.64
C PRO D 56 -13.70 47.94 39.63
N GLU D 57 -13.15 47.85 38.43
CA GLU D 57 -13.41 48.83 37.39
C GLU D 57 -14.59 48.46 36.50
N GLY D 58 -15.12 47.26 36.69
CA GLY D 58 -16.31 46.82 36.01
C GLY D 58 -16.09 45.99 34.76
N PHE D 59 -14.95 45.31 34.69
CA PHE D 59 -14.67 44.39 33.58
C PHE D 59 -14.87 42.95 34.02
N LEU D 60 -15.70 42.23 33.27
CA LEU D 60 -16.02 40.84 33.55
C LEU D 60 -15.00 39.91 32.89
N TYR D 61 -14.66 38.83 33.57
CA TYR D 61 -13.87 37.79 32.94
C TYR D 61 -14.39 36.41 33.29
N ASP D 62 -14.69 35.61 32.27
CA ASP D 62 -14.95 34.20 32.48
C ASP D 62 -13.65 33.56 32.97
N VAL D 63 -13.70 32.28 33.33
CA VAL D 63 -12.47 31.56 33.63
C VAL D 63 -11.80 31.14 32.31
N GLY D 64 -11.22 32.11 31.60
CA GLY D 64 -10.69 31.82 30.28
C GLY D 64 -11.79 31.77 29.23
N GLY D 65 -11.42 31.58 27.98
CA GLY D 65 -12.39 31.59 26.89
C GLY D 65 -13.43 30.48 27.01
N HIS D 66 -14.69 30.86 27.20
CA HIS D 66 -15.79 29.92 27.29
C HIS D 66 -16.78 30.13 26.16
N VAL D 67 -16.83 29.16 25.27
CA VAL D 67 -17.69 29.24 24.10
C VAL D 67 -18.53 27.97 24.03
N ILE D 68 -19.84 28.13 24.01
CA ILE D 68 -20.72 26.98 24.04
C ILE D 68 -20.91 26.35 22.67
N ALA D 69 -20.63 25.05 22.58
CA ALA D 69 -21.04 24.25 21.44
C ALA D 69 -21.77 23.02 21.98
N SER D 70 -23.11 23.07 21.95
CA SER D 70 -23.93 22.03 22.56
C SER D 70 -24.11 20.82 21.68
N HIS D 71 -24.01 19.64 22.30
CA HIS D 71 -24.27 18.39 21.61
C HIS D 71 -25.59 17.78 22.08
N TYR D 72 -26.37 18.53 22.85
CA TYR D 72 -27.55 17.97 23.52
C TYR D 72 -28.77 18.88 23.58
N LYS D 73 -29.93 18.34 23.20
CA LYS D 73 -31.20 19.06 23.32
C LYS D 73 -31.52 19.41 24.75
N TYR D 74 -31.19 18.50 25.67
CA TYR D 74 -31.53 18.65 27.09
C TYR D 74 -30.82 19.87 27.66
N PHE D 75 -29.54 19.99 27.31
CA PHE D 75 -28.74 21.15 27.65
C PHE D 75 -29.42 22.41 27.12
N ASP D 76 -29.77 22.42 25.84
CA ASP D 76 -30.46 23.57 25.25
C ASP D 76 -31.78 23.89 25.95
N ASP D 77 -32.57 22.87 26.26
CA ASP D 77 -33.81 23.05 27.03
C ASP D 77 -33.56 23.80 28.34
N CYS D 78 -32.52 23.41 29.05
CA CYS D 78 -32.25 23.99 30.37
C CYS D 78 -31.70 25.42 30.23
N LEU D 79 -30.85 25.66 29.25
CA LEU D 79 -30.35 27.01 29.00
C LEU D 79 -31.48 27.93 28.60
N ASP D 80 -32.34 27.44 27.70
CA ASP D 80 -33.44 28.22 27.18
C ASP D 80 -34.47 28.48 28.27
N GLU D 81 -34.65 27.53 29.19
CA GLU D 81 -35.58 27.76 30.31
C GLU D 81 -35.00 28.82 31.23
N ALA D 82 -33.69 28.77 31.41
CA ALA D 82 -32.99 29.69 32.30
C ALA D 82 -33.02 31.10 31.74
N LEU D 83 -32.63 31.26 30.48
CA LEU D 83 -32.63 32.57 29.82
C LEU D 83 -33.47 32.51 28.53
N PRO D 84 -34.80 32.70 28.65
CA PRO D 84 -35.72 32.48 27.52
C PRO D 84 -35.87 33.64 26.54
N LYS D 85 -35.50 34.86 26.96
CA LYS D 85 -35.73 36.04 26.13
C LYS D 85 -34.63 36.10 25.08
N GLU D 86 -34.96 36.61 23.90
CA GLU D 86 -33.98 36.66 22.81
C GLU D 86 -32.87 37.66 23.11
N ASP D 87 -33.13 38.60 24.00
CA ASP D 87 -32.07 39.54 24.39
C ASP D 87 -31.36 39.11 25.68
N ASP D 88 -31.59 37.88 26.14
CA ASP D 88 -30.72 37.31 27.17
C ASP D 88 -29.41 36.86 26.55
N TRP D 89 -29.37 36.80 25.23
CA TRP D 89 -28.24 36.24 24.49
C TRP D 89 -27.78 37.10 23.32
N TYR D 90 -26.50 36.97 22.96
CA TYR D 90 -25.99 37.54 21.72
C TYR D 90 -25.38 36.41 20.89
N THR D 91 -25.54 36.50 19.57
CA THR D 91 -25.07 35.45 18.68
C THR D 91 -23.88 35.96 17.91
N HIS D 92 -22.85 35.13 17.79
CA HIS D 92 -21.62 35.50 17.08
C HIS D 92 -21.14 34.37 16.22
N GLN D 93 -20.40 34.70 15.17
CA GLN D 93 -19.76 33.69 14.37
C GLN D 93 -18.52 33.17 15.08
N ARG D 94 -18.17 31.91 14.83
CA ARG D 94 -17.06 31.26 15.51
C ARG D 94 -15.73 31.65 14.89
N ILE D 95 -15.31 32.88 15.15
CA ILE D 95 -14.16 33.47 14.46
C ILE D 95 -12.86 33.35 15.26
N SER D 96 -11.94 32.54 14.75
CA SER D 96 -10.65 32.37 15.41
C SER D 96 -9.48 32.44 14.42
N TYR D 97 -8.32 32.83 14.91
CA TYR D 97 -7.11 32.93 14.10
C TYR D 97 -5.90 32.38 14.86
N VAL D 98 -4.87 32.01 14.13
CA VAL D 98 -3.60 31.64 14.71
C VAL D 98 -2.56 32.74 14.47
N ARG D 99 -1.92 33.20 15.53
CA ARG D 99 -0.88 34.20 15.38
C ARG D 99 0.37 33.48 14.93
N CYS D 100 0.87 33.82 13.75
CA CYS D 100 2.06 33.17 13.24
C CYS D 100 2.85 34.11 12.35
N GLN D 101 4.10 34.34 12.74
CA GLN D 101 5.06 35.19 12.03
C GLN D 101 4.48 36.49 11.50
N GLY D 102 3.93 37.27 12.40
CA GLY D 102 3.43 38.60 12.07
C GLY D 102 2.05 38.57 11.46
N GLN D 103 1.47 37.37 11.34
CA GLN D 103 0.17 37.23 10.67
C GLN D 103 -0.92 36.67 11.57
N TRP D 104 -2.16 37.11 11.34
CA TRP D 104 -3.32 36.44 11.89
C TRP D 104 -3.82 35.43 10.85
N VAL D 105 -3.47 34.17 11.04
CA VAL D 105 -3.85 33.12 10.10
C VAL D 105 -5.21 32.55 10.50
N PRO D 106 -6.18 32.59 9.59
CA PRO D 106 -7.50 32.02 9.92
C PRO D 106 -7.43 30.54 10.29
N TYR D 107 -8.22 30.13 11.29
CA TYR D 107 -8.34 28.71 11.63
C TYR D 107 -9.29 28.04 10.65
N PRO D 108 -8.98 26.81 10.21
CA PRO D 108 -7.83 25.98 10.60
C PRO D 108 -6.55 26.35 9.86
N PHE D 109 -5.44 26.27 10.60
CA PHE D 109 -4.15 26.76 10.15
C PHE D 109 -3.73 26.24 8.78
N GLN D 110 -3.84 24.93 8.58
CA GLN D 110 -3.30 24.33 7.37
C GLN D 110 -3.99 24.81 6.08
N ASN D 111 -5.23 25.29 6.18
CA ASN D 111 -5.93 25.79 5.00
C ASN D 111 -5.59 27.23 4.65
N ASN D 112 -4.64 27.82 5.37
CA ASN D 112 -4.39 29.25 5.25
C ASN D 112 -2.91 29.59 5.26
N ILE D 113 -2.08 28.61 4.92
CA ILE D 113 -0.65 28.84 4.96
C ILE D 113 -0.18 29.64 3.74
N SER D 114 -1.10 30.04 2.88
CA SER D 114 -0.75 30.93 1.78
C SER D 114 -0.32 32.30 2.31
N MET D 115 -0.68 32.63 3.56
CA MET D 115 -0.21 33.87 4.20
C MET D 115 1.25 33.80 4.60
N LEU D 116 1.81 32.59 4.68
CA LEU D 116 3.20 32.43 5.08
C LEU D 116 4.14 32.69 3.92
N PRO D 117 5.43 32.93 4.21
CA PRO D 117 6.44 32.99 3.15
C PRO D 117 6.39 31.76 2.23
N LYS D 118 6.72 31.94 0.97
CA LYS D 118 6.63 30.87 -0.03
C LYS D 118 7.53 29.68 0.32
N GLU D 119 8.77 29.97 0.72
CA GLU D 119 9.74 28.94 1.10
C GLU D 119 9.19 28.05 2.21
N GLU D 120 8.34 28.64 3.06
CA GLU D 120 7.75 27.91 4.16
C GLU D 120 6.54 27.09 3.69
N GLN D 121 5.80 27.66 2.74
CA GLN D 121 4.72 26.94 2.07
C GLN D 121 5.24 25.67 1.42
N VAL D 122 6.40 25.78 0.77
CA VAL D 122 7.08 24.62 0.18
C VAL D 122 7.36 23.56 1.24
N LYS D 123 7.96 23.98 2.35
CA LYS D 123 8.29 23.07 3.45
C LYS D 123 7.03 22.40 4.02
N CYS D 124 5.96 23.19 4.21
CA CYS D 124 4.70 22.65 4.71
C CYS D 124 4.07 21.64 3.78
N ILE D 125 4.05 21.98 2.49
CA ILE D 125 3.36 21.12 1.53
C ILE D 125 4.15 19.84 1.32
N ASP D 126 5.48 19.96 1.24
CA ASP D 126 6.34 18.80 1.17
C ASP D 126 6.10 17.85 2.34
N GLY D 127 6.01 18.40 3.55
CA GLY D 127 5.75 17.60 4.72
C GLY D 127 4.40 16.91 4.67
N MET D 128 3.39 17.61 4.16
CA MET D 128 2.05 17.04 4.15
C MET D 128 1.93 15.99 3.03
N ILE D 129 2.66 16.20 1.92
CA ILE D 129 2.76 15.16 0.90
C ILE D 129 3.33 13.88 1.50
N ASP D 130 4.40 14.00 2.30
CA ASP D 130 4.95 12.82 2.97
C ASP D 130 3.88 12.15 3.82
N ALA D 131 3.18 12.94 4.61
CA ALA D 131 2.14 12.42 5.50
C ALA D 131 1.05 11.69 4.72
N ALA D 132 0.68 12.25 3.57
CA ALA D 132 -0.39 11.67 2.73
C ALA D 132 0.03 10.32 2.20
N LEU D 133 1.29 10.21 1.80
CA LEU D 133 1.82 9.00 1.22
C LEU D 133 1.93 7.93 2.30
N GLU D 134 2.30 8.36 3.50
CA GLU D 134 2.39 7.43 4.63
C GLU D 134 1.00 6.99 5.03
N ALA D 135 0.04 7.91 5.01
CA ALA D 135 -1.31 7.59 5.44
C ALA D 135 -1.95 6.52 4.55
N ARG D 136 -1.58 6.52 3.28
CA ARG D 136 -2.15 5.58 2.30
C ARG D 136 -1.80 4.13 2.59
N VAL D 137 -0.65 3.88 3.22
CA VAL D 137 -0.25 2.52 3.56
C VAL D 137 -0.25 2.27 5.07
N ALA D 138 -0.80 3.20 5.86
CA ALA D 138 -0.83 3.03 7.31
C ALA D 138 -1.67 1.82 7.73
N ASN D 139 -1.17 1.04 8.69
CA ASN D 139 -1.95 -0.07 9.23
C ASN D 139 -1.94 -0.08 10.77
N THR D 140 -1.65 1.07 11.37
CA THR D 140 -1.66 1.19 12.84
C THR D 140 -2.28 2.52 13.22
N LYS D 141 -2.72 2.64 14.47
CA LYS D 141 -3.23 3.91 14.96
C LYS D 141 -2.06 4.66 15.60
N PRO D 142 -2.14 6.00 15.63
CA PRO D 142 -1.07 6.67 16.38
C PRO D 142 -1.21 6.35 17.86
N LYS D 143 -0.12 6.43 18.61
CA LYS D 143 -0.16 6.05 20.02
C LYS D 143 -0.07 7.30 20.89
N THR D 144 0.48 8.36 20.32
CA THR D 144 0.64 9.60 21.07
C THR D 144 -0.01 10.75 20.33
N PHE D 145 -0.35 11.79 21.06
CA PHE D 145 -0.85 13.05 20.50
C PHE D 145 0.12 13.56 19.43
N ASP D 146 1.42 13.46 19.69
CA ASP D 146 2.42 13.95 18.76
C ASP D 146 2.37 13.17 17.43
N GLU D 147 2.18 11.86 17.52
CA GLU D 147 2.11 11.02 16.33
C GLU D 147 0.89 11.37 15.49
N TRP D 148 -0.20 11.64 16.19
CA TRP D 148 -1.46 12.02 15.58
C TRP D 148 -1.30 13.35 14.84
N ILE D 149 -0.69 14.33 15.50
CA ILE D 149 -0.45 15.65 14.90
C ILE D 149 0.34 15.51 13.60
N VAL D 150 1.48 14.83 13.65
CA VAL D 150 2.32 14.65 12.48
C VAL D 150 1.61 13.92 11.34
N ARG D 151 0.88 12.85 11.65
CA ARG D 151 0.15 12.14 10.62
C ARG D 151 -0.97 12.98 10.02
N MET D 152 -1.52 13.89 10.80
CA MET D 152 -2.59 14.75 10.33
C MET D 152 -2.05 15.89 9.45
N MET D 153 -0.91 16.46 9.87
CA MET D 153 -0.41 17.70 9.28
C MET D 153 0.91 17.58 8.51
N GLY D 154 1.67 16.54 8.78
CA GLY D 154 3.05 16.50 8.32
C GLY D 154 3.95 17.34 9.22
N THR D 155 5.25 17.13 9.12
CA THR D 155 6.23 17.75 10.00
C THR D 155 6.25 19.29 10.02
N GLY D 156 6.29 19.89 8.85
CA GLY D 156 6.41 21.33 8.74
C GLY D 156 5.26 22.11 9.32
N ILE D 157 4.04 21.73 8.94
CA ILE D 157 2.85 22.34 9.51
C ILE D 157 2.74 22.05 11.01
N ALA D 158 3.10 20.84 11.43
CA ALA D 158 3.04 20.49 12.85
C ALA D 158 3.94 21.40 13.70
N ASP D 159 5.18 21.65 13.23
CA ASP D 159 6.15 22.45 13.99
C ASP D 159 5.75 23.92 14.11
N LEU D 160 4.92 24.39 13.18
CA LEU D 160 4.54 25.81 13.18
C LEU D 160 3.40 26.10 14.13
N PHE D 161 2.48 25.15 14.29
CA PHE D 161 1.31 25.45 15.11
C PHE D 161 1.03 24.40 16.18
N MET D 162 0.52 23.24 15.80
CA MET D 162 -0.04 22.35 16.82
C MET D 162 0.97 21.85 17.85
N ARG D 163 2.19 21.53 17.41
CA ARG D 163 3.20 21.11 18.37
C ARG D 163 3.55 22.20 19.40
N PRO D 164 4.00 23.41 18.94
CA PRO D 164 4.35 24.36 20.02
C PRO D 164 3.10 24.90 20.74
N TYR D 165 1.98 25.00 20.04
CA TYR D 165 0.76 25.49 20.69
C TYR D 165 0.28 24.56 21.80
N ASN D 166 0.29 23.26 21.55
CA ASN D 166 -0.23 22.35 22.54
C ASN D 166 0.68 22.18 23.74
N PHE D 167 1.99 22.41 23.55
CA PHE D 167 2.83 22.42 24.74
C PHE D 167 2.40 23.58 25.60
N LYS D 168 2.07 24.72 24.97
CA LYS D 168 1.72 25.93 25.70
C LYS D 168 0.34 25.78 26.38
N VAL D 169 -0.52 24.96 25.80
CA VAL D 169 -1.82 24.66 26.42
C VAL D 169 -1.71 23.66 27.57
N TRP D 170 -1.23 22.46 27.27
CA TRP D 170 -1.30 21.34 28.23
C TRP D 170 -0.20 21.39 29.25
N ALA D 171 0.86 22.13 28.94
CA ALA D 171 2.02 22.26 29.83
C ALA D 171 2.66 20.90 29.98
N VAL D 172 2.46 20.05 28.98
CA VAL D 172 3.20 18.79 28.86
C VAL D 172 3.54 18.58 27.39
N PRO D 173 4.60 17.83 27.11
CA PRO D 173 4.93 17.58 25.70
C PRO D 173 3.84 16.77 24.99
N THR D 174 3.65 17.02 23.69
CA THR D 174 2.68 16.27 22.92
C THR D 174 3.01 14.77 22.90
N THR D 175 4.28 14.43 23.13
CA THR D 175 4.74 13.04 23.10
C THR D 175 4.35 12.29 24.36
N LYS D 176 3.83 13.00 25.36
CA LYS D 176 3.46 12.38 26.64
C LYS D 176 1.94 12.20 26.79
N MET D 177 1.19 12.71 25.81
CA MET D 177 -0.27 12.54 25.83
C MET D 177 -0.77 11.45 24.88
N GLN D 178 -1.91 10.85 25.20
CA GLN D 178 -2.54 9.89 24.32
C GLN D 178 -3.29 10.64 23.21
N CYS D 179 -3.89 9.95 22.26
CA CYS D 179 -4.59 10.65 21.18
C CYS D 179 -6.00 10.09 20.91
N ALA D 180 -6.39 9.03 21.61
CA ALA D 180 -7.74 8.48 21.51
C ALA D 180 -8.79 9.53 21.80
N TRP D 181 -8.52 10.40 22.78
CA TRP D 181 -9.44 11.46 23.16
C TRP D 181 -9.82 12.41 22.02
N LEU D 182 -9.08 12.37 20.91
CA LEU D 182 -9.34 13.30 19.81
C LEU D 182 -10.44 12.77 18.89
N GLY D 183 -10.87 11.54 19.12
CA GLY D 183 -11.97 10.96 18.37
C GLY D 183 -11.55 9.84 17.46
N GLU D 184 -12.50 9.34 16.67
CA GLU D 184 -12.29 8.14 15.85
C GLU D 184 -11.76 8.43 14.44
N ARG D 185 -11.76 9.69 14.02
CA ARG D 185 -11.28 10.06 12.69
C ARG D 185 -9.84 9.59 12.49
N VAL D 186 -9.59 8.89 11.39
CA VAL D 186 -8.25 8.45 11.02
C VAL D 186 -7.35 9.66 10.84
N ALA D 187 -6.13 9.58 11.37
CA ALA D 187 -5.19 10.70 11.30
C ALA D 187 -4.55 10.79 9.91
N ALA D 188 -5.15 11.61 9.04
CA ALA D 188 -4.67 11.73 7.65
C ALA D 188 -4.90 13.15 7.14
N PRO D 189 -3.97 13.64 6.29
CA PRO D 189 -4.08 14.98 5.70
C PRO D 189 -5.21 15.07 4.68
N ASN D 190 -5.86 16.22 4.60
CA ASN D 190 -6.59 16.56 3.38
C ASN D 190 -5.62 17.35 2.51
N LEU D 191 -4.77 16.63 1.78
CA LEU D 191 -3.72 17.28 1.02
C LEU D 191 -4.28 18.19 -0.08
N LYS D 192 -5.36 17.76 -0.74
CA LYS D 192 -5.93 18.54 -1.83
C LYS D 192 -6.49 19.87 -1.36
N ALA D 193 -7.08 19.87 -0.17
CA ALA D 193 -7.69 21.07 0.34
C ALA D 193 -6.63 22.09 0.65
N VAL D 194 -5.54 21.62 1.27
CA VAL D 194 -4.44 22.49 1.62
C VAL D 194 -3.70 23.01 0.38
N THR D 195 -3.51 22.13 -0.60
CA THR D 195 -2.77 22.51 -1.80
C THR D 195 -3.61 23.46 -2.63
N THR D 196 -4.92 23.21 -2.70
CA THR D 196 -5.81 24.06 -3.48
C THR D 196 -5.82 25.51 -2.96
N ASN D 197 -5.86 25.69 -1.65
CA ASN D 197 -5.84 27.05 -1.13
C ASN D 197 -4.50 27.73 -1.36
N VAL D 198 -3.40 26.99 -1.22
CA VAL D 198 -2.08 27.56 -1.56
C VAL D 198 -2.07 27.99 -3.03
N ILE D 199 -2.47 27.10 -3.93
CA ILE D 199 -2.43 27.43 -5.36
C ILE D 199 -3.28 28.66 -5.68
N LEU D 200 -4.45 28.74 -5.05
CA LEU D 200 -5.36 29.86 -5.32
C LEU D 200 -4.95 31.13 -4.56
N GLY D 201 -3.98 31.02 -3.66
CA GLY D 201 -3.58 32.14 -2.81
C GLY D 201 -4.70 32.57 -1.88
N LYS D 202 -5.54 31.61 -1.51
CA LYS D 202 -6.78 31.85 -0.79
C LYS D 202 -6.65 31.71 0.73
N THR D 203 -7.37 32.55 1.47
CA THR D 203 -7.64 32.31 2.88
C THR D 203 -9.12 32.02 3.11
N ALA D 204 -9.41 31.16 4.07
CA ALA D 204 -10.78 30.83 4.43
C ALA D 204 -10.83 30.22 5.83
N GLY D 205 -11.52 30.89 6.76
CA GLY D 205 -11.75 30.32 8.07
C GLY D 205 -13.00 29.47 8.08
N ASN D 206 -13.09 28.55 9.03
CA ASN D 206 -14.21 27.61 9.15
C ASN D 206 -15.43 28.18 9.88
N TRP D 207 -15.71 29.46 9.66
CA TRP D 207 -16.92 30.06 10.23
C TRP D 207 -17.77 30.71 9.16
N GLY D 208 -19.02 30.99 9.52
CA GLY D 208 -19.97 31.64 8.64
C GLY D 208 -21.33 31.57 9.30
N PRO D 209 -22.37 32.05 8.61
CA PRO D 209 -23.76 32.00 9.05
C PRO D 209 -24.18 30.67 9.72
N ASN D 210 -23.60 29.55 9.28
CA ASN D 210 -23.86 28.25 9.88
C ASN D 210 -23.14 28.03 11.22
N ALA D 211 -21.93 28.59 11.33
CA ALA D 211 -21.04 28.29 12.45
C ALA D 211 -21.03 29.39 13.50
N THR D 212 -21.98 29.32 14.43
CA THR D 212 -22.17 30.36 15.43
C THR D 212 -22.19 29.85 16.88
N PHE D 213 -21.98 30.76 17.82
CA PHE D 213 -22.28 30.47 19.24
C PHE D 213 -23.16 31.59 19.76
N ARG D 214 -23.89 31.31 20.83
CA ARG D 214 -24.60 32.37 21.54
C ARG D 214 -23.97 32.53 22.93
N PHE D 215 -23.82 33.77 23.34
CA PHE D 215 -23.20 34.10 24.61
C PHE D 215 -24.19 34.93 25.46
N PRO D 216 -24.18 34.72 26.78
CA PRO D 216 -25.09 35.47 27.66
C PRO D 216 -24.90 36.98 27.54
N ALA D 217 -26.00 37.71 27.37
CA ALA D 217 -25.99 39.15 27.31
C ALA D 217 -25.41 39.78 28.58
N ARG D 218 -25.67 39.14 29.72
CA ARG D 218 -25.31 39.72 31.01
C ARG D 218 -24.76 38.70 31.99
N GLY D 219 -23.76 39.12 32.76
CA GLY D 219 -23.19 38.31 33.81
C GLY D 219 -22.16 37.29 33.32
N GLY D 220 -21.82 37.35 32.04
CA GLY D 220 -20.89 36.40 31.45
C GLY D 220 -21.41 34.96 31.50
N THR D 221 -20.56 34.01 31.17
CA THR D 221 -20.91 32.61 31.23
C THR D 221 -21.52 32.26 32.59
N GLY D 222 -21.00 32.88 33.65
CA GLY D 222 -21.50 32.65 34.99
C GLY D 222 -23.00 32.91 35.16
N GLY D 223 -23.50 33.90 34.42
CA GLY D 223 -24.90 34.21 34.45
C GLY D 223 -25.81 33.04 34.08
N ILE D 224 -25.38 32.21 33.14
CA ILE D 224 -26.16 31.02 32.77
C ILE D 224 -26.45 30.17 33.99
N TRP D 225 -25.40 29.90 34.77
CA TRP D 225 -25.50 28.91 35.83
C TRP D 225 -26.17 29.47 37.08
N ILE D 226 -26.07 30.78 37.28
CA ILE D 226 -26.88 31.43 38.32
C ILE D 226 -28.36 31.27 37.96
N ALA D 227 -28.67 31.47 36.69
CA ALA D 227 -30.04 31.40 36.20
C ALA D 227 -30.61 29.98 36.27
N VAL D 228 -29.83 28.98 35.83
CA VAL D 228 -30.26 27.57 35.90
C VAL D 228 -30.47 27.13 37.35
N ALA D 229 -29.49 27.41 38.21
CA ALA D 229 -29.59 27.11 39.63
C ALA D 229 -30.87 27.68 40.21
N ASN D 230 -31.22 28.89 39.78
CA ASN D 230 -32.41 29.56 40.26
C ASN D 230 -33.74 28.87 39.95
N THR D 231 -33.72 27.88 39.05
CA THR D 231 -34.95 27.13 38.76
C THR D 231 -35.14 25.99 39.75
N LEU D 232 -34.07 25.65 40.46
CA LEU D 232 -34.12 24.62 41.50
C LEU D 232 -34.90 25.13 42.71
N PRO D 233 -35.67 24.24 43.36
CA PRO D 233 -36.32 24.65 44.60
C PRO D 233 -35.30 24.98 45.68
N LYS D 234 -35.34 26.21 46.19
CA LYS D 234 -34.28 26.74 47.05
C LYS D 234 -33.96 25.84 48.25
N GLU D 235 -34.98 25.31 48.89
CA GLU D 235 -34.80 24.54 50.13
C GLU D 235 -34.04 23.21 49.92
N LYS D 236 -33.84 22.81 48.68
CA LYS D 236 -33.07 21.60 48.38
C LYS D 236 -31.62 21.91 48.06
N THR D 237 -31.26 23.20 48.17
CA THR D 237 -29.90 23.64 47.88
C THR D 237 -29.18 24.15 49.13
N ARG D 238 -27.86 24.06 49.12
CA ARG D 238 -27.05 24.53 50.25
C ARG D 238 -25.70 25.04 49.74
N PHE D 239 -25.67 26.33 49.43
CA PHE D 239 -24.52 26.95 48.78
C PHE D 239 -23.82 27.95 49.69
N GLY D 240 -22.51 27.83 49.83
CA GLY D 240 -21.75 28.72 50.69
C GLY D 240 -20.95 27.90 51.68
N GLU D 241 -20.43 28.57 52.72
CA GLU D 241 -19.66 27.91 53.76
C GLU D 241 -20.47 26.77 54.36
N LYS D 242 -21.78 26.95 54.41
CA LYS D 242 -22.67 25.95 55.01
C LYS D 242 -22.78 24.66 54.19
N GLY D 243 -22.42 24.73 52.92
CA GLY D 243 -22.49 23.57 52.04
C GLY D 243 -21.14 22.97 51.65
N LYS D 244 -20.10 23.32 52.40
CA LYS D 244 -18.75 22.85 52.08
C LYS D 244 -18.51 21.45 52.68
N VAL D 245 -18.35 20.46 51.82
CA VAL D 245 -18.04 19.11 52.26
C VAL D 245 -16.60 19.02 52.74
N THR D 246 -16.41 18.46 53.94
CA THR D 246 -15.07 18.23 54.48
C THR D 246 -14.76 16.76 54.72
N LYS D 247 -15.80 15.93 54.93
CA LYS D 247 -15.61 14.49 55.13
C LYS D 247 -16.63 13.66 54.37
N VAL D 248 -16.14 12.63 53.70
CA VAL D 248 -17.03 11.61 53.14
C VAL D 248 -16.70 10.28 53.77
N ASN D 249 -17.71 9.65 54.36
CA ASN D 249 -17.59 8.31 54.93
C ASN D 249 -18.35 7.34 54.02
N ALA D 250 -17.64 6.75 53.06
CA ALA D 250 -18.28 5.94 52.03
C ALA D 250 -18.91 4.68 52.61
N ASN D 251 -18.27 4.10 53.61
CA ASN D 251 -18.76 2.87 54.22
C ASN D 251 -20.03 3.07 55.03
N ASN D 252 -20.22 4.29 55.54
CA ASN D 252 -21.42 4.62 56.31
C ASN D 252 -22.42 5.45 55.51
N LYS D 253 -22.01 5.79 54.29
CA LYS D 253 -22.79 6.63 53.36
C LYS D 253 -23.23 7.93 54.01
N THR D 254 -22.27 8.63 54.61
CA THR D 254 -22.53 9.91 55.21
C THR D 254 -21.50 10.94 54.79
N VAL D 255 -21.97 12.15 54.57
CA VAL D 255 -21.11 13.28 54.28
C VAL D 255 -21.20 14.24 55.46
N THR D 256 -20.08 14.87 55.81
CA THR D 256 -20.06 15.89 56.86
C THR D 256 -19.63 17.23 56.28
N LEU D 257 -20.33 18.29 56.67
CA LEU D 257 -20.07 19.63 56.14
C LEU D 257 -19.20 20.47 57.09
N GLN D 258 -18.85 21.68 56.64
CA GLN D 258 -17.93 22.55 57.38
C GLN D 258 -18.49 22.91 58.75
N ASP D 259 -19.80 23.15 58.79
CA ASP D 259 -20.45 23.56 60.01
C ASP D 259 -20.88 22.35 60.87
N GLY D 260 -20.39 21.17 60.51
CA GLY D 260 -20.64 19.96 61.30
C GLY D 260 -21.87 19.16 60.95
N THR D 261 -22.67 19.67 60.01
CA THR D 261 -23.86 18.97 59.52
C THR D 261 -23.51 17.68 58.83
N THR D 262 -24.25 16.62 59.15
CA THR D 262 -24.05 15.35 58.47
C THR D 262 -25.21 15.05 57.54
N ILE D 263 -24.89 14.50 56.37
CA ILE D 263 -25.93 14.10 55.42
C ILE D 263 -25.81 12.64 55.04
N GLY D 264 -26.90 11.90 55.25
CA GLY D 264 -26.97 10.53 54.80
C GLY D 264 -27.49 10.49 53.38
N TYR D 265 -26.94 9.57 52.59
CA TYR D 265 -27.35 9.40 51.19
C TYR D 265 -27.50 7.91 50.88
N LYS D 266 -28.23 7.58 49.82
CA LYS D 266 -28.22 6.20 49.32
C LYS D 266 -27.32 6.11 48.09
N LYS D 267 -27.30 7.17 47.30
CA LYS D 267 -26.39 7.28 46.17
C LYS D 267 -25.73 8.66 46.20
N LEU D 268 -24.45 8.71 45.84
CA LEU D 268 -23.69 9.97 45.89
C LEU D 268 -23.18 10.38 44.51
N VAL D 269 -23.56 11.58 44.07
CA VAL D 269 -23.00 12.14 42.85
C VAL D 269 -22.00 13.22 43.24
N SER D 270 -20.73 12.92 43.09
CA SER D 270 -19.66 13.84 43.47
C SER D 270 -19.07 14.50 42.22
N THR D 271 -19.07 15.83 42.20
CA THR D 271 -18.56 16.55 41.03
C THR D 271 -17.33 17.38 41.39
N MET D 272 -16.87 17.27 42.63
CA MET D 272 -15.62 17.94 42.99
C MET D 272 -14.47 17.18 42.37
N ALA D 273 -13.27 17.74 42.39
CA ALA D 273 -12.12 17.06 41.81
C ALA D 273 -11.91 15.73 42.51
N VAL D 274 -11.69 14.66 41.75
CA VAL D 274 -11.69 13.32 42.34
C VAL D 274 -10.52 13.13 43.32
N ASP D 275 -9.43 13.88 43.14
CA ASP D 275 -8.34 13.81 44.10
C ASP D 275 -8.71 14.43 45.46
N PHE D 276 -9.59 15.44 45.46
CA PHE D 276 -10.07 15.99 46.73
C PHE D 276 -11.14 15.09 47.32
N LEU D 277 -11.94 14.45 46.46
CA LEU D 277 -12.93 13.48 46.92
C LEU D 277 -12.22 12.40 47.74
N ALA D 278 -11.15 11.86 47.18
CA ALA D 278 -10.37 10.80 47.81
C ALA D 278 -9.77 11.26 49.14
N GLU D 279 -9.18 12.45 49.16
CA GLU D 279 -8.70 13.04 50.41
C GLU D 279 -9.81 13.12 51.44
N ALA D 280 -10.99 13.53 50.99
CA ALA D 280 -12.12 13.71 51.88
C ALA D 280 -12.66 12.37 52.36
N MET D 281 -12.34 11.32 51.63
CA MET D 281 -12.79 9.97 51.99
C MET D 281 -11.82 9.30 52.96
N ASN D 282 -10.69 9.95 53.23
CA ASN D 282 -9.58 9.36 54.00
C ASN D 282 -9.27 7.94 53.55
N ASP D 283 -9.41 7.74 52.24
CA ASP D 283 -9.14 6.47 51.58
C ASP D 283 -7.74 6.51 50.98
N GLN D 284 -6.74 6.06 51.74
CA GLN D 284 -5.34 6.22 51.34
C GLN D 284 -5.04 5.58 49.99
N GLU D 285 -5.74 4.47 49.69
CA GLU D 285 -5.58 3.80 48.40
C GLU D 285 -5.95 4.69 47.21
N LEU D 286 -7.11 5.34 47.32
CA LEU D 286 -7.61 6.22 46.25
C LEU D 286 -6.81 7.51 46.17
N VAL D 287 -6.36 7.98 47.33
CA VAL D 287 -5.48 9.14 47.39
C VAL D 287 -4.26 8.87 46.51
N GLY D 288 -3.62 7.71 46.73
CA GLY D 288 -2.43 7.35 45.98
C GLY D 288 -2.69 7.21 44.50
N LEU D 289 -3.83 6.62 44.16
CA LEU D 289 -4.24 6.48 42.77
C LEU D 289 -4.58 7.83 42.12
N THR D 290 -5.38 8.66 42.79
CA THR D 290 -5.74 9.95 42.20
C THR D 290 -4.54 10.88 42.06
N LYS D 291 -3.55 10.75 42.94
CA LYS D 291 -2.34 11.57 42.84
C LYS D 291 -1.55 11.24 41.56
N GLN D 292 -1.84 10.09 40.95
CA GLN D 292 -1.15 9.69 39.73
C GLN D 292 -1.79 10.31 38.49
N LEU D 293 -2.94 10.95 38.66
CA LEU D 293 -3.49 11.73 37.57
C LEU D 293 -2.65 12.99 37.42
N PHE D 294 -2.74 13.59 36.25
CA PHE D 294 -2.04 14.83 35.97
C PHE D 294 -3.04 15.89 35.54
N TYR D 295 -2.81 17.12 35.99
CA TYR D 295 -3.63 18.26 35.60
C TYR D 295 -2.73 19.49 35.50
N SER D 296 -3.13 20.44 34.65
CA SER D 296 -2.53 21.77 34.62
C SER D 296 -3.43 22.77 35.34
N SER D 297 -2.79 23.79 35.95
CA SER D 297 -3.47 24.96 36.47
C SER D 297 -3.64 26.02 35.38
N THR D 298 -4.66 26.86 35.52
CA THR D 298 -4.95 27.93 34.55
C THR D 298 -4.85 29.31 35.19
N HIS D 299 -3.94 30.14 34.67
CA HIS D 299 -3.91 31.56 35.03
C HIS D 299 -4.79 32.34 34.04
N VAL D 300 -5.74 33.11 34.54
CA VAL D 300 -6.54 33.97 33.66
C VAL D 300 -6.07 35.42 33.82
N ILE D 301 -5.73 36.05 32.71
CA ILE D 301 -5.35 37.47 32.79
C ILE D 301 -6.33 38.29 31.97
N GLY D 302 -6.87 39.32 32.60
CA GLY D 302 -7.81 40.23 31.95
C GLY D 302 -7.24 41.62 31.81
N VAL D 303 -7.39 42.21 30.62
CA VAL D 303 -6.89 43.57 30.40
C VAL D 303 -7.99 44.42 29.78
N GLY D 304 -8.44 45.44 30.52
CA GLY D 304 -9.41 46.38 29.98
C GLY D 304 -8.71 47.53 29.29
N VAL D 305 -9.11 47.81 28.04
CA VAL D 305 -8.45 48.86 27.25
C VAL D 305 -9.39 50.00 26.90
N ARG D 306 -8.89 51.23 26.96
CA ARG D 306 -9.68 52.38 26.54
C ARG D 306 -9.68 52.48 25.02
N GLY D 307 -10.82 52.85 24.44
CA GLY D 307 -10.86 53.09 23.01
C GLY D 307 -11.93 52.25 22.34
N SER D 308 -12.39 52.73 21.19
CA SER D 308 -13.26 51.91 20.37
C SER D 308 -12.42 50.75 19.84
N ARG D 309 -13.06 49.66 19.49
CA ARG D 309 -12.36 48.47 19.05
C ARG D 309 -11.47 48.77 17.83
N PRO D 310 -10.16 48.50 17.95
CA PRO D 310 -9.24 48.74 16.84
C PRO D 310 -9.59 47.91 15.61
N GLU D 311 -9.36 48.45 14.43
CA GLU D 311 -9.63 47.77 13.18
C GLU D 311 -8.88 46.42 13.13
N ARG D 312 -7.63 46.41 13.59
CA ARG D 312 -6.78 45.21 13.57
C ARG D 312 -7.38 44.07 14.39
N ILE D 313 -8.18 44.42 15.40
CA ILE D 313 -8.84 43.41 16.21
C ILE D 313 -10.12 42.95 15.53
N GLY D 314 -11.01 43.91 15.25
CA GLY D 314 -12.21 43.62 14.50
C GLY D 314 -13.09 42.57 15.15
N ASP D 315 -13.68 41.71 14.34
CA ASP D 315 -14.68 40.76 14.83
C ASP D 315 -14.06 39.48 15.41
N LYS D 316 -12.74 39.49 15.61
CA LYS D 316 -12.07 38.33 16.19
C LYS D 316 -12.71 37.90 17.50
N CYS D 317 -12.77 36.61 17.72
CA CYS D 317 -13.32 36.05 18.96
C CYS D 317 -12.25 35.43 19.86
N TRP D 318 -11.66 34.31 19.44
CA TRP D 318 -10.50 33.79 20.16
C TRP D 318 -9.32 33.51 19.24
N LEU D 319 -8.13 33.54 19.83
CA LEU D 319 -6.88 33.56 19.08
C LEU D 319 -5.90 32.59 19.69
N TYR D 320 -5.16 31.86 18.86
CA TYR D 320 -4.18 30.89 19.32
C TYR D 320 -2.75 31.39 19.16
N PHE D 321 -1.89 31.08 20.11
CA PHE D 321 -0.52 31.60 20.05
C PHE D 321 0.54 30.50 20.21
N PRO D 322 0.92 29.86 19.10
CA PRO D 322 1.98 28.87 19.10
C PRO D 322 3.35 29.43 19.48
N GLU D 323 3.60 30.71 19.23
CA GLU D 323 4.96 31.26 19.30
C GLU D 323 5.36 31.69 20.72
N ASP D 324 6.67 31.81 20.96
CA ASP D 324 7.13 32.09 22.31
C ASP D 324 7.42 33.57 22.60
N ASN D 325 6.82 34.49 21.84
CA ASN D 325 6.96 35.90 22.16
C ASN D 325 5.84 36.38 23.07
N CYS D 326 5.01 35.45 23.54
CA CYS D 326 3.97 35.74 24.53
C CYS D 326 3.73 34.51 25.39
N PRO D 327 3.40 34.71 26.68
CA PRO D 327 3.24 33.54 27.57
C PRO D 327 1.88 32.85 27.46
N PHE D 328 0.87 33.56 26.94
CA PHE D 328 -0.46 32.99 26.87
C PHE D 328 -0.60 32.09 25.65
N TYR D 329 -1.41 31.04 25.76
CA TYR D 329 -1.67 30.18 24.61
C TYR D 329 -2.91 30.66 23.87
N ARG D 330 -3.83 31.30 24.57
CA ARG D 330 -5.07 31.74 23.93
C ARG D 330 -5.48 33.11 24.42
N ALA D 331 -6.03 33.91 23.51
CA ALA D 331 -6.59 35.22 23.85
C ALA D 331 -8.03 35.24 23.41
N THR D 332 -8.86 35.97 24.15
CA THR D 332 -10.25 36.15 23.78
C THR D 332 -10.55 37.63 23.76
N ILE D 333 -11.23 38.09 22.71
CA ILE D 333 -11.65 39.48 22.64
C ILE D 333 -13.00 39.54 23.35
N PHE D 334 -12.95 39.55 24.68
CA PHE D 334 -14.14 39.28 25.48
C PHE D 334 -15.21 40.36 25.30
N SER D 335 -14.78 41.57 24.95
CA SER D 335 -15.70 42.68 24.75
C SER D 335 -16.56 42.47 23.49
N ASN D 336 -16.08 41.61 22.60
CA ASN D 336 -16.87 41.18 21.45
C ASN D 336 -18.00 40.20 21.79
N TYR D 337 -18.02 39.67 23.00
CA TYR D 337 -19.01 38.63 23.31
C TYR D 337 -20.33 39.23 23.80
N SER D 338 -20.23 40.35 24.49
CA SER D 338 -21.39 41.09 24.97
C SER D 338 -20.97 42.50 25.34
N PRO D 339 -21.78 43.50 24.96
CA PRO D 339 -21.46 44.88 25.33
C PRO D 339 -21.53 45.09 26.83
N TYR D 340 -22.01 44.10 27.59
CA TYR D 340 -22.10 44.25 29.03
C TYR D 340 -21.00 43.49 29.77
N ASN D 341 -19.97 43.07 29.04
CA ASN D 341 -18.77 42.50 29.68
C ASN D 341 -17.79 43.56 30.17
N GLN D 342 -18.12 44.83 29.93
CA GLN D 342 -17.24 45.95 30.28
C GLN D 342 -18.09 47.22 30.37
N PRO D 343 -17.56 48.29 31.01
CA PRO D 343 -18.45 49.43 31.27
C PRO D 343 -18.93 50.14 30.00
N GLU D 344 -20.01 50.91 30.14
CA GLU D 344 -20.51 51.71 29.02
C GLU D 344 -19.54 52.84 28.71
N ALA D 345 -19.70 53.44 27.53
CA ALA D 345 -18.78 54.47 27.08
C ALA D 345 -18.73 55.65 28.05
N SER D 346 -19.85 55.99 28.65
CA SER D 346 -19.90 57.16 29.53
C SER D 346 -19.23 56.91 30.88
N ALA D 347 -18.91 55.66 31.20
CA ALA D 347 -18.23 55.36 32.46
C ALA D 347 -16.82 55.94 32.46
N ALA D 348 -16.45 56.66 33.52
CA ALA D 348 -15.14 57.29 33.54
C ALA D 348 -14.15 56.51 34.40
N LEU D 349 -13.01 56.18 33.80
CA LEU D 349 -11.94 55.45 34.49
C LEU D 349 -10.60 56.08 34.18
N PRO D 350 -9.70 56.11 35.17
CA PRO D 350 -8.34 56.58 34.90
C PRO D 350 -7.50 55.50 34.19
N THR D 351 -6.51 55.93 33.42
CA THR D 351 -5.54 55.03 32.85
C THR D 351 -4.61 54.54 33.95
N MET D 352 -4.49 53.22 34.09
CA MET D 352 -3.59 52.64 35.07
C MET D 352 -2.16 52.65 34.53
N GLN D 353 -2.02 52.34 33.25
CA GLN D 353 -0.71 52.29 32.58
C GLN D 353 -0.89 52.18 31.08
N LEU D 354 0.16 52.44 30.32
CA LEU D 354 0.13 52.21 28.89
C LEU D 354 0.67 50.81 28.65
N ALA D 355 0.40 50.26 27.47
CA ALA D 355 0.76 48.87 27.20
C ALA D 355 2.26 48.63 27.24
N ASP D 356 3.08 49.65 26.98
CA ASP D 356 4.53 49.49 27.08
C ASP D 356 5.01 49.63 28.53
N GLY D 357 4.08 49.86 29.46
CA GLY D 357 4.41 49.91 30.86
C GLY D 357 4.57 51.31 31.43
N SER D 358 4.40 52.33 30.58
CA SER D 358 4.59 53.71 31.01
C SER D 358 3.45 54.15 31.90
N ARG D 359 3.69 55.21 32.67
CA ARG D 359 2.64 55.91 33.40
C ARG D 359 1.86 56.79 32.41
N PRO D 360 0.57 57.00 32.67
CA PRO D 360 -0.22 57.90 31.82
C PRO D 360 0.19 59.34 32.09
N GLN D 361 -0.08 60.26 31.16
CA GLN D 361 0.34 61.65 31.34
C GLN D 361 -0.66 62.39 32.20
N SER D 362 -1.56 61.63 32.82
CA SER D 362 -2.61 62.15 33.68
C SER D 362 -3.27 61.02 34.47
N THR D 363 -3.70 61.31 35.69
CA THR D 363 -4.43 60.32 36.47
C THR D 363 -5.93 60.64 36.53
N GLU D 364 -6.34 61.64 35.75
CA GLU D 364 -7.74 62.01 35.62
C GLU D 364 -8.55 60.85 35.05
N ALA D 365 -9.79 60.72 35.51
CA ALA D 365 -10.71 59.77 34.91
C ALA D 365 -11.20 60.32 33.57
N LYS D 366 -11.28 59.44 32.58
CA LYS D 366 -11.74 59.81 31.25
C LYS D 366 -12.77 58.77 30.82
N GLU D 367 -13.59 59.11 29.84
CA GLU D 367 -14.66 58.24 29.43
C GLU D 367 -14.17 57.15 28.47
N GLY D 368 -15.06 56.23 28.15
CA GLY D 368 -14.76 55.16 27.21
C GLY D 368 -14.88 55.61 25.77
N PRO D 369 -15.31 54.71 24.87
CA PRO D 369 -15.67 53.32 25.13
C PRO D 369 -14.51 52.43 25.54
N TYR D 370 -14.81 51.17 25.84
CA TYR D 370 -13.80 50.23 26.29
C TYR D 370 -13.90 48.95 25.51
N TRP D 371 -12.75 48.28 25.36
CA TRP D 371 -12.74 46.91 24.90
C TRP D 371 -11.87 46.08 25.86
N SER D 372 -11.93 44.76 25.75
CA SER D 372 -11.36 43.90 26.78
C SER D 372 -10.75 42.60 26.24
N ILE D 373 -9.57 42.27 26.75
CA ILE D 373 -8.87 41.05 26.34
C ILE D 373 -8.72 40.09 27.52
N MET D 374 -9.06 38.82 27.30
CA MET D 374 -8.94 37.80 28.34
C MET D 374 -7.91 36.77 27.91
N LEU D 375 -6.88 36.55 28.73
CA LEU D 375 -5.78 35.67 28.35
C LEU D 375 -5.67 34.45 29.25
N GLU D 376 -5.14 33.36 28.70
CA GLU D 376 -4.91 32.13 29.46
C GLU D 376 -3.44 31.70 29.41
N VAL D 377 -2.86 31.48 30.59
CA VAL D 377 -1.54 30.91 30.71
C VAL D 377 -1.61 29.61 31.51
N SER D 378 -0.98 28.55 31.01
CA SER D 378 -1.01 27.27 31.71
C SER D 378 0.19 27.07 32.62
N GLU D 379 -0.03 26.32 33.68
CA GLU D 379 1.02 26.01 34.62
C GLU D 379 0.98 24.52 34.99
N SER D 380 2.16 23.92 35.10
CA SER D 380 2.32 22.56 35.60
C SER D 380 3.72 22.40 36.18
N SER D 381 3.98 21.27 36.80
CA SER D 381 5.31 20.96 37.31
C SER D 381 6.37 20.91 36.20
N MET D 382 5.95 20.71 34.95
CA MET D 382 6.86 20.75 33.80
C MET D 382 6.93 22.14 33.17
N LYS D 383 6.17 23.08 33.71
CA LYS D 383 6.08 24.42 33.13
C LYS D 383 5.65 25.42 34.20
N PRO D 384 6.62 25.96 34.96
CA PRO D 384 6.33 26.87 36.07
C PRO D 384 5.82 28.21 35.60
N VAL D 385 5.11 28.92 36.48
CA VAL D 385 4.66 30.27 36.18
C VAL D 385 4.99 31.18 37.36
N ASN D 386 5.64 32.30 37.07
CA ASN D 386 5.95 33.31 38.07
C ASN D 386 4.76 34.23 38.26
N GLN D 387 3.99 33.95 39.31
CA GLN D 387 2.78 34.68 39.60
C GLN D 387 3.00 36.18 39.73
N GLU D 388 4.16 36.55 40.26
CA GLU D 388 4.43 37.95 40.55
C GLU D 388 4.70 38.75 39.28
N THR D 389 5.10 38.09 38.20
CA THR D 389 5.38 38.83 36.96
C THR D 389 4.51 38.45 35.76
N ILE D 390 3.57 37.51 35.94
CA ILE D 390 2.83 37.00 34.79
C ILE D 390 1.92 38.06 34.13
N LEU D 391 1.34 38.95 34.92
CA LEU D 391 0.52 40.03 34.35
C LEU D 391 1.35 40.88 33.39
N ALA D 392 2.47 41.40 33.87
CA ALA D 392 3.36 42.24 33.07
C ALA D 392 3.87 41.50 31.83
N ASP D 393 4.18 40.22 31.99
CA ASP D 393 4.59 39.40 30.86
C ASP D 393 3.47 39.24 29.83
N CYS D 394 2.25 39.05 30.31
CA CYS D 394 1.10 38.97 29.40
C CYS D 394 0.94 40.29 28.63
N ILE D 395 1.02 41.40 29.33
CA ILE D 395 0.85 42.69 28.69
C ILE D 395 1.95 42.94 27.65
N GLN D 396 3.19 42.58 28.00
CA GLN D 396 4.28 42.65 27.03
C GLN D 396 3.99 41.75 25.81
N GLY D 397 3.32 40.62 26.08
CA GLY D 397 2.92 39.71 25.02
C GLY D 397 1.91 40.34 24.07
N LEU D 398 0.98 41.11 24.63
CA LEU D 398 0.00 41.84 23.84
C LEU D 398 0.66 42.84 22.87
N VAL D 399 1.74 43.51 23.33
CA VAL D 399 2.49 44.40 22.45
C VAL D 399 3.27 43.59 21.40
N ASN D 400 3.91 42.49 21.82
CA ASN D 400 4.71 41.67 20.89
C ASN D 400 3.88 41.07 19.76
N THR D 401 2.63 40.76 20.06
CA THR D 401 1.75 40.07 19.12
C THR D 401 0.91 41.10 18.36
N GLU D 402 1.22 42.38 18.60
CA GLU D 402 0.57 43.52 17.96
C GLU D 402 -0.92 43.57 18.27
N MET D 403 -1.34 42.96 19.37
CA MET D 403 -2.72 43.11 19.86
C MET D 403 -2.95 44.49 20.50
N LEU D 404 -1.93 45.00 21.18
CA LEU D 404 -1.92 46.38 21.67
C LEU D 404 -0.74 47.17 21.10
N LYS D 405 -0.96 48.45 20.82
CA LYS D 405 0.16 49.36 20.57
C LYS D 405 0.76 49.80 21.90
N PRO D 406 2.07 50.14 21.92
CA PRO D 406 2.73 50.70 23.10
C PRO D 406 1.94 51.83 23.77
N THR D 407 1.14 52.54 22.98
CA THR D 407 0.34 53.66 23.46
C THR D 407 -1.04 53.32 24.03
N ASP D 408 -1.52 52.10 23.84
CA ASP D 408 -2.89 51.79 24.28
C ASP D 408 -2.98 51.97 25.79
N GLU D 409 -4.08 52.56 26.24
CA GLU D 409 -4.30 52.81 27.66
C GLU D 409 -5.03 51.65 28.33
N ILE D 410 -4.41 51.10 29.37
CA ILE D 410 -4.98 50.02 30.14
C ILE D 410 -5.69 50.60 31.35
N VAL D 411 -6.98 50.30 31.49
CA VAL D 411 -7.80 50.89 32.57
C VAL D 411 -8.23 49.87 33.62
N SER D 412 -7.86 48.61 33.41
CA SER D 412 -8.21 47.56 34.35
C SER D 412 -7.31 46.35 34.08
N THR D 413 -6.85 45.70 35.13
CA THR D 413 -6.12 44.45 34.98
C THR D 413 -6.78 43.42 35.88
N TYR D 414 -6.55 42.15 35.58
CA TYR D 414 -7.13 41.04 36.32
C TYR D 414 -6.21 39.83 36.23
N HIS D 415 -6.02 39.15 37.36
CA HIS D 415 -5.28 37.89 37.38
C HIS D 415 -5.79 36.96 38.45
N ARG D 416 -6.17 35.74 38.05
CA ARG D 416 -6.54 34.71 39.02
C ARG D 416 -6.02 33.35 38.58
N ARG D 417 -5.52 32.59 39.54
CA ARG D 417 -4.98 31.27 39.32
C ARG D 417 -6.01 30.20 39.75
N PHE D 418 -6.39 29.34 38.82
CA PHE D 418 -7.29 28.23 39.12
C PHE D 418 -6.49 26.95 39.13
N ASP D 419 -6.37 26.34 40.31
CA ASP D 419 -5.44 25.25 40.51
C ASP D 419 -5.75 24.05 39.61
N HIS D 420 -6.97 23.55 39.66
CA HIS D 420 -7.36 22.47 38.75
C HIS D 420 -7.98 23.10 37.54
N GLY D 421 -7.24 23.15 36.44
CA GLY D 421 -7.66 23.89 35.26
C GLY D 421 -8.00 23.02 34.08
N TYR D 422 -7.04 22.20 33.64
CA TYR D 422 -7.28 21.18 32.61
C TYR D 422 -6.96 19.80 33.16
N PRO D 423 -7.88 18.83 32.98
CA PRO D 423 -7.51 17.43 33.26
C PRO D 423 -6.74 16.86 32.07
N THR D 424 -5.52 16.39 32.30
CA THR D 424 -4.62 16.07 31.18
C THR D 424 -4.80 14.67 30.60
N PRO D 425 -5.02 14.58 29.27
CA PRO D 425 -5.07 13.26 28.62
C PRO D 425 -3.67 12.65 28.42
N THR D 426 -2.99 12.40 29.53
CA THR D 426 -1.69 11.74 29.49
C THR D 426 -1.84 10.29 29.03
N LEU D 427 -0.72 9.69 28.62
CA LEU D 427 -0.70 8.29 28.25
C LEU D 427 -1.22 7.42 29.40
N GLU D 428 -1.02 7.89 30.63
CA GLU D 428 -1.34 7.13 31.82
C GLU D 428 -2.77 7.31 32.34
N ARG D 429 -3.50 8.32 31.84
CA ARG D 429 -4.82 8.67 32.39
C ARG D 429 -5.77 7.49 32.49
N GLU D 430 -5.98 6.80 31.37
CA GLU D 430 -6.97 5.74 31.34
C GLU D 430 -6.64 4.58 32.28
N GLY D 431 -5.37 4.18 32.35
CA GLY D 431 -4.98 3.10 33.22
C GLY D 431 -5.27 3.44 34.66
N THR D 432 -5.11 4.71 35.00
CA THR D 432 -5.37 5.21 36.34
C THR D 432 -6.89 5.33 36.62
N LEU D 433 -7.62 5.98 35.71
CA LEU D 433 -9.07 6.17 35.87
C LEU D 433 -9.87 4.85 35.93
N THR D 434 -9.45 3.85 35.15
CA THR D 434 -10.17 2.58 35.16
C THR D 434 -9.97 1.83 36.48
N GLN D 435 -9.09 2.34 37.33
CA GLN D 435 -8.95 1.85 38.70
C GLN D 435 -9.74 2.70 39.70
N ILE D 436 -9.74 4.01 39.50
CA ILE D 436 -10.42 4.91 40.43
C ILE D 436 -11.94 4.81 40.34
N LEU D 437 -12.47 5.01 39.13
CA LEU D 437 -13.91 5.11 38.97
C LEU D 437 -14.69 3.84 39.39
N PRO D 438 -14.20 2.63 39.02
CA PRO D 438 -14.96 1.45 39.48
C PRO D 438 -14.95 1.23 41.00
N LYS D 439 -13.87 1.59 41.68
CA LYS D 439 -13.82 1.45 43.13
C LYS D 439 -14.82 2.42 43.79
N LEU D 440 -14.91 3.64 43.25
CA LEU D 440 -15.91 4.58 43.75
C LEU D 440 -17.31 4.08 43.44
N GLN D 441 -17.46 3.52 42.24
CA GLN D 441 -18.73 2.96 41.79
C GLN D 441 -19.21 1.85 42.73
N ASP D 442 -18.29 0.98 43.13
CA ASP D 442 -18.59 -0.09 44.07
C ASP D 442 -19.08 0.42 45.43
N LYS D 443 -18.92 1.71 45.68
CA LYS D 443 -19.39 2.29 46.94
C LYS D 443 -20.60 3.18 46.71
N ASP D 444 -21.25 3.01 45.57
CA ASP D 444 -22.37 3.86 45.14
C ASP D 444 -21.98 5.34 45.06
N ILE D 445 -20.77 5.61 44.55
CA ILE D 445 -20.34 6.98 44.33
C ILE D 445 -20.14 7.21 42.85
N TRP D 446 -20.97 8.09 42.28
CA TRP D 446 -20.82 8.52 40.90
C TRP D 446 -19.93 9.76 40.88
N SER D 447 -18.62 9.55 40.71
CA SER D 447 -17.71 10.68 40.57
C SER D 447 -17.71 11.16 39.12
N ARG D 448 -18.24 12.35 38.89
CA ARG D 448 -18.48 12.80 37.51
C ARG D 448 -18.14 14.29 37.35
N GLY D 449 -17.68 14.64 36.15
CA GLY D 449 -17.40 16.03 35.82
C GLY D 449 -16.02 16.26 35.23
N ARG D 450 -15.67 17.53 35.03
CA ARG D 450 -14.40 17.83 34.41
C ARG D 450 -13.24 17.33 35.25
N PHE D 451 -13.35 17.44 36.57
CA PHE D 451 -12.35 16.80 37.44
C PHE D 451 -12.99 15.72 38.31
N GLY D 452 -14.31 15.62 38.22
CA GLY D 452 -15.03 14.51 38.80
C GLY D 452 -14.67 13.21 38.10
N SER D 453 -14.66 13.20 36.77
CA SER D 453 -14.29 12.01 36.00
C SER D 453 -13.11 12.24 35.05
N TRP D 454 -12.60 13.48 35.01
CA TRP D 454 -11.26 13.79 34.49
C TRP D 454 -11.02 13.55 33.01
N ARG D 455 -12.06 13.65 32.17
CA ARG D 455 -11.89 13.41 30.74
C ARG D 455 -12.20 14.65 29.91
N TYR D 456 -11.14 15.27 29.40
CA TYR D 456 -11.26 16.54 28.68
C TYR D 456 -12.17 16.46 27.44
N GLU D 457 -12.13 15.35 26.71
CA GLU D 457 -12.94 15.20 25.50
C GLU D 457 -14.44 15.26 25.80
N VAL D 458 -14.81 15.03 27.06
CA VAL D 458 -16.16 15.36 27.52
C VAL D 458 -16.05 16.33 28.69
N GLY D 459 -15.23 17.36 28.49
CA GLY D 459 -14.96 18.33 29.54
C GLY D 459 -15.60 19.69 29.40
N ASN D 460 -16.45 19.88 28.40
CA ASN D 460 -17.11 21.20 28.21
C ASN D 460 -18.35 21.36 29.07
N GLN D 461 -18.98 22.52 28.98
CA GLN D 461 -20.17 22.82 29.76
C GLN D 461 -21.32 21.85 29.49
N ASP D 462 -21.55 21.52 28.22
CA ASP D 462 -22.65 20.64 27.88
C ASP D 462 -22.33 19.21 28.33
N HIS D 463 -21.12 18.77 28.05
CA HIS D 463 -20.65 17.46 28.50
C HIS D 463 -20.80 17.30 30.01
N SER D 464 -20.33 18.32 30.73
CA SER D 464 -20.33 18.31 32.19
C SER D 464 -21.75 18.22 32.71
N PHE D 465 -22.60 19.14 32.25
CA PHE D 465 -24.03 19.12 32.58
C PHE D 465 -24.61 17.71 32.38
N MET D 466 -24.31 17.11 31.24
CA MET D 466 -24.93 15.83 30.88
C MET D 466 -24.34 14.68 31.67
N LEU D 467 -23.11 14.81 32.13
CA LEU D 467 -22.55 13.77 32.98
C LEU D 467 -23.38 13.67 34.26
N GLY D 468 -23.84 14.81 34.75
CA GLY D 468 -24.70 14.84 35.92
C GLY D 468 -26.08 14.31 35.60
N VAL D 469 -26.60 14.72 34.45
CA VAL D 469 -27.92 14.28 34.01
C VAL D 469 -27.95 12.77 33.82
N GLU D 470 -26.98 12.24 33.08
CA GLU D 470 -26.88 10.82 32.81
C GLU D 470 -26.56 10.00 34.05
N ALA D 471 -25.81 10.58 34.98
CA ALA D 471 -25.57 9.94 36.27
C ALA D 471 -26.88 9.67 37.00
N VAL D 472 -27.72 10.69 37.09
CA VAL D 472 -28.99 10.59 37.77
C VAL D 472 -29.88 9.57 37.06
N ASP D 473 -29.86 9.65 35.72
CA ASP D 473 -30.67 8.75 34.90
C ASP D 473 -30.22 7.31 35.08
N ASN D 474 -28.91 7.13 35.25
CA ASN D 474 -28.37 5.81 35.52
C ASN D 474 -28.85 5.31 36.87
N ILE D 475 -28.85 6.22 37.84
CA ILE D 475 -29.24 5.89 39.20
C ILE D 475 -30.72 5.55 39.30
N VAL D 476 -31.55 6.32 38.59
CA VAL D 476 -32.99 6.17 38.72
C VAL D 476 -33.61 5.26 37.67
N ASN D 477 -33.25 5.48 36.40
CA ASN D 477 -33.93 4.83 35.27
C ASN D 477 -33.06 3.81 34.53
N GLY D 478 -31.87 3.52 35.06
CA GLY D 478 -30.99 2.52 34.46
C GLY D 478 -30.40 2.91 33.11
N ALA D 479 -30.30 4.21 32.86
CA ALA D 479 -29.82 4.68 31.57
C ALA D 479 -28.33 4.35 31.42
N VAL D 480 -27.87 4.23 30.18
CA VAL D 480 -26.44 4.09 29.93
C VAL D 480 -25.75 5.44 30.12
N GLU D 481 -24.63 5.48 30.83
CA GLU D 481 -23.87 6.73 30.92
C GLU D 481 -22.99 6.89 29.69
N LEU D 482 -23.60 7.39 28.61
CA LEU D 482 -22.98 7.44 27.31
C LEU D 482 -21.83 8.44 27.28
N THR D 483 -22.05 9.63 27.84
CA THR D 483 -21.05 10.67 27.81
C THR D 483 -19.79 10.26 28.59
N LEU D 484 -19.98 9.58 29.72
CA LEU D 484 -18.84 9.13 30.52
C LEU D 484 -18.01 8.10 29.78
N ASN D 485 -18.68 7.06 29.28
CA ASN D 485 -18.03 5.90 28.70
C ASN D 485 -17.75 5.94 27.21
N TYR D 486 -18.53 6.73 26.46
CA TYR D 486 -18.37 6.74 25.00
C TYR D 486 -18.37 8.15 24.40
N PRO D 487 -17.28 8.91 24.65
CA PRO D 487 -17.19 10.29 24.20
C PRO D 487 -17.35 10.45 22.68
N ASP D 488 -16.73 9.56 21.91
CA ASP D 488 -16.86 9.59 20.45
C ASP D 488 -18.33 9.45 20.04
N PHE D 489 -19.05 8.66 20.82
CA PHE D 489 -20.45 8.40 20.50
C PHE D 489 -21.27 9.67 20.68
N VAL D 490 -21.19 10.30 21.84
CA VAL D 490 -22.04 11.47 22.08
C VAL D 490 -21.56 12.68 21.27
N ASN D 491 -20.27 12.80 21.02
CA ASN D 491 -19.77 13.96 20.27
C ASN D 491 -20.02 13.84 18.78
N GLY D 492 -20.41 12.66 18.32
CA GLY D 492 -20.57 12.43 16.90
C GLY D 492 -22.01 12.34 16.43
N ARG D 493 -22.96 12.69 17.29
CA ARG D 493 -24.38 12.52 16.97
C ARG D 493 -25.20 13.66 17.55
N GLN D 494 -26.46 13.76 17.14
CA GLN D 494 -27.38 14.71 17.77
C GLN D 494 -28.10 14.02 18.92
N ASN D 495 -27.83 14.47 20.14
CA ASN D 495 -28.46 13.89 21.30
C ASN D 495 -29.76 14.62 21.63
N THR D 496 -30.82 14.13 21.00
CA THR D 496 -32.10 14.81 20.95
C THR D 496 -33.21 14.10 21.71
N GLU D 497 -32.94 12.89 22.20
CA GLU D 497 -33.97 12.07 22.81
C GLU D 497 -34.38 12.59 24.17
N ARG D 498 -33.41 12.91 25.02
CA ARG D 498 -33.73 13.31 26.37
C ARG D 498 -34.10 14.80 26.43
N ARG D 499 -35.29 15.09 26.95
CA ARG D 499 -35.79 16.47 27.00
C ARG D 499 -36.12 16.91 28.43
N LEU D 500 -36.27 18.21 28.64
CA LEU D 500 -36.59 18.75 29.97
C LEU D 500 -38.04 18.43 30.35
N VAL D 501 -38.84 18.14 29.32
CA VAL D 501 -40.16 17.53 29.52
C VAL D 501 -40.22 16.24 28.70
N ASP D 502 -40.22 15.11 29.39
CA ASP D 502 -40.33 13.80 28.74
C ASP D 502 -41.74 13.28 28.89
N GLY D 503 -42.02 12.16 28.23
CA GLY D 503 -43.33 11.52 28.33
C GLY D 503 -43.77 11.31 29.76
N ALA D 504 -42.82 10.94 30.62
CA ALA D 504 -43.11 10.69 32.02
C ALA D 504 -43.88 11.85 32.65
N GLN D 505 -43.41 13.07 32.43
CA GLN D 505 -44.08 14.23 33.00
C GLN D 505 -45.36 14.58 32.21
N VAL D 506 -45.33 14.42 30.90
CA VAL D 506 -46.53 14.66 30.09
C VAL D 506 -47.68 13.77 30.54
N PHE D 507 -47.43 12.47 30.70
CA PHE D 507 -48.47 11.51 31.09
C PHE D 507 -48.95 11.68 32.52
N ALA D 508 -48.02 12.01 33.43
CA ALA D 508 -48.38 12.10 34.84
C ALA D 508 -49.27 13.31 35.10
N LYS D 509 -49.06 14.36 34.30
CA LYS D 509 -49.82 15.60 34.40
C LYS D 509 -51.17 15.57 33.66
N SER D 510 -51.65 14.38 33.34
CA SER D 510 -52.90 14.24 32.59
C SER D 510 -53.76 13.08 33.12
#